data_3F1B
# 
_entry.id   3F1B 
# 
_audit_conform.dict_name       mmcif_pdbx.dic 
_audit_conform.dict_version    5.398 
_audit_conform.dict_location   http://mmcif.pdb.org/dictionaries/ascii/mmcif_pdbx.dic 
# 
loop_
_database_2.database_id 
_database_2.database_code 
_database_2.pdbx_database_accession 
_database_2.pdbx_DOI 
PDB   3F1B         pdb_00003f1b 10.2210/pdb3f1b/pdb 
RCSB  RCSB050021   ?            ?                   
WWPDB D_1000050021 ?            ?                   
# 
loop_
_pdbx_audit_revision_history.ordinal 
_pdbx_audit_revision_history.data_content_type 
_pdbx_audit_revision_history.major_revision 
_pdbx_audit_revision_history.minor_revision 
_pdbx_audit_revision_history.revision_date 
1 'Structure model' 1 0 2008-11-18 
2 'Structure model' 1 1 2011-07-13 
3 'Structure model' 1 2 2023-12-27 
4 'Structure model' 1 3 2024-11-13 
# 
_pdbx_audit_revision_details.ordinal             1 
_pdbx_audit_revision_details.revision_ordinal    1 
_pdbx_audit_revision_details.data_content_type   'Structure model' 
_pdbx_audit_revision_details.provider            repository 
_pdbx_audit_revision_details.type                'Initial release' 
_pdbx_audit_revision_details.description         ? 
_pdbx_audit_revision_details.details             ? 
# 
loop_
_pdbx_audit_revision_group.ordinal 
_pdbx_audit_revision_group.revision_ordinal 
_pdbx_audit_revision_group.data_content_type 
_pdbx_audit_revision_group.group 
1 2 'Structure model' Advisory                    
2 2 'Structure model' 'Refinement description'    
3 2 'Structure model' 'Source and taxonomy'       
4 2 'Structure model' 'Version format compliance' 
5 3 'Structure model' 'Data collection'           
6 3 'Structure model' 'Database references'       
7 3 'Structure model' 'Derived calculations'      
8 4 'Structure model' 'Structure summary'         
# 
loop_
_pdbx_audit_revision_category.ordinal 
_pdbx_audit_revision_category.revision_ordinal 
_pdbx_audit_revision_category.data_content_type 
_pdbx_audit_revision_category.category 
1 3 'Structure model' chem_comp_atom            
2 3 'Structure model' chem_comp_bond            
3 3 'Structure model' database_2                
4 3 'Structure model' struct_conn               
5 3 'Structure model' struct_site               
6 4 'Structure model' pdbx_entry_details        
7 4 'Structure model' pdbx_modification_feature 
# 
loop_
_pdbx_audit_revision_item.ordinal 
_pdbx_audit_revision_item.revision_ordinal 
_pdbx_audit_revision_item.data_content_type 
_pdbx_audit_revision_item.item 
1 3 'Structure model' '_database_2.pdbx_DOI'                
2 3 'Structure model' '_database_2.pdbx_database_accession' 
3 3 'Structure model' '_struct_conn.pdbx_leaving_atom_flag' 
4 3 'Structure model' '_struct_site.pdbx_auth_asym_id'      
5 3 'Structure model' '_struct_site.pdbx_auth_comp_id'      
6 3 'Structure model' '_struct_site.pdbx_auth_seq_id'       
# 
_pdbx_database_status.status_code                     REL 
_pdbx_database_status.entry_id                        3F1B 
_pdbx_database_status.recvd_initial_deposition_date   2008-10-27 
_pdbx_database_status.deposit_site                    RCSB 
_pdbx_database_status.process_site                    RCSB 
_pdbx_database_status.status_code_sf                  REL 
_pdbx_database_status.status_code_mr                  ? 
_pdbx_database_status.SG_entry                        Y 
_pdbx_database_status.pdb_format_compatible           Y 
_pdbx_database_status.status_code_cs                  ? 
_pdbx_database_status.status_code_nmr_data            ? 
_pdbx_database_status.methods_development_category    ? 
# 
_pdbx_database_related.db_name        TargetDB 
_pdbx_database_related.db_id          APC5888 
_pdbx_database_related.details        . 
_pdbx_database_related.content_type   unspecified 
# 
loop_
_audit_author.name 
_audit_author.pdbx_ordinal 
'Tan, K.'                                       1 
'Evdokimova, E.'                                2 
'Kudritska, M.'                                 3 
'Savchenko, A.'                                 4 
'Edwards, A.'                                   5 
'Joachimiak, A.'                                6 
'Midwest Center for Structural Genomics (MCSG)' 7 
# 
_citation.id                        primary 
_citation.title                     'The crystal structure of a TetR-like transcriptional regulator from Rhodococcus sp. RHA1.' 
_citation.journal_abbrev            'To be Published' 
_citation.journal_volume            ? 
_citation.page_first                ? 
_citation.page_last                 ? 
_citation.year                      ? 
_citation.journal_id_ASTM           ? 
_citation.country                   ? 
_citation.journal_id_ISSN           ? 
_citation.journal_id_CSD            0353 
_citation.book_publisher            ? 
_citation.pdbx_database_id_PubMed   ? 
_citation.pdbx_database_id_DOI      ? 
# 
loop_
_citation_author.citation_id 
_citation_author.name 
_citation_author.ordinal 
_citation_author.identifier_ORCID 
primary 'Tan, K.'        1 ? 
primary 'Evdokimova, E.' 2 ? 
primary 'Kudritska, M.'  3 ? 
primary 'Savchenko, A.'  4 ? 
primary 'Edwards, A.'    5 ? 
primary 'Joachimiak, A.' 6 ? 
# 
loop_
_entity.id 
_entity.type 
_entity.src_method 
_entity.pdbx_description 
_entity.formula_weight 
_entity.pdbx_number_of_molecules 
_entity.pdbx_ec 
_entity.pdbx_mutation 
_entity.pdbx_fragment 
_entity.details 
1 polymer     man 'TetR-like transcriptional regulator' 22296.434 1 ? ? ? ? 
2 non-polymer syn 'SULFATE ION'                         96.063    3 ? ? ? ? 
3 non-polymer syn 1,2-ETHANEDIOL                        62.068    1 ? ? ? ? 
# 
_entity_poly.entity_id                      1 
_entity_poly.type                           'polypeptide(L)' 
_entity_poly.nstd_linkage                   no 
_entity_poly.nstd_monomer                   yes 
_entity_poly.pdbx_seq_one_letter_code       
;GH(MSE)AGGTKRLPRAVREQQ(MSE)LDAAVDVFSDRGFHETS(MSE)DAIAAKAEISKP(MSE)LYLYYGSKDELFAA
CIQREGLRFVEALAPAGDPGLSPREQLRRALEGFLGFVGKHRKSW(MSE)VLYRQA(MSE)GQQAFVGSVQSSRDRLIEL
TAHLLESSTKDPEPGQDFELIAIALVGAGEAVADRVAGGEIEVDAAADLLESLAWRGLAGKKKPEGS
;
_entity_poly.pdbx_seq_one_letter_code_can   
;GHMAGGTKRLPRAVREQQMLDAAVDVFSDRGFHETSMDAIAAKAEISKPMLYLYYGSKDELFAACIQREGLRFVEALAPA
GDPGLSPREQLRRALEGFLGFVGKHRKSWMVLYRQAMGQQAFVGSVQSSRDRLIELTAHLLESSTKDPEPGQDFELIAIA
LVGAGEAVADRVAGGEIEVDAAADLLESLAWRGLAGKKKPEGS
;
_entity_poly.pdbx_strand_id                 A 
_entity_poly.pdbx_target_identifier         APC5888 
# 
loop_
_pdbx_entity_nonpoly.entity_id 
_pdbx_entity_nonpoly.name 
_pdbx_entity_nonpoly.comp_id 
2 'SULFATE ION'  SO4 
3 1,2-ETHANEDIOL EDO 
# 
loop_
_entity_poly_seq.entity_id 
_entity_poly_seq.num 
_entity_poly_seq.mon_id 
_entity_poly_seq.hetero 
1 1   GLY n 
1 2   HIS n 
1 3   MSE n 
1 4   ALA n 
1 5   GLY n 
1 6   GLY n 
1 7   THR n 
1 8   LYS n 
1 9   ARG n 
1 10  LEU n 
1 11  PRO n 
1 12  ARG n 
1 13  ALA n 
1 14  VAL n 
1 15  ARG n 
1 16  GLU n 
1 17  GLN n 
1 18  GLN n 
1 19  MSE n 
1 20  LEU n 
1 21  ASP n 
1 22  ALA n 
1 23  ALA n 
1 24  VAL n 
1 25  ASP n 
1 26  VAL n 
1 27  PHE n 
1 28  SER n 
1 29  ASP n 
1 30  ARG n 
1 31  GLY n 
1 32  PHE n 
1 33  HIS n 
1 34  GLU n 
1 35  THR n 
1 36  SER n 
1 37  MSE n 
1 38  ASP n 
1 39  ALA n 
1 40  ILE n 
1 41  ALA n 
1 42  ALA n 
1 43  LYS n 
1 44  ALA n 
1 45  GLU n 
1 46  ILE n 
1 47  SER n 
1 48  LYS n 
1 49  PRO n 
1 50  MSE n 
1 51  LEU n 
1 52  TYR n 
1 53  LEU n 
1 54  TYR n 
1 55  TYR n 
1 56  GLY n 
1 57  SER n 
1 58  LYS n 
1 59  ASP n 
1 60  GLU n 
1 61  LEU n 
1 62  PHE n 
1 63  ALA n 
1 64  ALA n 
1 65  CYS n 
1 66  ILE n 
1 67  GLN n 
1 68  ARG n 
1 69  GLU n 
1 70  GLY n 
1 71  LEU n 
1 72  ARG n 
1 73  PHE n 
1 74  VAL n 
1 75  GLU n 
1 76  ALA n 
1 77  LEU n 
1 78  ALA n 
1 79  PRO n 
1 80  ALA n 
1 81  GLY n 
1 82  ASP n 
1 83  PRO n 
1 84  GLY n 
1 85  LEU n 
1 86  SER n 
1 87  PRO n 
1 88  ARG n 
1 89  GLU n 
1 90  GLN n 
1 91  LEU n 
1 92  ARG n 
1 93  ARG n 
1 94  ALA n 
1 95  LEU n 
1 96  GLU n 
1 97  GLY n 
1 98  PHE n 
1 99  LEU n 
1 100 GLY n 
1 101 PHE n 
1 102 VAL n 
1 103 GLY n 
1 104 LYS n 
1 105 HIS n 
1 106 ARG n 
1 107 LYS n 
1 108 SER n 
1 109 TRP n 
1 110 MSE n 
1 111 VAL n 
1 112 LEU n 
1 113 TYR n 
1 114 ARG n 
1 115 GLN n 
1 116 ALA n 
1 117 MSE n 
1 118 GLY n 
1 119 GLN n 
1 120 GLN n 
1 121 ALA n 
1 122 PHE n 
1 123 VAL n 
1 124 GLY n 
1 125 SER n 
1 126 VAL n 
1 127 GLN n 
1 128 SER n 
1 129 SER n 
1 130 ARG n 
1 131 ASP n 
1 132 ARG n 
1 133 LEU n 
1 134 ILE n 
1 135 GLU n 
1 136 LEU n 
1 137 THR n 
1 138 ALA n 
1 139 HIS n 
1 140 LEU n 
1 141 LEU n 
1 142 GLU n 
1 143 SER n 
1 144 SER n 
1 145 THR n 
1 146 LYS n 
1 147 ASP n 
1 148 PRO n 
1 149 GLU n 
1 150 PRO n 
1 151 GLY n 
1 152 GLN n 
1 153 ASP n 
1 154 PHE n 
1 155 GLU n 
1 156 LEU n 
1 157 ILE n 
1 158 ALA n 
1 159 ILE n 
1 160 ALA n 
1 161 LEU n 
1 162 VAL n 
1 163 GLY n 
1 164 ALA n 
1 165 GLY n 
1 166 GLU n 
1 167 ALA n 
1 168 VAL n 
1 169 ALA n 
1 170 ASP n 
1 171 ARG n 
1 172 VAL n 
1 173 ALA n 
1 174 GLY n 
1 175 GLY n 
1 176 GLU n 
1 177 ILE n 
1 178 GLU n 
1 179 VAL n 
1 180 ASP n 
1 181 ALA n 
1 182 ALA n 
1 183 ALA n 
1 184 ASP n 
1 185 LEU n 
1 186 LEU n 
1 187 GLU n 
1 188 SER n 
1 189 LEU n 
1 190 ALA n 
1 191 TRP n 
1 192 ARG n 
1 193 GLY n 
1 194 LEU n 
1 195 ALA n 
1 196 GLY n 
1 197 LYS n 
1 198 LYS n 
1 199 LYS n 
1 200 PRO n 
1 201 GLU n 
1 202 GLY n 
1 203 SER n 
# 
_entity_src_gen.entity_id                          1 
_entity_src_gen.pdbx_src_id                        1 
_entity_src_gen.pdbx_alt_source_flag               sample 
_entity_src_gen.pdbx_seq_type                      ? 
_entity_src_gen.pdbx_beg_seq_num                   ? 
_entity_src_gen.pdbx_end_seq_num                   ? 
_entity_src_gen.gene_src_common_name               ? 
_entity_src_gen.gene_src_genus                     ? 
_entity_src_gen.pdbx_gene_src_gene                 'RHA1_ro05197, Rhodococcus' 
_entity_src_gen.gene_src_species                   ? 
_entity_src_gen.gene_src_strain                    'sp. RHA1' 
_entity_src_gen.gene_src_tissue                    ? 
_entity_src_gen.gene_src_tissue_fraction           ? 
_entity_src_gen.gene_src_details                   ? 
_entity_src_gen.pdbx_gene_src_fragment             ? 
_entity_src_gen.pdbx_gene_src_scientific_name      Rhodococcus 
_entity_src_gen.pdbx_gene_src_ncbi_taxonomy_id     101510 
_entity_src_gen.pdbx_gene_src_variant              ? 
_entity_src_gen.pdbx_gene_src_cell_line            ? 
_entity_src_gen.pdbx_gene_src_atcc                 ? 
_entity_src_gen.pdbx_gene_src_organ                ? 
_entity_src_gen.pdbx_gene_src_organelle            ? 
_entity_src_gen.pdbx_gene_src_cell                 ? 
_entity_src_gen.pdbx_gene_src_cellular_location    ? 
_entity_src_gen.host_org_common_name               ? 
_entity_src_gen.pdbx_host_org_scientific_name      'Escherichia coli' 
_entity_src_gen.pdbx_host_org_ncbi_taxonomy_id     ? 
_entity_src_gen.host_org_genus                     ? 
_entity_src_gen.pdbx_host_org_gene                 ? 
_entity_src_gen.pdbx_host_org_organ                ? 
_entity_src_gen.host_org_species                   ? 
_entity_src_gen.pdbx_host_org_tissue               ? 
_entity_src_gen.pdbx_host_org_tissue_fraction      ? 
_entity_src_gen.pdbx_host_org_strain               BL21 
_entity_src_gen.pdbx_host_org_variant              ? 
_entity_src_gen.pdbx_host_org_cell_line            ? 
_entity_src_gen.pdbx_host_org_atcc                 ? 
_entity_src_gen.pdbx_host_org_culture_collection   ? 
_entity_src_gen.pdbx_host_org_cell                 ? 
_entity_src_gen.pdbx_host_org_organelle            ? 
_entity_src_gen.pdbx_host_org_cellular_location    ? 
_entity_src_gen.pdbx_host_org_vector_type          plasmid 
_entity_src_gen.pdbx_host_org_vector               ? 
_entity_src_gen.host_org_details                   ? 
_entity_src_gen.expression_system_id               ? 
_entity_src_gen.plasmid_name                       'p15Tv lic' 
_entity_src_gen.plasmid_details                    ? 
_entity_src_gen.pdbx_description                   ? 
# 
loop_
_chem_comp.id 
_chem_comp.type 
_chem_comp.mon_nstd_flag 
_chem_comp.name 
_chem_comp.pdbx_synonyms 
_chem_comp.formula 
_chem_comp.formula_weight 
ALA 'L-peptide linking' y ALANINE          ?                 'C3 H7 N O2'     89.093  
ARG 'L-peptide linking' y ARGININE         ?                 'C6 H15 N4 O2 1' 175.209 
ASP 'L-peptide linking' y 'ASPARTIC ACID'  ?                 'C4 H7 N O4'     133.103 
CYS 'L-peptide linking' y CYSTEINE         ?                 'C3 H7 N O2 S'   121.158 
EDO non-polymer         . 1,2-ETHANEDIOL   'ETHYLENE GLYCOL' 'C2 H6 O2'       62.068  
GLN 'L-peptide linking' y GLUTAMINE        ?                 'C5 H10 N2 O3'   146.144 
GLU 'L-peptide linking' y 'GLUTAMIC ACID'  ?                 'C5 H9 N O4'     147.129 
GLY 'peptide linking'   y GLYCINE          ?                 'C2 H5 N O2'     75.067  
HIS 'L-peptide linking' y HISTIDINE        ?                 'C6 H10 N3 O2 1' 156.162 
ILE 'L-peptide linking' y ISOLEUCINE       ?                 'C6 H13 N O2'    131.173 
LEU 'L-peptide linking' y LEUCINE          ?                 'C6 H13 N O2'    131.173 
LYS 'L-peptide linking' y LYSINE           ?                 'C6 H15 N2 O2 1' 147.195 
MSE 'L-peptide linking' n SELENOMETHIONINE ?                 'C5 H11 N O2 Se' 196.106 
PHE 'L-peptide linking' y PHENYLALANINE    ?                 'C9 H11 N O2'    165.189 
PRO 'L-peptide linking' y PROLINE          ?                 'C5 H9 N O2'     115.130 
SER 'L-peptide linking' y SERINE           ?                 'C3 H7 N O3'     105.093 
SO4 non-polymer         . 'SULFATE ION'    ?                 'O4 S -2'        96.063  
THR 'L-peptide linking' y THREONINE        ?                 'C4 H9 N O3'     119.119 
TRP 'L-peptide linking' y TRYPTOPHAN       ?                 'C11 H12 N2 O2'  204.225 
TYR 'L-peptide linking' y TYROSINE         ?                 'C9 H11 N O3'    181.189 
VAL 'L-peptide linking' y VALINE           ?                 'C5 H11 N O2'    117.146 
# 
loop_
_pdbx_poly_seq_scheme.asym_id 
_pdbx_poly_seq_scheme.entity_id 
_pdbx_poly_seq_scheme.seq_id 
_pdbx_poly_seq_scheme.mon_id 
_pdbx_poly_seq_scheme.ndb_seq_num 
_pdbx_poly_seq_scheme.pdb_seq_num 
_pdbx_poly_seq_scheme.auth_seq_num 
_pdbx_poly_seq_scheme.pdb_mon_id 
_pdbx_poly_seq_scheme.auth_mon_id 
_pdbx_poly_seq_scheme.pdb_strand_id 
_pdbx_poly_seq_scheme.pdb_ins_code 
_pdbx_poly_seq_scheme.hetero 
A 1 1   GLY 1   -1  ?   ?   ?   A . n 
A 1 2   HIS 2   0   ?   ?   ?   A . n 
A 1 3   MSE 3   1   ?   ?   ?   A . n 
A 1 4   ALA 4   2   ?   ?   ?   A . n 
A 1 5   GLY 5   3   ?   ?   ?   A . n 
A 1 6   GLY 6   4   ?   ?   ?   A . n 
A 1 7   THR 7   5   ?   ?   ?   A . n 
A 1 8   LYS 8   6   ?   ?   ?   A . n 
A 1 9   ARG 9   7   7   ARG ARG A . n 
A 1 10  LEU 10  8   8   LEU LEU A . n 
A 1 11  PRO 11  9   9   PRO PRO A . n 
A 1 12  ARG 12  10  10  ARG ARG A . n 
A 1 13  ALA 13  11  11  ALA ALA A . n 
A 1 14  VAL 14  12  12  VAL VAL A . n 
A 1 15  ARG 15  13  13  ARG ARG A . n 
A 1 16  GLU 16  14  14  GLU GLU A . n 
A 1 17  GLN 17  15  15  GLN GLN A . n 
A 1 18  GLN 18  16  16  GLN GLN A . n 
A 1 19  MSE 19  17  17  MSE MSE A . n 
A 1 20  LEU 20  18  18  LEU LEU A . n 
A 1 21  ASP 21  19  19  ASP ASP A . n 
A 1 22  ALA 22  20  20  ALA ALA A . n 
A 1 23  ALA 23  21  21  ALA ALA A . n 
A 1 24  VAL 24  22  22  VAL VAL A . n 
A 1 25  ASP 25  23  23  ASP ASP A . n 
A 1 26  VAL 26  24  24  VAL VAL A . n 
A 1 27  PHE 27  25  25  PHE PHE A . n 
A 1 28  SER 28  26  26  SER SER A . n 
A 1 29  ASP 29  27  27  ASP ASP A . n 
A 1 30  ARG 30  28  28  ARG ARG A . n 
A 1 31  GLY 31  29  29  GLY GLY A . n 
A 1 32  PHE 32  30  30  PHE PHE A . n 
A 1 33  HIS 33  31  31  HIS HIS A . n 
A 1 34  GLU 34  32  32  GLU GLU A . n 
A 1 35  THR 35  33  33  THR THR A . n 
A 1 36  SER 36  34  34  SER SER A . n 
A 1 37  MSE 37  35  35  MSE MSE A . n 
A 1 38  ASP 38  36  36  ASP ASP A . n 
A 1 39  ALA 39  37  37  ALA ALA A . n 
A 1 40  ILE 40  38  38  ILE ILE A . n 
A 1 41  ALA 41  39  39  ALA ALA A . n 
A 1 42  ALA 42  40  40  ALA ALA A . n 
A 1 43  LYS 43  41  41  LYS LYS A . n 
A 1 44  ALA 44  42  42  ALA ALA A . n 
A 1 45  GLU 45  43  43  GLU GLU A . n 
A 1 46  ILE 46  44  44  ILE ILE A . n 
A 1 47  SER 47  45  45  SER SER A . n 
A 1 48  LYS 48  46  46  LYS LYS A . n 
A 1 49  PRO 49  47  47  PRO PRO A . n 
A 1 50  MSE 50  48  48  MSE MSE A . n 
A 1 51  LEU 51  49  49  LEU LEU A . n 
A 1 52  TYR 52  50  50  TYR TYR A . n 
A 1 53  LEU 53  51  51  LEU LEU A . n 
A 1 54  TYR 54  52  52  TYR TYR A . n 
A 1 55  TYR 55  53  53  TYR TYR A . n 
A 1 56  GLY 56  54  54  GLY GLY A . n 
A 1 57  SER 57  55  55  SER SER A . n 
A 1 58  LYS 58  56  56  LYS LYS A . n 
A 1 59  ASP 59  57  57  ASP ASP A . n 
A 1 60  GLU 60  58  58  GLU GLU A . n 
A 1 61  LEU 61  59  59  LEU LEU A . n 
A 1 62  PHE 62  60  60  PHE PHE A . n 
A 1 63  ALA 63  61  61  ALA ALA A . n 
A 1 64  ALA 64  62  62  ALA ALA A . n 
A 1 65  CYS 65  63  63  CYS CYS A . n 
A 1 66  ILE 66  64  64  ILE ILE A . n 
A 1 67  GLN 67  65  65  GLN GLN A . n 
A 1 68  ARG 68  66  66  ARG ARG A . n 
A 1 69  GLU 69  67  67  GLU GLU A . n 
A 1 70  GLY 70  68  68  GLY GLY A . n 
A 1 71  LEU 71  69  69  LEU LEU A . n 
A 1 72  ARG 72  70  70  ARG ARG A . n 
A 1 73  PHE 73  71  71  PHE PHE A . n 
A 1 74  VAL 74  72  72  VAL VAL A . n 
A 1 75  GLU 75  73  73  GLU GLU A . n 
A 1 76  ALA 76  74  74  ALA ALA A . n 
A 1 77  LEU 77  75  75  LEU LEU A . n 
A 1 78  ALA 78  76  76  ALA ALA A . n 
A 1 79  PRO 79  77  77  PRO PRO A . n 
A 1 80  ALA 80  78  78  ALA ALA A . n 
A 1 81  GLY 81  79  79  GLY GLY A . n 
A 1 82  ASP 82  80  80  ASP ASP A . n 
A 1 83  PRO 83  81  81  PRO PRO A . n 
A 1 84  GLY 84  82  82  GLY GLY A . n 
A 1 85  LEU 85  83  83  LEU LEU A . n 
A 1 86  SER 86  84  84  SER SER A . n 
A 1 87  PRO 87  85  85  PRO PRO A . n 
A 1 88  ARG 88  86  86  ARG ARG A . n 
A 1 89  GLU 89  87  87  GLU GLU A . n 
A 1 90  GLN 90  88  88  GLN GLN A . n 
A 1 91  LEU 91  89  89  LEU LEU A . n 
A 1 92  ARG 92  90  90  ARG ARG A . n 
A 1 93  ARG 93  91  91  ARG ARG A . n 
A 1 94  ALA 94  92  92  ALA ALA A . n 
A 1 95  LEU 95  93  93  LEU LEU A . n 
A 1 96  GLU 96  94  94  GLU GLU A . n 
A 1 97  GLY 97  95  95  GLY GLY A . n 
A 1 98  PHE 98  96  96  PHE PHE A . n 
A 1 99  LEU 99  97  97  LEU LEU A . n 
A 1 100 GLY 100 98  98  GLY GLY A . n 
A 1 101 PHE 101 99  99  PHE PHE A . n 
A 1 102 VAL 102 100 100 VAL VAL A . n 
A 1 103 GLY 103 101 101 GLY GLY A . n 
A 1 104 LYS 104 102 102 LYS LYS A . n 
A 1 105 HIS 105 103 103 HIS HIS A . n 
A 1 106 ARG 106 104 104 ARG ARG A . n 
A 1 107 LYS 107 105 105 LYS LYS A . n 
A 1 108 SER 108 106 106 SER SER A . n 
A 1 109 TRP 109 107 107 TRP TRP A . n 
A 1 110 MSE 110 108 108 MSE MSE A . n 
A 1 111 VAL 111 109 109 VAL VAL A . n 
A 1 112 LEU 112 110 110 LEU LEU A . n 
A 1 113 TYR 113 111 111 TYR TYR A . n 
A 1 114 ARG 114 112 112 ARG ARG A . n 
A 1 115 GLN 115 113 113 GLN GLN A . n 
A 1 116 ALA 116 114 114 ALA ALA A . n 
A 1 117 MSE 117 115 115 MSE MSE A . n 
A 1 118 GLY 118 116 ?   ?   ?   A . n 
A 1 119 GLN 119 117 117 GLN GLN A . n 
A 1 120 GLN 120 118 118 GLN GLN A . n 
A 1 121 ALA 121 119 119 ALA ALA A . n 
A 1 122 PHE 122 120 120 PHE PHE A . n 
A 1 123 VAL 123 121 121 VAL VAL A . n 
A 1 124 GLY 124 122 122 GLY GLY A . n 
A 1 125 SER 125 123 123 SER SER A . n 
A 1 126 VAL 126 124 124 VAL VAL A . n 
A 1 127 GLN 127 125 125 GLN GLN A . n 
A 1 128 SER 128 126 126 SER SER A . n 
A 1 129 SER 129 127 127 SER SER A . n 
A 1 130 ARG 130 128 128 ARG ARG A . n 
A 1 131 ASP 131 129 129 ASP ASP A . n 
A 1 132 ARG 132 130 130 ARG ARG A . n 
A 1 133 LEU 133 131 131 LEU LEU A . n 
A 1 134 ILE 134 132 132 ILE ILE A . n 
A 1 135 GLU 135 133 133 GLU GLU A . n 
A 1 136 LEU 136 134 134 LEU LEU A . n 
A 1 137 THR 137 135 135 THR THR A . n 
A 1 138 ALA 138 136 136 ALA ALA A . n 
A 1 139 HIS 139 137 137 HIS HIS A . n 
A 1 140 LEU 140 138 138 LEU LEU A . n 
A 1 141 LEU 141 139 139 LEU LEU A . n 
A 1 142 GLU 142 140 140 GLU GLU A . n 
A 1 143 SER 143 141 141 SER SER A . n 
A 1 144 SER 144 142 142 SER SER A . n 
A 1 145 THR 145 143 143 THR THR A . n 
A 1 146 LYS 146 144 144 LYS LYS A . n 
A 1 147 ASP 147 145 ?   ?   ?   A . n 
A 1 148 PRO 148 146 ?   ?   ?   A . n 
A 1 149 GLU 149 147 ?   ?   ?   A . n 
A 1 150 PRO 150 148 ?   ?   ?   A . n 
A 1 151 GLY 151 149 ?   ?   ?   A . n 
A 1 152 GLN 152 150 150 GLN GLN A . n 
A 1 153 ASP 153 151 151 ASP ASP A . n 
A 1 154 PHE 154 152 152 PHE PHE A . n 
A 1 155 GLU 155 153 153 GLU GLU A . n 
A 1 156 LEU 156 154 154 LEU LEU A . n 
A 1 157 ILE 157 155 155 ILE ILE A . n 
A 1 158 ALA 158 156 156 ALA ALA A . n 
A 1 159 ILE 159 157 157 ILE ILE A . n 
A 1 160 ALA 160 158 158 ALA ALA A . n 
A 1 161 LEU 161 159 159 LEU LEU A . n 
A 1 162 VAL 162 160 160 VAL VAL A . n 
A 1 163 GLY 163 161 161 GLY GLY A . n 
A 1 164 ALA 164 162 162 ALA ALA A . n 
A 1 165 GLY 165 163 163 GLY GLY A . n 
A 1 166 GLU 166 164 164 GLU GLU A . n 
A 1 167 ALA 167 165 165 ALA ALA A . n 
A 1 168 VAL 168 166 166 VAL VAL A . n 
A 1 169 ALA 169 167 167 ALA ALA A . n 
A 1 170 ASP 170 168 168 ASP ASP A . n 
A 1 171 ARG 171 169 169 ARG ARG A . n 
A 1 172 VAL 172 170 170 VAL VAL A . n 
A 1 173 ALA 173 171 171 ALA ALA A . n 
A 1 174 GLY 174 172 172 GLY GLY A . n 
A 1 175 GLY 175 173 173 GLY GLY A . n 
A 1 176 GLU 176 174 174 GLU GLU A . n 
A 1 177 ILE 177 175 175 ILE ILE A . n 
A 1 178 GLU 178 176 176 GLU GLU A . n 
A 1 179 VAL 179 177 177 VAL VAL A . n 
A 1 180 ASP 180 178 178 ASP ASP A . n 
A 1 181 ALA 181 179 179 ALA ALA A . n 
A 1 182 ALA 182 180 180 ALA ALA A . n 
A 1 183 ALA 183 181 181 ALA ALA A . n 
A 1 184 ASP 184 182 182 ASP ASP A . n 
A 1 185 LEU 185 183 183 LEU LEU A . n 
A 1 186 LEU 186 184 184 LEU LEU A . n 
A 1 187 GLU 187 185 185 GLU GLU A . n 
A 1 188 SER 188 186 186 SER SER A . n 
A 1 189 LEU 189 187 187 LEU LEU A . n 
A 1 190 ALA 190 188 188 ALA ALA A . n 
A 1 191 TRP 191 189 189 TRP TRP A . n 
A 1 192 ARG 192 190 190 ARG ARG A . n 
A 1 193 GLY 193 191 191 GLY GLY A . n 
A 1 194 LEU 194 192 192 LEU LEU A . n 
A 1 195 ALA 195 193 193 ALA ALA A . n 
A 1 196 GLY 196 194 194 GLY GLY A . n 
A 1 197 LYS 197 195 195 LYS LYS A . n 
A 1 198 LYS 198 196 ?   ?   ?   A . n 
A 1 199 LYS 199 197 ?   ?   ?   A . n 
A 1 200 PRO 200 198 ?   ?   ?   A . n 
A 1 201 GLU 201 199 ?   ?   ?   A . n 
A 1 202 GLY 202 200 ?   ?   ?   A . n 
A 1 203 SER 203 201 ?   ?   ?   A . n 
# 
loop_
_pdbx_nonpoly_scheme.asym_id 
_pdbx_nonpoly_scheme.entity_id 
_pdbx_nonpoly_scheme.mon_id 
_pdbx_nonpoly_scheme.ndb_seq_num 
_pdbx_nonpoly_scheme.pdb_seq_num 
_pdbx_nonpoly_scheme.auth_seq_num 
_pdbx_nonpoly_scheme.pdb_mon_id 
_pdbx_nonpoly_scheme.auth_mon_id 
_pdbx_nonpoly_scheme.pdb_strand_id 
_pdbx_nonpoly_scheme.pdb_ins_code 
B 2 SO4 1 202 1 SO4 SO4 A . 
C 2 SO4 1 203 2 SO4 SO4 A . 
D 2 SO4 1 204 3 SO4 SO4 A . 
E 3 EDO 1 205 1 EDO EDO A . 
# 
loop_
_pdbx_unobs_or_zero_occ_atoms.id 
_pdbx_unobs_or_zero_occ_atoms.PDB_model_num 
_pdbx_unobs_or_zero_occ_atoms.polymer_flag 
_pdbx_unobs_or_zero_occ_atoms.occupancy_flag 
_pdbx_unobs_or_zero_occ_atoms.auth_asym_id 
_pdbx_unobs_or_zero_occ_atoms.auth_comp_id 
_pdbx_unobs_or_zero_occ_atoms.auth_seq_id 
_pdbx_unobs_or_zero_occ_atoms.PDB_ins_code 
_pdbx_unobs_or_zero_occ_atoms.auth_atom_id 
_pdbx_unobs_or_zero_occ_atoms.label_alt_id 
_pdbx_unobs_or_zero_occ_atoms.label_asym_id 
_pdbx_unobs_or_zero_occ_atoms.label_comp_id 
_pdbx_unobs_or_zero_occ_atoms.label_seq_id 
_pdbx_unobs_or_zero_occ_atoms.label_atom_id 
1  1 Y 1 A GLN 113 ? CG  ? A GLN 115 CG  
2  1 Y 1 A GLN 113 ? CD  ? A GLN 115 CD  
3  1 Y 1 A GLN 113 ? OE1 ? A GLN 115 OE1 
4  1 Y 1 A GLN 113 ? NE2 ? A GLN 115 NE2 
5  1 Y 1 A GLN 117 ? CG  ? A GLN 119 CG  
6  1 Y 1 A GLN 117 ? CD  ? A GLN 119 CD  
7  1 Y 1 A GLN 117 ? OE1 ? A GLN 119 OE1 
8  1 Y 1 A GLN 117 ? NE2 ? A GLN 119 NE2 
9  1 Y 1 A GLN 118 ? CG  ? A GLN 120 CG  
10 1 Y 1 A GLN 118 ? CD  ? A GLN 120 CD  
11 1 Y 1 A GLN 118 ? OE1 ? A GLN 120 OE1 
12 1 Y 1 A GLN 118 ? NE2 ? A GLN 120 NE2 
13 1 Y 1 A PHE 120 ? CG  ? A PHE 122 CG  
14 1 Y 1 A PHE 120 ? CD1 ? A PHE 122 CD1 
15 1 Y 1 A PHE 120 ? CD2 ? A PHE 122 CD2 
16 1 Y 1 A PHE 120 ? CE1 ? A PHE 122 CE1 
17 1 Y 1 A PHE 120 ? CE2 ? A PHE 122 CE2 
18 1 Y 1 A PHE 120 ? CZ  ? A PHE 122 CZ  
19 1 Y 1 A VAL 121 ? CG1 ? A VAL 123 CG1 
20 1 Y 1 A VAL 121 ? CG2 ? A VAL 123 CG2 
# 
loop_
_software.name 
_software.classification 
_software.version 
_software.citation_id 
_software.pdbx_ordinal 
SBC-Collect 'data collection' .        ? 1  
SHELXD      phasing           .        ? 2  
MLPHARE     phasing           .        ? 3  
DM          'model building'  .        ? 4  
RESOLVE     'model building'  .        ? 5  
HKL-3000    phasing           .        ? 6  
REFMAC      refinement        5.5.0054 ? 7  
HKL-3000    'data reduction'  .        ? 8  
HKL-3000    'data scaling'    .        ? 9  
DM          phasing           .        ? 10 
RESOLVE     phasing           .        ? 11 
# 
_cell.entry_id           3F1B 
_cell.length_a           53.991 
_cell.length_b           53.991 
_cell.length_c           129.589 
_cell.angle_alpha        90.00 
_cell.angle_beta         90.00 
_cell.angle_gamma        90.00 
_cell.Z_PDB              8 
_cell.pdbx_unique_axis   ? 
_cell.length_a_esd       ? 
_cell.length_b_esd       ? 
_cell.length_c_esd       ? 
_cell.angle_alpha_esd    ? 
_cell.angle_beta_esd     ? 
_cell.angle_gamma_esd    ? 
# 
_symmetry.entry_id                         3F1B 
_symmetry.space_group_name_H-M             'P 41 21 2' 
_symmetry.pdbx_full_space_group_name_H-M   ? 
_symmetry.cell_setting                     ? 
_symmetry.Int_Tables_number                92 
_symmetry.space_group_name_Hall            ? 
# 
_exptl.entry_id          3F1B 
_exptl.method            'X-RAY DIFFRACTION' 
_exptl.crystals_number   1 
# 
_exptl_crystal.id                    1 
_exptl_crystal.density_meas          ? 
_exptl_crystal.density_Matthews      2.12 
_exptl_crystal.density_percent_sol   41.92 
_exptl_crystal.description           ? 
_exptl_crystal.F_000                 ? 
_exptl_crystal.preparation           ? 
# 
_exptl_crystal_grow.crystal_id      1 
_exptl_crystal_grow.method          'VAPOR DIFFUSION, HANGING DROP' 
_exptl_crystal_grow.temp            293 
_exptl_crystal_grow.temp_details    ? 
_exptl_crystal_grow.pH              7.5 
_exptl_crystal_grow.pdbx_details    
'2M Ammonium Sulphate, 0.1M HEPES, 2% MPD, 5mM TCEP, pH 7.5, VAPOR DIFFUSION, HANGING DROP, temperature 293K' 
_exptl_crystal_grow.pdbx_pH_range   ? 
# 
_diffrn.id                     1 
_diffrn.ambient_temp           100 
_diffrn.ambient_temp_details   ? 
_diffrn.crystal_id             1 
# 
_diffrn_detector.diffrn_id              1 
_diffrn_detector.detector               CCD 
_diffrn_detector.type                   'ADSC QUANTUM 315' 
_diffrn_detector.pdbx_collection_date   2008-06-12 
_diffrn_detector.details                mirror 
# 
_diffrn_radiation.diffrn_id                        1 
_diffrn_radiation.wavelength_id                    1 
_diffrn_radiation.pdbx_monochromatic_or_laue_m_l   M 
_diffrn_radiation.monochromator                    'Si crystal 111' 
_diffrn_radiation.pdbx_diffrn_protocol             'SINGLE WAVELENGTH' 
_diffrn_radiation.pdbx_scattering_type             x-ray 
# 
_diffrn_radiation_wavelength.id           1 
_diffrn_radiation_wavelength.wavelength   0.97929 
_diffrn_radiation_wavelength.wt           1.0 
# 
_diffrn_source.diffrn_id                   1 
_diffrn_source.source                      SYNCHROTRON 
_diffrn_source.type                        'APS BEAMLINE 19-ID' 
_diffrn_source.pdbx_synchrotron_site       APS 
_diffrn_source.pdbx_synchrotron_beamline   19-ID 
_diffrn_source.pdbx_wavelength             0.97929 
_diffrn_source.pdbx_wavelength_list        ? 
# 
_reflns.entry_id                     3F1B 
_reflns.observed_criterion_sigma_I   0 
_reflns.observed_criterion_sigma_F   0 
_reflns.d_resolution_low             28.6 
_reflns.d_resolution_high            2.4 
_reflns.number_obs                   8086 
_reflns.number_all                   8086 
_reflns.percent_possible_obs         99.7 
_reflns.pdbx_Rmerge_I_obs            0.067 
_reflns.pdbx_Rsym_value              ? 
_reflns.pdbx_netI_over_sigmaI        48.2 
_reflns.B_iso_Wilson_estimate        ? 
_reflns.pdbx_redundancy              7.4 
_reflns.R_free_details               ? 
_reflns.limit_h_max                  ? 
_reflns.limit_h_min                  ? 
_reflns.limit_k_max                  ? 
_reflns.limit_k_min                  ? 
_reflns.limit_l_max                  ? 
_reflns.limit_l_min                  ? 
_reflns.observed_criterion_F_max     ? 
_reflns.observed_criterion_F_min     ? 
_reflns.pdbx_chi_squared             ? 
_reflns.pdbx_scaling_rejects         ? 
_reflns.pdbx_ordinal                 1 
_reflns.pdbx_diffrn_id               1 
# 
_reflns_shell.d_res_high             2.4 
_reflns_shell.d_res_low              2.44 
_reflns_shell.percent_possible_all   99.5 
_reflns_shell.Rmerge_I_obs           0.795 
_reflns_shell.pdbx_Rsym_value        ? 
_reflns_shell.meanI_over_sigI_obs    2.1 
_reflns_shell.pdbx_redundancy        6.4 
_reflns_shell.percent_possible_obs   ? 
_reflns_shell.number_unique_all      396 
_reflns_shell.number_measured_all    ? 
_reflns_shell.number_measured_obs    ? 
_reflns_shell.number_unique_obs      ? 
_reflns_shell.pdbx_chi_squared       ? 
_reflns_shell.pdbx_ordinal           1 
_reflns_shell.pdbx_diffrn_id         1 
# 
_refine.entry_id                                 3F1B 
_refine.ls_number_reflns_obs                     7655 
_refine.ls_number_reflns_all                     7655 
_refine.pdbx_ls_sigma_I                          0 
_refine.pdbx_ls_sigma_F                          0 
_refine.pdbx_data_cutoff_high_absF               ? 
_refine.pdbx_data_cutoff_low_absF                ? 
_refine.pdbx_data_cutoff_high_rms_absF           ? 
_refine.ls_d_res_low                             28.6 
_refine.ls_d_res_high                            2.40 
_refine.ls_percent_reflns_obs                    99.76 
_refine.ls_R_factor_obs                          0.22731 
_refine.ls_R_factor_all                          0.22731 
_refine.ls_R_factor_R_work                       0.22482 
_refine.ls_R_factor_R_free                       0.27839 
_refine.ls_R_factor_R_free_error                 ? 
_refine.ls_R_factor_R_free_error_details         ? 
_refine.ls_percent_reflns_R_free                 4.6 
_refine.ls_number_reflns_R_free                  372 
_refine.ls_number_parameters                     ? 
_refine.ls_number_restraints                     ? 
_refine.occupancy_min                            ? 
_refine.occupancy_max                            ? 
_refine.correlation_coeff_Fo_to_Fc               0.951 
_refine.correlation_coeff_Fo_to_Fc_free          0.920 
_refine.B_iso_mean                               55.597 
_refine.aniso_B[1][1]                            -0.05 
_refine.aniso_B[2][2]                            -0.05 
_refine.aniso_B[3][3]                            0.10 
_refine.aniso_B[1][2]                            0.00 
_refine.aniso_B[1][3]                            0.00 
_refine.aniso_B[2][3]                            0.00 
_refine.solvent_model_details                    MASK 
_refine.solvent_model_param_ksol                 ? 
_refine.solvent_model_param_bsol                 ? 
_refine.pdbx_solvent_vdw_probe_radii             1.20 
_refine.pdbx_solvent_ion_probe_radii             0.80 
_refine.pdbx_solvent_shrinkage_radii             0.80 
_refine.pdbx_ls_cross_valid_method               THROUGHOUT 
_refine.details                                  'HYDROGENS HAVE BEEN ADDED IN THE RIDING POSITIONS' 
_refine.pdbx_starting_model                      ? 
_refine.pdbx_method_to_determine_struct          SAD 
_refine.pdbx_isotropic_thermal_model             ? 
_refine.pdbx_stereochemistry_target_values       'MAXIMUM LIKELIHOOD' 
_refine.pdbx_stereochem_target_val_spec_case     ? 
_refine.pdbx_R_Free_selection_details            RANDOM 
_refine.pdbx_overall_ESU_R                       0.459 
_refine.pdbx_overall_ESU_R_Free                  0.292 
_refine.overall_SU_ML                            0.230 
_refine.overall_SU_B                             22.187 
_refine.ls_redundancy_reflns_obs                 ? 
_refine.B_iso_min                                ? 
_refine.B_iso_max                                ? 
_refine.overall_SU_R_Cruickshank_DPI             ? 
_refine.overall_SU_R_free                        ? 
_refine.ls_wR_factor_R_free                      ? 
_refine.ls_wR_factor_R_work                      ? 
_refine.overall_FOM_free_R_set                   ? 
_refine.overall_FOM_work_R_set                   ? 
_refine.pdbx_overall_phase_error                 ? 
_refine.pdbx_refine_id                           'X-RAY DIFFRACTION' 
_refine.pdbx_TLS_residual_ADP_flag               'LIKELY RESIDUAL' 
_refine.pdbx_diffrn_id                           1 
_refine.pdbx_overall_SU_R_free_Cruickshank_DPI   ? 
_refine.pdbx_overall_SU_R_Blow_DPI               ? 
_refine.pdbx_overall_SU_R_free_Blow_DPI          ? 
# 
_refine_hist.pdbx_refine_id                   'X-RAY DIFFRACTION' 
_refine_hist.cycle_id                         LAST 
_refine_hist.pdbx_number_atoms_protein        1391 
_refine_hist.pdbx_number_atoms_nucleic_acid   0 
_refine_hist.pdbx_number_atoms_ligand         19 
_refine_hist.number_atoms_solvent             0 
_refine_hist.number_atoms_total               1410 
_refine_hist.d_res_high                       2.40 
_refine_hist.d_res_low                        28.6 
# 
loop_
_refine_ls_restr.type 
_refine_ls_restr.dev_ideal 
_refine_ls_restr.dev_ideal_target 
_refine_ls_restr.weight 
_refine_ls_restr.number 
_refine_ls_restr.pdbx_refine_id 
_refine_ls_restr.pdbx_restraint_function 
r_bond_refined_d             0.017  0.022  ? 1426 'X-RAY DIFFRACTION' ? 
r_bond_other_d               ?      ?      ? ?    'X-RAY DIFFRACTION' ? 
r_angle_refined_deg          1.730  1.983  ? 1918 'X-RAY DIFFRACTION' ? 
r_angle_other_deg            ?      ?      ? ?    'X-RAY DIFFRACTION' ? 
r_dihedral_angle_1_deg       6.706  5.000  ? 180  'X-RAY DIFFRACTION' ? 
r_dihedral_angle_2_deg       33.640 22.698 ? 63   'X-RAY DIFFRACTION' ? 
r_dihedral_angle_3_deg       23.267 15.000 ? 242  'X-RAY DIFFRACTION' ? 
r_dihedral_angle_4_deg       20.008 15.000 ? 15   'X-RAY DIFFRACTION' ? 
r_chiral_restr               0.129  0.200  ? 211  'X-RAY DIFFRACTION' ? 
r_gen_planes_refined         0.007  0.021  ? 1062 'X-RAY DIFFRACTION' ? 
r_gen_planes_other           ?      ?      ? ?    'X-RAY DIFFRACTION' ? 
r_nbd_refined                ?      ?      ? ?    'X-RAY DIFFRACTION' ? 
r_nbd_other                  ?      ?      ? ?    'X-RAY DIFFRACTION' ? 
r_nbtor_refined              ?      ?      ? ?    'X-RAY DIFFRACTION' ? 
r_nbtor_other                ?      ?      ? ?    'X-RAY DIFFRACTION' ? 
r_xyhbond_nbd_refined        ?      ?      ? ?    'X-RAY DIFFRACTION' ? 
r_xyhbond_nbd_other          ?      ?      ? ?    'X-RAY DIFFRACTION' ? 
r_metal_ion_refined          ?      ?      ? ?    'X-RAY DIFFRACTION' ? 
r_metal_ion_other            ?      ?      ? ?    'X-RAY DIFFRACTION' ? 
r_symmetry_vdw_refined       ?      ?      ? ?    'X-RAY DIFFRACTION' ? 
r_symmetry_vdw_other         ?      ?      ? ?    'X-RAY DIFFRACTION' ? 
r_symmetry_hbond_refined     ?      ?      ? ?    'X-RAY DIFFRACTION' ? 
r_symmetry_hbond_other       ?      ?      ? ?    'X-RAY DIFFRACTION' ? 
r_symmetry_metal_ion_refined ?      ?      ? ?    'X-RAY DIFFRACTION' ? 
r_symmetry_metal_ion_other   ?      ?      ? ?    'X-RAY DIFFRACTION' ? 
r_mcbond_it                  0.833  1.500  ? 902  'X-RAY DIFFRACTION' ? 
r_mcbond_other               ?      ?      ? ?    'X-RAY DIFFRACTION' ? 
r_mcangle_it                 1.608  2.000  ? 1414 'X-RAY DIFFRACTION' ? 
r_scbond_it                  2.635  3.000  ? 524  'X-RAY DIFFRACTION' ? 
r_scangle_it                 4.244  4.500  ? 504  'X-RAY DIFFRACTION' ? 
r_rigid_bond_restr           ?      ?      ? ?    'X-RAY DIFFRACTION' ? 
r_sphericity_free            ?      ?      ? ?    'X-RAY DIFFRACTION' ? 
r_sphericity_bonded          ?      ?      ? ?    'X-RAY DIFFRACTION' ? 
# 
_refine_ls_shell.pdbx_total_number_of_bins_used   20 
_refine_ls_shell.d_res_high                       2.400 
_refine_ls_shell.d_res_low                        2.462 
_refine_ls_shell.number_reflns_R_work             572 
_refine_ls_shell.R_factor_R_work                  0.247 
_refine_ls_shell.percent_reflns_obs               99.50 
_refine_ls_shell.R_factor_R_free                  0.231 
_refine_ls_shell.R_factor_R_free_error            ? 
_refine_ls_shell.percent_reflns_R_free            ? 
_refine_ls_shell.number_reflns_R_free             27 
_refine_ls_shell.number_reflns_all                ? 
_refine_ls_shell.R_factor_all                     ? 
_refine_ls_shell.number_reflns_obs                599 
_refine_ls_shell.redundancy_reflns_obs            ? 
_refine_ls_shell.pdbx_refine_id                   'X-RAY DIFFRACTION' 
# 
_struct.entry_id                  3F1B 
_struct.title                     'The crystal structure of a TetR-like transcriptional regulator from Rhodococcus sp. RHA1.' 
_struct.pdbx_model_details        ? 
_struct.pdbx_CASP_flag            ? 
_struct.pdbx_model_type_details   ? 
# 
_struct_keywords.entry_id        3F1B 
_struct_keywords.pdbx_keywords   'transcription regulator' 
_struct_keywords.text            
;APC5888, TetR, Rhodococcus sp. RHA1, structural genomics, PSI-2, protein structure initiative, midwest center for structural genomics, MCSG, DNA-binding, Transcription, Transcription regulation, transcription regulator
;
# 
loop_
_struct_asym.id 
_struct_asym.pdbx_blank_PDB_chainid_flag 
_struct_asym.pdbx_modified 
_struct_asym.entity_id 
_struct_asym.details 
A N N 1 ? 
B N N 2 ? 
C N N 2 ? 
D N N 2 ? 
E N N 3 ? 
# 
_struct_ref.id                         1 
_struct_ref.db_name                    UNP 
_struct_ref.db_code                    Q0S658_RHOSR 
_struct_ref.pdbx_db_accession          Q0S658 
_struct_ref.entity_id                  1 
_struct_ref.pdbx_seq_one_letter_code   
;MAGGTKRLPRAVREQQMLDAAVDVFSDRGFHETSMDAIAAKAEISKPMLYLYYGSKDELFAACIQREGLRFVEALAPAGD
PGLSPREQLRRALEGFLGFVGKHRKSWMVLYRQAMGQQAFVGSVQSSRDRLIELTAHLLESSTKDPEPGQDFELIAIALV
GAGEAVADRVAGGEIEVDAAADLLESLAWRGLAGKKKPE
;
_struct_ref.pdbx_align_begin           1 
_struct_ref.pdbx_db_isoform            ? 
# 
_struct_ref_seq.align_id                      1 
_struct_ref_seq.ref_id                        1 
_struct_ref_seq.pdbx_PDB_id_code              3F1B 
_struct_ref_seq.pdbx_strand_id                A 
_struct_ref_seq.seq_align_beg                 3 
_struct_ref_seq.pdbx_seq_align_beg_ins_code   ? 
_struct_ref_seq.seq_align_end                 201 
_struct_ref_seq.pdbx_seq_align_end_ins_code   ? 
_struct_ref_seq.pdbx_db_accession             Q0S658 
_struct_ref_seq.db_align_beg                  1 
_struct_ref_seq.pdbx_db_align_beg_ins_code    ? 
_struct_ref_seq.db_align_end                  199 
_struct_ref_seq.pdbx_db_align_end_ins_code    ? 
_struct_ref_seq.pdbx_auth_seq_align_beg       1 
_struct_ref_seq.pdbx_auth_seq_align_end       199 
# 
loop_
_struct_ref_seq_dif.align_id 
_struct_ref_seq_dif.pdbx_pdb_id_code 
_struct_ref_seq_dif.mon_id 
_struct_ref_seq_dif.pdbx_pdb_strand_id 
_struct_ref_seq_dif.seq_num 
_struct_ref_seq_dif.pdbx_pdb_ins_code 
_struct_ref_seq_dif.pdbx_seq_db_name 
_struct_ref_seq_dif.pdbx_seq_db_accession_code 
_struct_ref_seq_dif.db_mon_id 
_struct_ref_seq_dif.pdbx_seq_db_seq_num 
_struct_ref_seq_dif.details 
_struct_ref_seq_dif.pdbx_auth_seq_num 
_struct_ref_seq_dif.pdbx_ordinal 
1 3F1B GLY A 1   ? UNP Q0S658 ? ? 'expression tag' -1  1 
1 3F1B HIS A 2   ? UNP Q0S658 ? ? 'expression tag' 0   2 
1 3F1B GLY A 202 ? UNP Q0S658 ? ? 'expression tag' 200 3 
1 3F1B SER A 203 ? UNP Q0S658 ? ? 'expression tag' 201 4 
# 
_pdbx_struct_assembly.id                   1 
_pdbx_struct_assembly.details              software_defined_assembly 
_pdbx_struct_assembly.method_details       PISA 
_pdbx_struct_assembly.oligomeric_details   dimeric 
_pdbx_struct_assembly.oligomeric_count     2 
# 
loop_
_pdbx_struct_assembly_prop.biol_id 
_pdbx_struct_assembly_prop.type 
_pdbx_struct_assembly_prop.value 
_pdbx_struct_assembly_prop.details 
1 'ABSA (A^2)' 4010  ? 
1 MORE         -80   ? 
1 'SSA (A^2)'  17690 ? 
# 
_pdbx_struct_assembly_gen.assembly_id       1 
_pdbx_struct_assembly_gen.oper_expression   1,2 
_pdbx_struct_assembly_gen.asym_id_list      A,B,C,D,E 
# 
loop_
_pdbx_struct_oper_list.id 
_pdbx_struct_oper_list.type 
_pdbx_struct_oper_list.name 
_pdbx_struct_oper_list.symmetry_operation 
_pdbx_struct_oper_list.matrix[1][1] 
_pdbx_struct_oper_list.matrix[1][2] 
_pdbx_struct_oper_list.matrix[1][3] 
_pdbx_struct_oper_list.vector[1] 
_pdbx_struct_oper_list.matrix[2][1] 
_pdbx_struct_oper_list.matrix[2][2] 
_pdbx_struct_oper_list.matrix[2][3] 
_pdbx_struct_oper_list.vector[2] 
_pdbx_struct_oper_list.matrix[3][1] 
_pdbx_struct_oper_list.matrix[3][2] 
_pdbx_struct_oper_list.matrix[3][3] 
_pdbx_struct_oper_list.vector[3] 
1 'identity operation'         1_555 x,y,z    1.0000000000 0.0000000000 0.0000000000 0.0000000000  0.0000000000 1.0000000000  0.0000000000 0.0000000000  0.0000000000 0.0000000000 1.0000000000  0.0000000000   
2 'crystal symmetry operation' 7_556 y,x,-z+1 0.4157136280 0.9084981371 0.0425830284 -7.0862335252 0.9084981371 -0.4169944763 0.0273265731 11.9179960599 0.0425830284 0.0273265731 -0.9987191518 -18.6787994024 
# 
_struct_biol.id        1 
_struct_biol.details   
'Experimentally unknown. It is predicted that the Chain A and its symmetry-related molecule (Y, 1+X, 1-Z) forms a dimer.' 
# 
loop_
_struct_conf.conf_type_id 
_struct_conf.id 
_struct_conf.pdbx_PDB_helix_id 
_struct_conf.beg_label_comp_id 
_struct_conf.beg_label_asym_id 
_struct_conf.beg_label_seq_id 
_struct_conf.pdbx_beg_PDB_ins_code 
_struct_conf.end_label_comp_id 
_struct_conf.end_label_asym_id 
_struct_conf.end_label_seq_id 
_struct_conf.pdbx_end_PDB_ins_code 
_struct_conf.beg_auth_comp_id 
_struct_conf.beg_auth_asym_id 
_struct_conf.beg_auth_seq_id 
_struct_conf.end_auth_comp_id 
_struct_conf.end_auth_asym_id 
_struct_conf.end_auth_seq_id 
_struct_conf.pdbx_PDB_helix_class 
_struct_conf.details 
_struct_conf.pdbx_PDB_helix_length 
HELX_P HELX_P1  1  PRO A 11  ? GLY A 31  ? PRO A 9   GLY A 29  1 ? 21 
HELX_P HELX_P2  2  SER A 36  ? ALA A 44  ? SER A 34  ALA A 42  1 ? 9  
HELX_P HELX_P3  3  SER A 47  ? TYR A 55  ? SER A 45  TYR A 53  1 ? 9  
HELX_P HELX_P4  4  SER A 57  ? ALA A 78  ? SER A 55  ALA A 76  1 ? 22 
HELX_P HELX_P5  5  PRO A 79  ? ASP A 82  ? PRO A 77  ASP A 80  5 ? 4  
HELX_P HELX_P6  6  SER A 86  ? HIS A 105 ? SER A 84  HIS A 103 1 ? 20 
HELX_P HELX_P7  7  HIS A 105 ? ALA A 116 ? HIS A 103 ALA A 114 1 ? 12 
HELX_P HELX_P8  8  SER A 125 ? SER A 144 ? SER A 123 SER A 142 1 ? 20 
HELX_P HELX_P9  9  GLN A 152 ? GLY A 174 ? GLN A 150 GLY A 172 1 ? 23 
HELX_P HELX_P10 10 GLU A 178 ? LYS A 197 ? GLU A 176 LYS A 195 1 ? 20 
# 
_struct_conf_type.id          HELX_P 
_struct_conf_type.criteria    ? 
_struct_conf_type.reference   ? 
# 
loop_
_struct_conn.id 
_struct_conn.conn_type_id 
_struct_conn.pdbx_leaving_atom_flag 
_struct_conn.pdbx_PDB_id 
_struct_conn.ptnr1_label_asym_id 
_struct_conn.ptnr1_label_comp_id 
_struct_conn.ptnr1_label_seq_id 
_struct_conn.ptnr1_label_atom_id 
_struct_conn.pdbx_ptnr1_label_alt_id 
_struct_conn.pdbx_ptnr1_PDB_ins_code 
_struct_conn.pdbx_ptnr1_standard_comp_id 
_struct_conn.ptnr1_symmetry 
_struct_conn.ptnr2_label_asym_id 
_struct_conn.ptnr2_label_comp_id 
_struct_conn.ptnr2_label_seq_id 
_struct_conn.ptnr2_label_atom_id 
_struct_conn.pdbx_ptnr2_label_alt_id 
_struct_conn.pdbx_ptnr2_PDB_ins_code 
_struct_conn.ptnr1_auth_asym_id 
_struct_conn.ptnr1_auth_comp_id 
_struct_conn.ptnr1_auth_seq_id 
_struct_conn.ptnr2_auth_asym_id 
_struct_conn.ptnr2_auth_comp_id 
_struct_conn.ptnr2_auth_seq_id 
_struct_conn.ptnr2_symmetry 
_struct_conn.pdbx_ptnr3_label_atom_id 
_struct_conn.pdbx_ptnr3_label_seq_id 
_struct_conn.pdbx_ptnr3_label_comp_id 
_struct_conn.pdbx_ptnr3_label_asym_id 
_struct_conn.pdbx_ptnr3_label_alt_id 
_struct_conn.pdbx_ptnr3_PDB_ins_code 
_struct_conn.details 
_struct_conn.pdbx_dist_value 
_struct_conn.pdbx_value_order 
_struct_conn.pdbx_role 
covale1 covale both ? A GLN 18  C ? ? ? 1_555 A MSE 19  N ? ? A GLN 16  A MSE 17  1_555 ? ? ? ? ? ? ? 1.334 ? ? 
covale2 covale both ? A MSE 19  C ? ? ? 1_555 A LEU 20  N ? ? A MSE 17  A LEU 18  1_555 ? ? ? ? ? ? ? 1.317 ? ? 
covale3 covale both ? A SER 36  C ? ? ? 1_555 A MSE 37  N ? ? A SER 34  A MSE 35  1_555 ? ? ? ? ? ? ? 1.324 ? ? 
covale4 covale both ? A MSE 37  C ? ? ? 1_555 A ASP 38  N ? ? A MSE 35  A ASP 36  1_555 ? ? ? ? ? ? ? 1.321 ? ? 
covale5 covale both ? A PRO 49  C ? ? ? 1_555 A MSE 50  N ? ? A PRO 47  A MSE 48  1_555 ? ? ? ? ? ? ? 1.336 ? ? 
covale6 covale both ? A MSE 50  C ? ? ? 1_555 A LEU 51  N ? ? A MSE 48  A LEU 49  1_555 ? ? ? ? ? ? ? 1.337 ? ? 
covale7 covale both ? A TRP 109 C ? ? ? 1_555 A MSE 110 N ? ? A TRP 107 A MSE 108 1_555 ? ? ? ? ? ? ? 1.327 ? ? 
covale8 covale both ? A MSE 110 C ? ? ? 1_555 A VAL 111 N ? ? A MSE 108 A VAL 109 1_555 ? ? ? ? ? ? ? 1.345 ? ? 
covale9 covale both ? A ALA 116 C ? ? ? 1_555 A MSE 117 N ? ? A ALA 114 A MSE 115 1_555 ? ? ? ? ? ? ? 1.333 ? ? 
# 
_struct_conn_type.id          covale 
_struct_conn_type.criteria    ? 
_struct_conn_type.reference   ? 
# 
loop_
_pdbx_modification_feature.ordinal 
_pdbx_modification_feature.label_comp_id 
_pdbx_modification_feature.label_asym_id 
_pdbx_modification_feature.label_seq_id 
_pdbx_modification_feature.label_alt_id 
_pdbx_modification_feature.modified_residue_label_comp_id 
_pdbx_modification_feature.modified_residue_label_asym_id 
_pdbx_modification_feature.modified_residue_label_seq_id 
_pdbx_modification_feature.modified_residue_label_alt_id 
_pdbx_modification_feature.auth_comp_id 
_pdbx_modification_feature.auth_asym_id 
_pdbx_modification_feature.auth_seq_id 
_pdbx_modification_feature.PDB_ins_code 
_pdbx_modification_feature.symmetry 
_pdbx_modification_feature.modified_residue_auth_comp_id 
_pdbx_modification_feature.modified_residue_auth_asym_id 
_pdbx_modification_feature.modified_residue_auth_seq_id 
_pdbx_modification_feature.modified_residue_PDB_ins_code 
_pdbx_modification_feature.modified_residue_symmetry 
_pdbx_modification_feature.comp_id_linking_atom 
_pdbx_modification_feature.modified_residue_id_linking_atom 
_pdbx_modification_feature.modified_residue_id 
_pdbx_modification_feature.ref_pcm_id 
_pdbx_modification_feature.ref_comp_id 
_pdbx_modification_feature.type 
_pdbx_modification_feature.category 
1 MSE A 19  ? . . . . MSE A 17  ? 1_555 . . . . . . . MET 1 MSE Selenomethionine 'Named protein modification' 
2 MSE A 37  ? . . . . MSE A 35  ? 1_555 . . . . . . . MET 1 MSE Selenomethionine 'Named protein modification' 
3 MSE A 50  ? . . . . MSE A 48  ? 1_555 . . . . . . . MET 1 MSE Selenomethionine 'Named protein modification' 
4 MSE A 110 ? . . . . MSE A 108 ? 1_555 . . . . . . . MET 1 MSE Selenomethionine 'Named protein modification' 
5 MSE A 117 ? . . . . MSE A 115 ? 1_555 . . . . . . . MET 1 MSE Selenomethionine 'Named protein modification' 
# 
loop_
_struct_site.id 
_struct_site.pdbx_evidence_code 
_struct_site.pdbx_auth_asym_id 
_struct_site.pdbx_auth_comp_id 
_struct_site.pdbx_auth_seq_id 
_struct_site.pdbx_auth_ins_code 
_struct_site.pdbx_num_residues 
_struct_site.details 
AC1 Software A SO4 202 ? 2 'BINDING SITE FOR RESIDUE SO4 A 202' 
AC2 Software A SO4 203 ? 5 'BINDING SITE FOR RESIDUE SO4 A 203' 
AC3 Software A SO4 204 ? 2 'BINDING SITE FOR RESIDUE SO4 A 204' 
AC4 Software A EDO 205 ? 3 'BINDING SITE FOR RESIDUE EDO A 205' 
# 
loop_
_struct_site_gen.id 
_struct_site_gen.site_id 
_struct_site_gen.pdbx_num_res 
_struct_site_gen.label_comp_id 
_struct_site_gen.label_asym_id 
_struct_site_gen.label_seq_id 
_struct_site_gen.pdbx_auth_ins_code 
_struct_site_gen.auth_comp_id 
_struct_site_gen.auth_asym_id 
_struct_site_gen.auth_seq_id 
_struct_site_gen.label_atom_id 
_struct_site_gen.label_alt_id 
_struct_site_gen.symmetry 
_struct_site_gen.details 
1  AC1 2 ARG A 132 ? ARG A 130 . ? 1_555 ? 
2  AC1 2 HIS A 139 ? HIS A 137 . ? 1_555 ? 
3  AC2 5 SER A 36  ? SER A 34  . ? 1_555 ? 
4  AC2 5 MSE A 37  ? MSE A 35  . ? 1_555 ? 
5  AC2 5 ASP A 38  ? ASP A 36  . ? 1_555 ? 
6  AC2 5 LYS A 48  ? LYS A 46  . ? 1_555 ? 
7  AC2 5 TYR A 52  ? TYR A 50  . ? 1_555 ? 
8  AC3 2 LYS A 104 ? LYS A 102 . ? 1_555 ? 
9  AC3 2 HIS A 105 ? HIS A 103 . ? 1_555 ? 
10 AC4 3 ARG A 30  ? ARG A 28  . ? 1_555 ? 
11 AC4 3 SER A 36  ? SER A 34  . ? 1_555 ? 
12 AC4 3 ASP A 38  ? ASP A 36  . ? 1_555 ? 
# 
_pdbx_entry_details.entry_id                   3F1B 
_pdbx_entry_details.compound_details           ? 
_pdbx_entry_details.source_details             ? 
_pdbx_entry_details.nonpolymer_details         ? 
_pdbx_entry_details.sequence_details           ? 
_pdbx_entry_details.has_ligand_of_interest     ? 
_pdbx_entry_details.has_protein_modification   Y 
# 
loop_
_pdbx_validate_torsion.id 
_pdbx_validate_torsion.PDB_model_num 
_pdbx_validate_torsion.auth_comp_id 
_pdbx_validate_torsion.auth_asym_id 
_pdbx_validate_torsion.auth_seq_id 
_pdbx_validate_torsion.PDB_ins_code 
_pdbx_validate_torsion.label_alt_id 
_pdbx_validate_torsion.phi 
_pdbx_validate_torsion.psi 
1 1 LEU A 8   ? ? 63.65  86.30   
2 1 PRO A 9   ? ? -72.46 -119.93 
3 1 ARG A 10  ? ? -62.90 -111.48 
4 1 ALA A 11  ? ? -66.50 7.33    
5 1 ARG A 112 ? ? -55.95 -72.19  
6 1 GLN A 113 ? ? -29.43 -51.21  
7 1 ALA A 114 ? ? -49.28 158.77  
8 1 SER A 141 ? ? -45.68 -18.82  
9 1 SER A 142 ? ? -80.03 -113.40 
# 
_pdbx_SG_project.id                    1 
_pdbx_SG_project.project_name          'PSI, Protein Structure Initiative' 
_pdbx_SG_project.full_name_of_center   'Midwest Center for Structural Genomics' 
_pdbx_SG_project.initial_of_center     MCSG 
# 
loop_
_pdbx_struct_mod_residue.id 
_pdbx_struct_mod_residue.label_asym_id 
_pdbx_struct_mod_residue.label_comp_id 
_pdbx_struct_mod_residue.label_seq_id 
_pdbx_struct_mod_residue.auth_asym_id 
_pdbx_struct_mod_residue.auth_comp_id 
_pdbx_struct_mod_residue.auth_seq_id 
_pdbx_struct_mod_residue.PDB_ins_code 
_pdbx_struct_mod_residue.parent_comp_id 
_pdbx_struct_mod_residue.details 
1 A MSE 19  A MSE 17  ? MET SELENOMETHIONINE 
2 A MSE 37  A MSE 35  ? MET SELENOMETHIONINE 
3 A MSE 50  A MSE 48  ? MET SELENOMETHIONINE 
4 A MSE 110 A MSE 108 ? MET SELENOMETHIONINE 
5 A MSE 117 A MSE 115 ? MET SELENOMETHIONINE 
# 
loop_
_pdbx_refine_tls.pdbx_refine_id 
_pdbx_refine_tls.id 
_pdbx_refine_tls.details 
_pdbx_refine_tls.method 
_pdbx_refine_tls.origin_x 
_pdbx_refine_tls.origin_y 
_pdbx_refine_tls.origin_z 
_pdbx_refine_tls.T[1][1] 
_pdbx_refine_tls.T[2][2] 
_pdbx_refine_tls.T[3][3] 
_pdbx_refine_tls.T[1][2] 
_pdbx_refine_tls.T[1][3] 
_pdbx_refine_tls.T[2][3] 
_pdbx_refine_tls.L[1][1] 
_pdbx_refine_tls.L[2][2] 
_pdbx_refine_tls.L[3][3] 
_pdbx_refine_tls.L[1][2] 
_pdbx_refine_tls.L[1][3] 
_pdbx_refine_tls.L[2][3] 
_pdbx_refine_tls.S[1][1] 
_pdbx_refine_tls.S[2][2] 
_pdbx_refine_tls.S[3][3] 
_pdbx_refine_tls.S[1][2] 
_pdbx_refine_tls.S[1][3] 
_pdbx_refine_tls.S[2][3] 
_pdbx_refine_tls.S[2][1] 
_pdbx_refine_tls.S[3][1] 
_pdbx_refine_tls.S[3][2] 
'X-RAY DIFFRACTION' 1 ? refined 14.7903  11.4639 7.7913  0.0463 0.1450 0.0671 -0.0145 -0.0352 -0.0298 13.6543 9.8663  4.0273  6.5671 1.4045  2.0318  -0.0186 -0.0229 0.0415  -0.8843 0.6899  0.1862  -0.0324 0.0057  0.1677  
'X-RAY DIFFRACTION' 2 ? refined -0.6590  -2.7014 2.2031  0.1936 0.1696 0.1219 0.0240  -0.0613 0.0326  12.0647 5.1076  2.4564  6.3334 0.8889  0.2658  -0.3658 0.2710  0.0949  -0.2102 -0.3842 -0.3627 -0.2318 0.0035  0.0798  
'X-RAY DIFFRACTION' 3 ? refined -2.4827  -8.9697 -9.4746 0.1353 0.1052 0.0260 0.0593  0.0016  -0.0432 13.3919 13.3863 6.3350  6.0693 -0.0634 -0.0710 0.0058  0.2247  -0.2305 0.7599  -0.4297 -0.3741 -0.4943 -0.0379 0.4511  
'X-RAY DIFFRACTION' 4 ? refined -14.1080 -3.6665 -5.3676 0.0723 0.0950 0.0977 0.0157  -0.0223 0.0272  7.6738  8.6072  12.9692 0.4739 0.7674  5.0388  -0.0495 -0.0129 0.0624  0.0669  -0.2738 0.7107  0.0264  0.3465  -0.2072  
# 
loop_
_pdbx_refine_tls_group.pdbx_refine_id 
_pdbx_refine_tls_group.id 
_pdbx_refine_tls_group.refine_tls_id 
_pdbx_refine_tls_group.beg_auth_asym_id 
_pdbx_refine_tls_group.beg_auth_seq_id 
_pdbx_refine_tls_group.end_auth_asym_id 
_pdbx_refine_tls_group.end_auth_seq_id 
_pdbx_refine_tls_group.selection_details 
_pdbx_refine_tls_group.beg_label_asym_id 
_pdbx_refine_tls_group.beg_label_seq_id 
_pdbx_refine_tls_group.end_label_asym_id 
_pdbx_refine_tls_group.end_label_seq_id 
_pdbx_refine_tls_group.selection 
'X-RAY DIFFRACTION' 1 1 A 7   A 55  ? . . . . ? 
'X-RAY DIFFRACTION' 2 2 A 56  A 115 ? . . . . ? 
'X-RAY DIFFRACTION' 3 3 A 117 A 144 ? . . . . ? 
'X-RAY DIFFRACTION' 4 4 A 150 A 195 ? . . . . ? 
# 
loop_
_pdbx_unobs_or_zero_occ_residues.id 
_pdbx_unobs_or_zero_occ_residues.PDB_model_num 
_pdbx_unobs_or_zero_occ_residues.polymer_flag 
_pdbx_unobs_or_zero_occ_residues.occupancy_flag 
_pdbx_unobs_or_zero_occ_residues.auth_asym_id 
_pdbx_unobs_or_zero_occ_residues.auth_comp_id 
_pdbx_unobs_or_zero_occ_residues.auth_seq_id 
_pdbx_unobs_or_zero_occ_residues.PDB_ins_code 
_pdbx_unobs_or_zero_occ_residues.label_asym_id 
_pdbx_unobs_or_zero_occ_residues.label_comp_id 
_pdbx_unobs_or_zero_occ_residues.label_seq_id 
1  1 Y 1 A GLY -1  ? A GLY 1   
2  1 Y 1 A HIS 0   ? A HIS 2   
3  1 Y 1 A MSE 1   ? A MSE 3   
4  1 Y 1 A ALA 2   ? A ALA 4   
5  1 Y 1 A GLY 3   ? A GLY 5   
6  1 Y 1 A GLY 4   ? A GLY 6   
7  1 Y 1 A THR 5   ? A THR 7   
8  1 Y 1 A LYS 6   ? A LYS 8   
9  1 Y 1 A GLY 116 ? A GLY 118 
10 1 Y 1 A ASP 145 ? A ASP 147 
11 1 Y 1 A PRO 146 ? A PRO 148 
12 1 Y 1 A GLU 147 ? A GLU 149 
13 1 Y 1 A PRO 148 ? A PRO 150 
14 1 Y 1 A GLY 149 ? A GLY 151 
15 1 Y 1 A LYS 196 ? A LYS 198 
16 1 Y 1 A LYS 197 ? A LYS 199 
17 1 Y 1 A PRO 198 ? A PRO 200 
18 1 Y 1 A GLU 199 ? A GLU 201 
19 1 Y 1 A GLY 200 ? A GLY 202 
20 1 Y 1 A SER 201 ? A SER 203 
# 
loop_
_chem_comp_atom.comp_id 
_chem_comp_atom.atom_id 
_chem_comp_atom.type_symbol 
_chem_comp_atom.pdbx_aromatic_flag 
_chem_comp_atom.pdbx_stereo_config 
_chem_comp_atom.pdbx_ordinal 
ALA N    N  N N 1   
ALA CA   C  N S 2   
ALA C    C  N N 3   
ALA O    O  N N 4   
ALA CB   C  N N 5   
ALA OXT  O  N N 6   
ALA H    H  N N 7   
ALA H2   H  N N 8   
ALA HA   H  N N 9   
ALA HB1  H  N N 10  
ALA HB2  H  N N 11  
ALA HB3  H  N N 12  
ALA HXT  H  N N 13  
ARG N    N  N N 14  
ARG CA   C  N S 15  
ARG C    C  N N 16  
ARG O    O  N N 17  
ARG CB   C  N N 18  
ARG CG   C  N N 19  
ARG CD   C  N N 20  
ARG NE   N  N N 21  
ARG CZ   C  N N 22  
ARG NH1  N  N N 23  
ARG NH2  N  N N 24  
ARG OXT  O  N N 25  
ARG H    H  N N 26  
ARG H2   H  N N 27  
ARG HA   H  N N 28  
ARG HB2  H  N N 29  
ARG HB3  H  N N 30  
ARG HG2  H  N N 31  
ARG HG3  H  N N 32  
ARG HD2  H  N N 33  
ARG HD3  H  N N 34  
ARG HE   H  N N 35  
ARG HH11 H  N N 36  
ARG HH12 H  N N 37  
ARG HH21 H  N N 38  
ARG HH22 H  N N 39  
ARG HXT  H  N N 40  
ASP N    N  N N 41  
ASP CA   C  N S 42  
ASP C    C  N N 43  
ASP O    O  N N 44  
ASP CB   C  N N 45  
ASP CG   C  N N 46  
ASP OD1  O  N N 47  
ASP OD2  O  N N 48  
ASP OXT  O  N N 49  
ASP H    H  N N 50  
ASP H2   H  N N 51  
ASP HA   H  N N 52  
ASP HB2  H  N N 53  
ASP HB3  H  N N 54  
ASP HD2  H  N N 55  
ASP HXT  H  N N 56  
CYS N    N  N N 57  
CYS CA   C  N R 58  
CYS C    C  N N 59  
CYS O    O  N N 60  
CYS CB   C  N N 61  
CYS SG   S  N N 62  
CYS OXT  O  N N 63  
CYS H    H  N N 64  
CYS H2   H  N N 65  
CYS HA   H  N N 66  
CYS HB2  H  N N 67  
CYS HB3  H  N N 68  
CYS HG   H  N N 69  
CYS HXT  H  N N 70  
EDO C1   C  N N 71  
EDO O1   O  N N 72  
EDO C2   C  N N 73  
EDO O2   O  N N 74  
EDO H11  H  N N 75  
EDO H12  H  N N 76  
EDO HO1  H  N N 77  
EDO H21  H  N N 78  
EDO H22  H  N N 79  
EDO HO2  H  N N 80  
GLN N    N  N N 81  
GLN CA   C  N S 82  
GLN C    C  N N 83  
GLN O    O  N N 84  
GLN CB   C  N N 85  
GLN CG   C  N N 86  
GLN CD   C  N N 87  
GLN OE1  O  N N 88  
GLN NE2  N  N N 89  
GLN OXT  O  N N 90  
GLN H    H  N N 91  
GLN H2   H  N N 92  
GLN HA   H  N N 93  
GLN HB2  H  N N 94  
GLN HB3  H  N N 95  
GLN HG2  H  N N 96  
GLN HG3  H  N N 97  
GLN HE21 H  N N 98  
GLN HE22 H  N N 99  
GLN HXT  H  N N 100 
GLU N    N  N N 101 
GLU CA   C  N S 102 
GLU C    C  N N 103 
GLU O    O  N N 104 
GLU CB   C  N N 105 
GLU CG   C  N N 106 
GLU CD   C  N N 107 
GLU OE1  O  N N 108 
GLU OE2  O  N N 109 
GLU OXT  O  N N 110 
GLU H    H  N N 111 
GLU H2   H  N N 112 
GLU HA   H  N N 113 
GLU HB2  H  N N 114 
GLU HB3  H  N N 115 
GLU HG2  H  N N 116 
GLU HG3  H  N N 117 
GLU HE2  H  N N 118 
GLU HXT  H  N N 119 
GLY N    N  N N 120 
GLY CA   C  N N 121 
GLY C    C  N N 122 
GLY O    O  N N 123 
GLY OXT  O  N N 124 
GLY H    H  N N 125 
GLY H2   H  N N 126 
GLY HA2  H  N N 127 
GLY HA3  H  N N 128 
GLY HXT  H  N N 129 
HIS N    N  N N 130 
HIS CA   C  N S 131 
HIS C    C  N N 132 
HIS O    O  N N 133 
HIS CB   C  N N 134 
HIS CG   C  Y N 135 
HIS ND1  N  Y N 136 
HIS CD2  C  Y N 137 
HIS CE1  C  Y N 138 
HIS NE2  N  Y N 139 
HIS OXT  O  N N 140 
HIS H    H  N N 141 
HIS H2   H  N N 142 
HIS HA   H  N N 143 
HIS HB2  H  N N 144 
HIS HB3  H  N N 145 
HIS HD1  H  N N 146 
HIS HD2  H  N N 147 
HIS HE1  H  N N 148 
HIS HE2  H  N N 149 
HIS HXT  H  N N 150 
ILE N    N  N N 151 
ILE CA   C  N S 152 
ILE C    C  N N 153 
ILE O    O  N N 154 
ILE CB   C  N S 155 
ILE CG1  C  N N 156 
ILE CG2  C  N N 157 
ILE CD1  C  N N 158 
ILE OXT  O  N N 159 
ILE H    H  N N 160 
ILE H2   H  N N 161 
ILE HA   H  N N 162 
ILE HB   H  N N 163 
ILE HG12 H  N N 164 
ILE HG13 H  N N 165 
ILE HG21 H  N N 166 
ILE HG22 H  N N 167 
ILE HG23 H  N N 168 
ILE HD11 H  N N 169 
ILE HD12 H  N N 170 
ILE HD13 H  N N 171 
ILE HXT  H  N N 172 
LEU N    N  N N 173 
LEU CA   C  N S 174 
LEU C    C  N N 175 
LEU O    O  N N 176 
LEU CB   C  N N 177 
LEU CG   C  N N 178 
LEU CD1  C  N N 179 
LEU CD2  C  N N 180 
LEU OXT  O  N N 181 
LEU H    H  N N 182 
LEU H2   H  N N 183 
LEU HA   H  N N 184 
LEU HB2  H  N N 185 
LEU HB3  H  N N 186 
LEU HG   H  N N 187 
LEU HD11 H  N N 188 
LEU HD12 H  N N 189 
LEU HD13 H  N N 190 
LEU HD21 H  N N 191 
LEU HD22 H  N N 192 
LEU HD23 H  N N 193 
LEU HXT  H  N N 194 
LYS N    N  N N 195 
LYS CA   C  N S 196 
LYS C    C  N N 197 
LYS O    O  N N 198 
LYS CB   C  N N 199 
LYS CG   C  N N 200 
LYS CD   C  N N 201 
LYS CE   C  N N 202 
LYS NZ   N  N N 203 
LYS OXT  O  N N 204 
LYS H    H  N N 205 
LYS H2   H  N N 206 
LYS HA   H  N N 207 
LYS HB2  H  N N 208 
LYS HB3  H  N N 209 
LYS HG2  H  N N 210 
LYS HG3  H  N N 211 
LYS HD2  H  N N 212 
LYS HD3  H  N N 213 
LYS HE2  H  N N 214 
LYS HE3  H  N N 215 
LYS HZ1  H  N N 216 
LYS HZ2  H  N N 217 
LYS HZ3  H  N N 218 
LYS HXT  H  N N 219 
MSE N    N  N N 220 
MSE CA   C  N S 221 
MSE C    C  N N 222 
MSE O    O  N N 223 
MSE OXT  O  N N 224 
MSE CB   C  N N 225 
MSE CG   C  N N 226 
MSE SE   SE N N 227 
MSE CE   C  N N 228 
MSE H    H  N N 229 
MSE H2   H  N N 230 
MSE HA   H  N N 231 
MSE HXT  H  N N 232 
MSE HB2  H  N N 233 
MSE HB3  H  N N 234 
MSE HG2  H  N N 235 
MSE HG3  H  N N 236 
MSE HE1  H  N N 237 
MSE HE2  H  N N 238 
MSE HE3  H  N N 239 
PHE N    N  N N 240 
PHE CA   C  N S 241 
PHE C    C  N N 242 
PHE O    O  N N 243 
PHE CB   C  N N 244 
PHE CG   C  Y N 245 
PHE CD1  C  Y N 246 
PHE CD2  C  Y N 247 
PHE CE1  C  Y N 248 
PHE CE2  C  Y N 249 
PHE CZ   C  Y N 250 
PHE OXT  O  N N 251 
PHE H    H  N N 252 
PHE H2   H  N N 253 
PHE HA   H  N N 254 
PHE HB2  H  N N 255 
PHE HB3  H  N N 256 
PHE HD1  H  N N 257 
PHE HD2  H  N N 258 
PHE HE1  H  N N 259 
PHE HE2  H  N N 260 
PHE HZ   H  N N 261 
PHE HXT  H  N N 262 
PRO N    N  N N 263 
PRO CA   C  N S 264 
PRO C    C  N N 265 
PRO O    O  N N 266 
PRO CB   C  N N 267 
PRO CG   C  N N 268 
PRO CD   C  N N 269 
PRO OXT  O  N N 270 
PRO H    H  N N 271 
PRO HA   H  N N 272 
PRO HB2  H  N N 273 
PRO HB3  H  N N 274 
PRO HG2  H  N N 275 
PRO HG3  H  N N 276 
PRO HD2  H  N N 277 
PRO HD3  H  N N 278 
PRO HXT  H  N N 279 
SER N    N  N N 280 
SER CA   C  N S 281 
SER C    C  N N 282 
SER O    O  N N 283 
SER CB   C  N N 284 
SER OG   O  N N 285 
SER OXT  O  N N 286 
SER H    H  N N 287 
SER H2   H  N N 288 
SER HA   H  N N 289 
SER HB2  H  N N 290 
SER HB3  H  N N 291 
SER HG   H  N N 292 
SER HXT  H  N N 293 
SO4 S    S  N N 294 
SO4 O1   O  N N 295 
SO4 O2   O  N N 296 
SO4 O3   O  N N 297 
SO4 O4   O  N N 298 
THR N    N  N N 299 
THR CA   C  N S 300 
THR C    C  N N 301 
THR O    O  N N 302 
THR CB   C  N R 303 
THR OG1  O  N N 304 
THR CG2  C  N N 305 
THR OXT  O  N N 306 
THR H    H  N N 307 
THR H2   H  N N 308 
THR HA   H  N N 309 
THR HB   H  N N 310 
THR HG1  H  N N 311 
THR HG21 H  N N 312 
THR HG22 H  N N 313 
THR HG23 H  N N 314 
THR HXT  H  N N 315 
TRP N    N  N N 316 
TRP CA   C  N S 317 
TRP C    C  N N 318 
TRP O    O  N N 319 
TRP CB   C  N N 320 
TRP CG   C  Y N 321 
TRP CD1  C  Y N 322 
TRP CD2  C  Y N 323 
TRP NE1  N  Y N 324 
TRP CE2  C  Y N 325 
TRP CE3  C  Y N 326 
TRP CZ2  C  Y N 327 
TRP CZ3  C  Y N 328 
TRP CH2  C  Y N 329 
TRP OXT  O  N N 330 
TRP H    H  N N 331 
TRP H2   H  N N 332 
TRP HA   H  N N 333 
TRP HB2  H  N N 334 
TRP HB3  H  N N 335 
TRP HD1  H  N N 336 
TRP HE1  H  N N 337 
TRP HE3  H  N N 338 
TRP HZ2  H  N N 339 
TRP HZ3  H  N N 340 
TRP HH2  H  N N 341 
TRP HXT  H  N N 342 
TYR N    N  N N 343 
TYR CA   C  N S 344 
TYR C    C  N N 345 
TYR O    O  N N 346 
TYR CB   C  N N 347 
TYR CG   C  Y N 348 
TYR CD1  C  Y N 349 
TYR CD2  C  Y N 350 
TYR CE1  C  Y N 351 
TYR CE2  C  Y N 352 
TYR CZ   C  Y N 353 
TYR OH   O  N N 354 
TYR OXT  O  N N 355 
TYR H    H  N N 356 
TYR H2   H  N N 357 
TYR HA   H  N N 358 
TYR HB2  H  N N 359 
TYR HB3  H  N N 360 
TYR HD1  H  N N 361 
TYR HD2  H  N N 362 
TYR HE1  H  N N 363 
TYR HE2  H  N N 364 
TYR HH   H  N N 365 
TYR HXT  H  N N 366 
VAL N    N  N N 367 
VAL CA   C  N S 368 
VAL C    C  N N 369 
VAL O    O  N N 370 
VAL CB   C  N N 371 
VAL CG1  C  N N 372 
VAL CG2  C  N N 373 
VAL OXT  O  N N 374 
VAL H    H  N N 375 
VAL H2   H  N N 376 
VAL HA   H  N N 377 
VAL HB   H  N N 378 
VAL HG11 H  N N 379 
VAL HG12 H  N N 380 
VAL HG13 H  N N 381 
VAL HG21 H  N N 382 
VAL HG22 H  N N 383 
VAL HG23 H  N N 384 
VAL HXT  H  N N 385 
# 
loop_
_chem_comp_bond.comp_id 
_chem_comp_bond.atom_id_1 
_chem_comp_bond.atom_id_2 
_chem_comp_bond.value_order 
_chem_comp_bond.pdbx_aromatic_flag 
_chem_comp_bond.pdbx_stereo_config 
_chem_comp_bond.pdbx_ordinal 
ALA N   CA   sing N N 1   
ALA N   H    sing N N 2   
ALA N   H2   sing N N 3   
ALA CA  C    sing N N 4   
ALA CA  CB   sing N N 5   
ALA CA  HA   sing N N 6   
ALA C   O    doub N N 7   
ALA C   OXT  sing N N 8   
ALA CB  HB1  sing N N 9   
ALA CB  HB2  sing N N 10  
ALA CB  HB3  sing N N 11  
ALA OXT HXT  sing N N 12  
ARG N   CA   sing N N 13  
ARG N   H    sing N N 14  
ARG N   H2   sing N N 15  
ARG CA  C    sing N N 16  
ARG CA  CB   sing N N 17  
ARG CA  HA   sing N N 18  
ARG C   O    doub N N 19  
ARG C   OXT  sing N N 20  
ARG CB  CG   sing N N 21  
ARG CB  HB2  sing N N 22  
ARG CB  HB3  sing N N 23  
ARG CG  CD   sing N N 24  
ARG CG  HG2  sing N N 25  
ARG CG  HG3  sing N N 26  
ARG CD  NE   sing N N 27  
ARG CD  HD2  sing N N 28  
ARG CD  HD3  sing N N 29  
ARG NE  CZ   sing N N 30  
ARG NE  HE   sing N N 31  
ARG CZ  NH1  sing N N 32  
ARG CZ  NH2  doub N N 33  
ARG NH1 HH11 sing N N 34  
ARG NH1 HH12 sing N N 35  
ARG NH2 HH21 sing N N 36  
ARG NH2 HH22 sing N N 37  
ARG OXT HXT  sing N N 38  
ASP N   CA   sing N N 39  
ASP N   H    sing N N 40  
ASP N   H2   sing N N 41  
ASP CA  C    sing N N 42  
ASP CA  CB   sing N N 43  
ASP CA  HA   sing N N 44  
ASP C   O    doub N N 45  
ASP C   OXT  sing N N 46  
ASP CB  CG   sing N N 47  
ASP CB  HB2  sing N N 48  
ASP CB  HB3  sing N N 49  
ASP CG  OD1  doub N N 50  
ASP CG  OD2  sing N N 51  
ASP OD2 HD2  sing N N 52  
ASP OXT HXT  sing N N 53  
CYS N   CA   sing N N 54  
CYS N   H    sing N N 55  
CYS N   H2   sing N N 56  
CYS CA  C    sing N N 57  
CYS CA  CB   sing N N 58  
CYS CA  HA   sing N N 59  
CYS C   O    doub N N 60  
CYS C   OXT  sing N N 61  
CYS CB  SG   sing N N 62  
CYS CB  HB2  sing N N 63  
CYS CB  HB3  sing N N 64  
CYS SG  HG   sing N N 65  
CYS OXT HXT  sing N N 66  
EDO C1  O1   sing N N 67  
EDO C1  C2   sing N N 68  
EDO C1  H11  sing N N 69  
EDO C1  H12  sing N N 70  
EDO O1  HO1  sing N N 71  
EDO C2  O2   sing N N 72  
EDO C2  H21  sing N N 73  
EDO C2  H22  sing N N 74  
EDO O2  HO2  sing N N 75  
GLN N   CA   sing N N 76  
GLN N   H    sing N N 77  
GLN N   H2   sing N N 78  
GLN CA  C    sing N N 79  
GLN CA  CB   sing N N 80  
GLN CA  HA   sing N N 81  
GLN C   O    doub N N 82  
GLN C   OXT  sing N N 83  
GLN CB  CG   sing N N 84  
GLN CB  HB2  sing N N 85  
GLN CB  HB3  sing N N 86  
GLN CG  CD   sing N N 87  
GLN CG  HG2  sing N N 88  
GLN CG  HG3  sing N N 89  
GLN CD  OE1  doub N N 90  
GLN CD  NE2  sing N N 91  
GLN NE2 HE21 sing N N 92  
GLN NE2 HE22 sing N N 93  
GLN OXT HXT  sing N N 94  
GLU N   CA   sing N N 95  
GLU N   H    sing N N 96  
GLU N   H2   sing N N 97  
GLU CA  C    sing N N 98  
GLU CA  CB   sing N N 99  
GLU CA  HA   sing N N 100 
GLU C   O    doub N N 101 
GLU C   OXT  sing N N 102 
GLU CB  CG   sing N N 103 
GLU CB  HB2  sing N N 104 
GLU CB  HB3  sing N N 105 
GLU CG  CD   sing N N 106 
GLU CG  HG2  sing N N 107 
GLU CG  HG3  sing N N 108 
GLU CD  OE1  doub N N 109 
GLU CD  OE2  sing N N 110 
GLU OE2 HE2  sing N N 111 
GLU OXT HXT  sing N N 112 
GLY N   CA   sing N N 113 
GLY N   H    sing N N 114 
GLY N   H2   sing N N 115 
GLY CA  C    sing N N 116 
GLY CA  HA2  sing N N 117 
GLY CA  HA3  sing N N 118 
GLY C   O    doub N N 119 
GLY C   OXT  sing N N 120 
GLY OXT HXT  sing N N 121 
HIS N   CA   sing N N 122 
HIS N   H    sing N N 123 
HIS N   H2   sing N N 124 
HIS CA  C    sing N N 125 
HIS CA  CB   sing N N 126 
HIS CA  HA   sing N N 127 
HIS C   O    doub N N 128 
HIS C   OXT  sing N N 129 
HIS CB  CG   sing N N 130 
HIS CB  HB2  sing N N 131 
HIS CB  HB3  sing N N 132 
HIS CG  ND1  sing Y N 133 
HIS CG  CD2  doub Y N 134 
HIS ND1 CE1  doub Y N 135 
HIS ND1 HD1  sing N N 136 
HIS CD2 NE2  sing Y N 137 
HIS CD2 HD2  sing N N 138 
HIS CE1 NE2  sing Y N 139 
HIS CE1 HE1  sing N N 140 
HIS NE2 HE2  sing N N 141 
HIS OXT HXT  sing N N 142 
ILE N   CA   sing N N 143 
ILE N   H    sing N N 144 
ILE N   H2   sing N N 145 
ILE CA  C    sing N N 146 
ILE CA  CB   sing N N 147 
ILE CA  HA   sing N N 148 
ILE C   O    doub N N 149 
ILE C   OXT  sing N N 150 
ILE CB  CG1  sing N N 151 
ILE CB  CG2  sing N N 152 
ILE CB  HB   sing N N 153 
ILE CG1 CD1  sing N N 154 
ILE CG1 HG12 sing N N 155 
ILE CG1 HG13 sing N N 156 
ILE CG2 HG21 sing N N 157 
ILE CG2 HG22 sing N N 158 
ILE CG2 HG23 sing N N 159 
ILE CD1 HD11 sing N N 160 
ILE CD1 HD12 sing N N 161 
ILE CD1 HD13 sing N N 162 
ILE OXT HXT  sing N N 163 
LEU N   CA   sing N N 164 
LEU N   H    sing N N 165 
LEU N   H2   sing N N 166 
LEU CA  C    sing N N 167 
LEU CA  CB   sing N N 168 
LEU CA  HA   sing N N 169 
LEU C   O    doub N N 170 
LEU C   OXT  sing N N 171 
LEU CB  CG   sing N N 172 
LEU CB  HB2  sing N N 173 
LEU CB  HB3  sing N N 174 
LEU CG  CD1  sing N N 175 
LEU CG  CD2  sing N N 176 
LEU CG  HG   sing N N 177 
LEU CD1 HD11 sing N N 178 
LEU CD1 HD12 sing N N 179 
LEU CD1 HD13 sing N N 180 
LEU CD2 HD21 sing N N 181 
LEU CD2 HD22 sing N N 182 
LEU CD2 HD23 sing N N 183 
LEU OXT HXT  sing N N 184 
LYS N   CA   sing N N 185 
LYS N   H    sing N N 186 
LYS N   H2   sing N N 187 
LYS CA  C    sing N N 188 
LYS CA  CB   sing N N 189 
LYS CA  HA   sing N N 190 
LYS C   O    doub N N 191 
LYS C   OXT  sing N N 192 
LYS CB  CG   sing N N 193 
LYS CB  HB2  sing N N 194 
LYS CB  HB3  sing N N 195 
LYS CG  CD   sing N N 196 
LYS CG  HG2  sing N N 197 
LYS CG  HG3  sing N N 198 
LYS CD  CE   sing N N 199 
LYS CD  HD2  sing N N 200 
LYS CD  HD3  sing N N 201 
LYS CE  NZ   sing N N 202 
LYS CE  HE2  sing N N 203 
LYS CE  HE3  sing N N 204 
LYS NZ  HZ1  sing N N 205 
LYS NZ  HZ2  sing N N 206 
LYS NZ  HZ3  sing N N 207 
LYS OXT HXT  sing N N 208 
MSE N   CA   sing N N 209 
MSE N   H    sing N N 210 
MSE N   H2   sing N N 211 
MSE CA  C    sing N N 212 
MSE CA  CB   sing N N 213 
MSE CA  HA   sing N N 214 
MSE C   O    doub N N 215 
MSE C   OXT  sing N N 216 
MSE OXT HXT  sing N N 217 
MSE CB  CG   sing N N 218 
MSE CB  HB2  sing N N 219 
MSE CB  HB3  sing N N 220 
MSE CG  SE   sing N N 221 
MSE CG  HG2  sing N N 222 
MSE CG  HG3  sing N N 223 
MSE SE  CE   sing N N 224 
MSE CE  HE1  sing N N 225 
MSE CE  HE2  sing N N 226 
MSE CE  HE3  sing N N 227 
PHE N   CA   sing N N 228 
PHE N   H    sing N N 229 
PHE N   H2   sing N N 230 
PHE CA  C    sing N N 231 
PHE CA  CB   sing N N 232 
PHE CA  HA   sing N N 233 
PHE C   O    doub N N 234 
PHE C   OXT  sing N N 235 
PHE CB  CG   sing N N 236 
PHE CB  HB2  sing N N 237 
PHE CB  HB3  sing N N 238 
PHE CG  CD1  doub Y N 239 
PHE CG  CD2  sing Y N 240 
PHE CD1 CE1  sing Y N 241 
PHE CD1 HD1  sing N N 242 
PHE CD2 CE2  doub Y N 243 
PHE CD2 HD2  sing N N 244 
PHE CE1 CZ   doub Y N 245 
PHE CE1 HE1  sing N N 246 
PHE CE2 CZ   sing Y N 247 
PHE CE2 HE2  sing N N 248 
PHE CZ  HZ   sing N N 249 
PHE OXT HXT  sing N N 250 
PRO N   CA   sing N N 251 
PRO N   CD   sing N N 252 
PRO N   H    sing N N 253 
PRO CA  C    sing N N 254 
PRO CA  CB   sing N N 255 
PRO CA  HA   sing N N 256 
PRO C   O    doub N N 257 
PRO C   OXT  sing N N 258 
PRO CB  CG   sing N N 259 
PRO CB  HB2  sing N N 260 
PRO CB  HB3  sing N N 261 
PRO CG  CD   sing N N 262 
PRO CG  HG2  sing N N 263 
PRO CG  HG3  sing N N 264 
PRO CD  HD2  sing N N 265 
PRO CD  HD3  sing N N 266 
PRO OXT HXT  sing N N 267 
SER N   CA   sing N N 268 
SER N   H    sing N N 269 
SER N   H2   sing N N 270 
SER CA  C    sing N N 271 
SER CA  CB   sing N N 272 
SER CA  HA   sing N N 273 
SER C   O    doub N N 274 
SER C   OXT  sing N N 275 
SER CB  OG   sing N N 276 
SER CB  HB2  sing N N 277 
SER CB  HB3  sing N N 278 
SER OG  HG   sing N N 279 
SER OXT HXT  sing N N 280 
SO4 S   O1   doub N N 281 
SO4 S   O2   doub N N 282 
SO4 S   O3   sing N N 283 
SO4 S   O4   sing N N 284 
THR N   CA   sing N N 285 
THR N   H    sing N N 286 
THR N   H2   sing N N 287 
THR CA  C    sing N N 288 
THR CA  CB   sing N N 289 
THR CA  HA   sing N N 290 
THR C   O    doub N N 291 
THR C   OXT  sing N N 292 
THR CB  OG1  sing N N 293 
THR CB  CG2  sing N N 294 
THR CB  HB   sing N N 295 
THR OG1 HG1  sing N N 296 
THR CG2 HG21 sing N N 297 
THR CG2 HG22 sing N N 298 
THR CG2 HG23 sing N N 299 
THR OXT HXT  sing N N 300 
TRP N   CA   sing N N 301 
TRP N   H    sing N N 302 
TRP N   H2   sing N N 303 
TRP CA  C    sing N N 304 
TRP CA  CB   sing N N 305 
TRP CA  HA   sing N N 306 
TRP C   O    doub N N 307 
TRP C   OXT  sing N N 308 
TRP CB  CG   sing N N 309 
TRP CB  HB2  sing N N 310 
TRP CB  HB3  sing N N 311 
TRP CG  CD1  doub Y N 312 
TRP CG  CD2  sing Y N 313 
TRP CD1 NE1  sing Y N 314 
TRP CD1 HD1  sing N N 315 
TRP CD2 CE2  doub Y N 316 
TRP CD2 CE3  sing Y N 317 
TRP NE1 CE2  sing Y N 318 
TRP NE1 HE1  sing N N 319 
TRP CE2 CZ2  sing Y N 320 
TRP CE3 CZ3  doub Y N 321 
TRP CE3 HE3  sing N N 322 
TRP CZ2 CH2  doub Y N 323 
TRP CZ2 HZ2  sing N N 324 
TRP CZ3 CH2  sing Y N 325 
TRP CZ3 HZ3  sing N N 326 
TRP CH2 HH2  sing N N 327 
TRP OXT HXT  sing N N 328 
TYR N   CA   sing N N 329 
TYR N   H    sing N N 330 
TYR N   H2   sing N N 331 
TYR CA  C    sing N N 332 
TYR CA  CB   sing N N 333 
TYR CA  HA   sing N N 334 
TYR C   O    doub N N 335 
TYR C   OXT  sing N N 336 
TYR CB  CG   sing N N 337 
TYR CB  HB2  sing N N 338 
TYR CB  HB3  sing N N 339 
TYR CG  CD1  doub Y N 340 
TYR CG  CD2  sing Y N 341 
TYR CD1 CE1  sing Y N 342 
TYR CD1 HD1  sing N N 343 
TYR CD2 CE2  doub Y N 344 
TYR CD2 HD2  sing N N 345 
TYR CE1 CZ   doub Y N 346 
TYR CE1 HE1  sing N N 347 
TYR CE2 CZ   sing Y N 348 
TYR CE2 HE2  sing N N 349 
TYR CZ  OH   sing N N 350 
TYR OH  HH   sing N N 351 
TYR OXT HXT  sing N N 352 
VAL N   CA   sing N N 353 
VAL N   H    sing N N 354 
VAL N   H2   sing N N 355 
VAL CA  C    sing N N 356 
VAL CA  CB   sing N N 357 
VAL CA  HA   sing N N 358 
VAL C   O    doub N N 359 
VAL C   OXT  sing N N 360 
VAL CB  CG1  sing N N 361 
VAL CB  CG2  sing N N 362 
VAL CB  HB   sing N N 363 
VAL CG1 HG11 sing N N 364 
VAL CG1 HG12 sing N N 365 
VAL CG1 HG13 sing N N 366 
VAL CG2 HG21 sing N N 367 
VAL CG2 HG22 sing N N 368 
VAL CG2 HG23 sing N N 369 
VAL OXT HXT  sing N N 370 
# 
_atom_sites.entry_id                    3F1B 
_atom_sites.fract_transf_matrix[1][1]   -0.00445247 
_atom_sites.fract_transf_matrix[1][2]   -0.01705251 
_atom_sites.fract_transf_matrix[1][3]   -0.00569665 
_atom_sites.fract_transf_matrix[2][1]   -0.01758571 
_atom_sites.fract_transf_matrix[2][2]   0.00291008 
_atom_sites.fract_transf_matrix[2][3]   0.00503377 
_atom_sites.fract_transf_matrix[3][1]   -0.00155797 
_atom_sites.fract_transf_matrix[3][2]   0.00275763 
_atom_sites.fract_transf_matrix[3][3]   -0.00703707 
_atom_sites.fract_transf_vector[1]      0.568109 
_atom_sites.fract_transf_vector[2]      0.502835 
_atom_sites.fract_transf_vector[3]      0.412344 
# 
loop_
_atom_type.symbol 
C  
N  
O  
S  
SE 
# 
loop_
_atom_site.group_PDB 
_atom_site.id 
_atom_site.type_symbol 
_atom_site.label_atom_id 
_atom_site.label_alt_id 
_atom_site.label_comp_id 
_atom_site.label_asym_id 
_atom_site.label_entity_id 
_atom_site.label_seq_id 
_atom_site.pdbx_PDB_ins_code 
_atom_site.Cartn_x 
_atom_site.Cartn_y 
_atom_site.Cartn_z 
_atom_site.occupancy 
_atom_site.B_iso_or_equiv 
_atom_site.pdbx_formal_charge 
_atom_site.auth_seq_id 
_atom_site.auth_comp_id 
_atom_site.auth_asym_id 
_atom_site.auth_atom_id 
_atom_site.pdbx_PDB_model_num 
ATOM   1    N  N   . ARG A 1 9   ? 23.062  4.363   23.357  1.00 84.57 ? 7   ARG A N   1 
ATOM   2    C  CA  . ARG A 1 9   ? 23.017  5.586   22.497  1.00 84.59 ? 7   ARG A CA  1 
ATOM   3    C  C   . ARG A 1 9   ? 22.172  5.435   21.205  1.00 85.07 ? 7   ARG A C   1 
ATOM   4    O  O   . ARG A 1 9   ? 22.482  6.022   20.162  1.00 85.06 ? 7   ARG A O   1 
ATOM   5    C  CB  . ARG A 1 9   ? 24.442  6.067   22.202  1.00 84.30 ? 7   ARG A CB  1 
ATOM   6    C  CG  . ARG A 1 9   ? 24.980  7.041   23.241  1.00 83.09 ? 7   ARG A CG  1 
ATOM   7    C  CD  . ARG A 1 9   ? 24.744  8.500   22.844  1.00 81.30 ? 7   ARG A CD  1 
ATOM   8    N  NE  . ARG A 1 9   ? 23.326  8.836   22.703  1.00 80.43 ? 7   ARG A NE  1 
ATOM   9    C  CZ  . ARG A 1 9   ? 22.654  8.854   21.549  1.00 79.92 ? 7   ARG A CZ  1 
ATOM   10   N  NH1 . ARG A 1 9   ? 21.365  9.175   21.532  1.00 78.86 ? 7   ARG A NH1 1 
ATOM   11   N  NH2 . ARG A 1 9   ? 23.263  8.550   20.410  1.00 79.92 ? 7   ARG A NH2 1 
ATOM   12   N  N   . LEU A 1 10  ? 21.081  4.668   21.327  1.00 85.60 ? 8   LEU A N   1 
ATOM   13   C  CA  . LEU A 1 10  ? 20.130  4.290   20.242  1.00 85.82 ? 8   LEU A CA  1 
ATOM   14   C  C   . LEU A 1 10  ? 20.701  3.436   19.098  1.00 86.14 ? 8   LEU A C   1 
ATOM   15   O  O   . LEU A 1 10  ? 21.102  3.986   18.064  1.00 86.01 ? 8   LEU A O   1 
ATOM   16   C  CB  . LEU A 1 10  ? 19.337  5.488   19.699  1.00 85.74 ? 8   LEU A CB  1 
ATOM   17   C  CG  . LEU A 1 10  ? 18.160  5.974   20.547  1.00 85.71 ? 8   LEU A CG  1 
ATOM   18   C  CD1 . LEU A 1 10  ? 18.514  7.266   21.274  1.00 85.96 ? 8   LEU A CD1 1 
ATOM   19   C  CD2 . LEU A 1 10  ? 16.912  6.147   19.700  1.00 85.74 ? 8   LEU A CD2 1 
ATOM   20   N  N   . PRO A 1 11  ? 20.710  2.083   19.277  1.00 86.51 ? 9   PRO A N   1 
ATOM   21   C  CA  . PRO A 1 11  ? 21.408  1.189   18.342  1.00 86.73 ? 9   PRO A CA  1 
ATOM   22   C  C   . PRO A 1 11  ? 20.722  1.026   16.975  1.00 87.06 ? 9   PRO A C   1 
ATOM   23   O  O   . PRO A 1 11  ? 20.516  2.019   16.253  1.00 87.08 ? 9   PRO A O   1 
ATOM   24   C  CB  . PRO A 1 11  ? 21.475  -0.147  19.109  1.00 86.72 ? 9   PRO A CB  1 
ATOM   25   C  CG  . PRO A 1 11  ? 20.292  -0.129  19.999  1.00 86.41 ? 9   PRO A CG  1 
ATOM   26   C  CD  . PRO A 1 11  ? 20.062  1.321   20.370  1.00 86.50 ? 9   PRO A CD  1 
ATOM   27   N  N   . ARG A 1 12  ? 20.357  -0.215  16.654  1.00 87.23 ? 10  ARG A N   1 
ATOM   28   C  CA  . ARG A 1 12  ? 20.050  -0.644  15.285  1.00 87.28 ? 10  ARG A CA  1 
ATOM   29   C  C   . ARG A 1 12  ? 18.842  0.046   14.611  1.00 86.99 ? 10  ARG A C   1 
ATOM   30   O  O   . ARG A 1 12  ? 18.890  1.249   14.299  1.00 87.13 ? 10  ARG A O   1 
ATOM   31   C  CB  . ARG A 1 12  ? 19.967  -2.192  15.237  1.00 87.53 ? 10  ARG A CB  1 
ATOM   32   C  CG  . ARG A 1 12  ? 19.904  -2.850  13.836  1.00 88.72 ? 10  ARG A CG  1 
ATOM   33   C  CD  . ARG A 1 12  ? 20.836  -2.197  12.786  1.00 89.88 ? 10  ARG A CD  1 
ATOM   34   N  NE  . ARG A 1 12  ? 20.456  -2.541  11.413  1.00 90.46 ? 10  ARG A NE  1 
ATOM   35   C  CZ  . ARG A 1 12  ? 19.432  -2.004  10.749  1.00 91.21 ? 10  ARG A CZ  1 
ATOM   36   N  NH1 . ARG A 1 12  ? 18.655  -1.087  11.312  1.00 91.47 ? 10  ARG A NH1 1 
ATOM   37   N  NH2 . ARG A 1 12  ? 19.173  -2.391  9.510   1.00 92.19 ? 10  ARG A NH2 1 
ATOM   38   N  N   . ALA A 1 13  ? 17.773  -0.727  14.393  1.00 86.53 ? 11  ALA A N   1 
ATOM   39   C  CA  . ALA A 1 13  ? 16.602  -0.292  13.634  1.00 85.62 ? 11  ALA A CA  1 
ATOM   40   C  C   . ALA A 1 13  ? 15.809  0.832   14.318  1.00 85.00 ? 11  ALA A C   1 
ATOM   41   O  O   . ALA A 1 13  ? 14.735  1.211   13.843  1.00 85.01 ? 11  ALA A O   1 
ATOM   42   C  CB  . ALA A 1 13  ? 15.704  -1.501  13.318  1.00 85.59 ? 11  ALA A CB  1 
ATOM   43   N  N   . VAL A 1 14  ? 16.357  1.368   15.415  1.00 84.01 ? 12  VAL A N   1 
ATOM   44   C  CA  . VAL A 1 14  ? 15.701  2.411   16.204  1.00 82.91 ? 12  VAL A CA  1 
ATOM   45   C  C   . VAL A 1 14  ? 15.949  3.822   15.671  1.00 82.12 ? 12  VAL A C   1 
ATOM   46   O  O   . VAL A 1 14  ? 15.017  4.632   15.630  1.00 82.31 ? 12  VAL A O   1 
ATOM   47   C  CB  . VAL A 1 14  ? 16.080  2.336   17.696  1.00 83.03 ? 12  VAL A CB  1 
ATOM   48   C  CG1 . VAL A 1 14  ? 17.552  2.653   17.905  1.00 82.97 ? 12  VAL A CG1 1 
ATOM   49   C  CG2 . VAL A 1 14  ? 15.199  3.271   18.506  1.00 83.01 ? 12  VAL A CG2 1 
ATOM   50   N  N   . ARG A 1 15  ? 17.191  4.121   15.278  1.00 80.72 ? 13  ARG A N   1 
ATOM   51   C  CA  . ARG A 1 15  ? 17.483  5.383   14.618  1.00 79.06 ? 13  ARG A CA  1 
ATOM   52   C  C   . ARG A 1 15  ? 16.806  5.350   13.239  1.00 77.86 ? 13  ARG A C   1 
ATOM   53   O  O   . ARG A 1 15  ? 16.115  6.300   12.855  1.00 77.22 ? 13  ARG A O   1 
ATOM   54   C  CB  . ARG A 1 15  ? 18.991  5.598   14.513  1.00 79.32 ? 13  ARG A CB  1 
ATOM   55   C  CG  . ARG A 1 15  ? 19.432  7.064   14.639  1.00 79.87 ? 13  ARG A CG  1 
ATOM   56   C  CD  . ARG A 1 15  ? 18.802  7.772   15.867  1.00 81.97 ? 13  ARG A CD  1 
ATOM   57   N  NE  . ARG A 1 15  ? 19.568  8.945   16.324  1.00 82.45 ? 13  ARG A NE  1 
ATOM   58   C  CZ  . ARG A 1 15  ? 20.381  8.984   17.389  1.00 82.61 ? 13  ARG A CZ  1 
ATOM   59   N  NH1 . ARG A 1 15  ? 20.566  7.912   18.152  1.00 82.04 ? 13  ARG A NH1 1 
ATOM   60   N  NH2 . ARG A 1 15  ? 21.018  10.111  17.694  1.00 82.57 ? 13  ARG A NH2 1 
ATOM   61   N  N   . GLU A 1 16  ? 17.015  4.232   12.536  1.00 76.30 ? 14  GLU A N   1 
ATOM   62   C  CA  . GLU A 1 16  ? 16.291  3.803   11.328  1.00 74.83 ? 14  GLU A CA  1 
ATOM   63   C  C   . GLU A 1 16  ? 14.801  4.146   11.329  1.00 72.98 ? 14  GLU A C   1 
ATOM   64   O  O   . GLU A 1 16  ? 14.336  4.958   10.526  1.00 71.57 ? 14  GLU A O   1 
ATOM   65   C  CB  . GLU A 1 16  ? 16.388  2.277   11.244  1.00 75.77 ? 14  GLU A CB  1 
ATOM   66   C  CG  . GLU A 1 16  ? 15.886  1.639   9.960   1.00 78.51 ? 14  GLU A CG  1 
ATOM   67   C  CD  . GLU A 1 16  ? 17.034  1.407   8.987   1.00 83.86 ? 14  GLU A CD  1 
ATOM   68   O  OE1 . GLU A 1 16  ? 17.493  2.412   8.367   1.00 85.36 ? 14  GLU A OE1 1 
ATOM   69   O  OE2 . GLU A 1 16  ? 17.490  0.230   8.869   1.00 84.48 ? 14  GLU A OE2 1 
ATOM   70   N  N   . GLN A 1 17  ? 14.071  3.508   12.239  1.00 71.07 ? 15  GLN A N   1 
ATOM   71   C  CA  . GLN A 1 17  ? 12.634  3.652   12.313  1.00 69.93 ? 15  GLN A CA  1 
ATOM   72   C  C   . GLN A 1 17  ? 12.216  5.094   12.560  1.00 68.75 ? 15  GLN A C   1 
ATOM   73   O  O   . GLN A 1 17  ? 11.171  5.521   12.050  1.00 69.26 ? 15  GLN A O   1 
ATOM   74   C  CB  . GLN A 1 17  ? 12.010  2.671   13.313  1.00 69.82 ? 15  GLN A CB  1 
ATOM   75   C  CG  . GLN A 1 17  ? 10.716  3.123   14.003  1.00 71.31 ? 15  GLN A CG  1 
ATOM   76   C  CD  . GLN A 1 17  ? 10.950  3.570   15.456  1.00 75.18 ? 15  GLN A CD  1 
ATOM   77   O  OE1 . GLN A 1 17  ? 10.467  2.935   16.389  1.00 76.14 ? 15  GLN A OE1 1 
ATOM   78   N  NE2 . GLN A 1 17  ? 11.722  4.645   15.649  1.00 76.64 ? 15  GLN A NE2 1 
ATOM   79   N  N   . GLN A 1 18  ? 13.031  5.858   13.284  1.00 66.50 ? 16  GLN A N   1 
ATOM   80   C  CA  . GLN A 1 18  ? 12.708  7.262   13.497  1.00 64.47 ? 16  GLN A CA  1 
ATOM   81   C  C   . GLN A 1 18  ? 12.856  8.092   12.227  1.00 63.37 ? 16  GLN A C   1 
ATOM   82   O  O   . GLN A 1 18  ? 12.058  9.015   11.985  1.00 63.89 ? 16  GLN A O   1 
ATOM   83   C  CB  . GLN A 1 18  ? 13.587  7.839   14.565  1.00 64.35 ? 16  GLN A CB  1 
ATOM   84   C  CG  . GLN A 1 18  ? 13.125  7.553   15.931  1.00 65.32 ? 16  GLN A CG  1 
ATOM   85   C  CD  . GLN A 1 18  ? 14.062  8.151   16.953  1.00 68.65 ? 16  GLN A CD  1 
ATOM   86   O  OE1 . GLN A 1 18  ? 14.878  9.025   16.625  1.00 70.59 ? 16  GLN A OE1 1 
ATOM   87   N  NE2 . GLN A 1 18  ? 13.969  7.680   18.190  1.00 67.25 ? 16  GLN A NE2 1 
HETATM 88   N  N   . MSE A 1 19  ? 13.862  7.762   11.415  1.00 61.10 ? 17  MSE A N   1 
HETATM 89   C  CA  . MSE A 1 19  ? 14.137  8.484   10.170  1.00 58.87 ? 17  MSE A CA  1 
HETATM 90   C  C   . MSE A 1 19  ? 13.104  8.156   9.109   1.00 57.15 ? 17  MSE A C   1 
HETATM 91   O  O   . MSE A 1 19  ? 12.741  9.001   8.328   1.00 57.35 ? 17  MSE A O   1 
HETATM 92   C  CB  . MSE A 1 19  ? 15.509  8.105   9.621   1.00 58.45 ? 17  MSE A CB  1 
HETATM 93   C  CG  . MSE A 1 19  ? 16.641  8.881   10.221  1.00 61.98 ? 17  MSE A CG  1 
HETATM 94   SE SE  . MSE A 1 19  ? 18.419  8.162   9.790   0.75 66.79 ? 17  MSE A SE  1 
HETATM 95   C  CE  . MSE A 1 19  ? 19.431  9.756   10.244  1.00 69.54 ? 17  MSE A CE  1 
ATOM   96   N  N   . LEU A 1 20  ? 12.671  6.913   9.061   1.00 55.27 ? 18  LEU A N   1 
ATOM   97   C  CA  . LEU A 1 20  ? 11.714  6.470   8.080   1.00 54.28 ? 18  LEU A CA  1 
ATOM   98   C  C   . LEU A 1 20  ? 10.292  6.969   8.395   1.00 54.32 ? 18  LEU A C   1 
ATOM   99   O  O   . LEU A 1 20  ? 9.540   7.356   7.483   1.00 53.04 ? 18  LEU A O   1 
ATOM   100  C  CB  . LEU A 1 20  ? 11.811  4.944   7.891   1.00 54.15 ? 18  LEU A CB  1 
ATOM   101  C  CG  . LEU A 1 20  ? 13.113  4.430   7.202   1.00 51.84 ? 18  LEU A CG  1 
ATOM   102  C  CD1 . LEU A 1 20  ? 13.286  2.935   7.348   1.00 53.71 ? 18  LEU A CD1 1 
ATOM   103  C  CD2 . LEU A 1 20  ? 13.262  4.776   5.733   1.00 52.91 ? 18  LEU A CD2 1 
ATOM   104  N  N   . ASP A 1 21  ? 9.946   7.029   9.680   1.00 54.16 ? 19  ASP A N   1 
ATOM   105  C  CA  . ASP A 1 21  ? 8.657   7.591   10.098  1.00 53.89 ? 19  ASP A CA  1 
ATOM   106  C  C   . ASP A 1 21  ? 8.526   9.053   9.713   1.00 54.06 ? 19  ASP A C   1 
ATOM   107  O  O   . ASP A 1 21  ? 7.452   9.537   9.343   1.00 53.76 ? 19  ASP A O   1 
ATOM   108  C  CB  . ASP A 1 21  ? 8.510   7.499   11.618  1.00 54.06 ? 19  ASP A CB  1 
ATOM   109  C  CG  . ASP A 1 21  ? 8.292   6.095   12.095  1.00 54.61 ? 19  ASP A CG  1 
ATOM   110  O  OD1 . ASP A 1 21  ? 8.258   5.877   13.311  1.00 56.49 ? 19  ASP A OD1 1 
ATOM   111  O  OD2 . ASP A 1 21  ? 8.151   5.189   11.255  1.00 59.15 ? 19  ASP A OD2 1 
ATOM   112  N  N   . ALA A 1 22  ? 9.625   9.771   9.850   1.00 54.18 ? 20  ALA A N   1 
ATOM   113  C  CA  . ALA A 1 22  ? 9.646   11.198  9.559   1.00 54.36 ? 20  ALA A CA  1 
ATOM   114  C  C   . ALA A 1 22  ? 9.635   11.462  8.046   1.00 54.70 ? 20  ALA A C   1 
ATOM   115  O  O   . ALA A 1 22  ? 9.120   12.479  7.593   1.00 54.53 ? 20  ALA A O   1 
ATOM   116  C  CB  . ALA A 1 22  ? 10.880  11.811  10.177  1.00 54.89 ? 20  ALA A CB  1 
ATOM   117  N  N   . ALA A 1 23  ? 10.241  10.547  7.283   1.00 54.42 ? 21  ALA A N   1 
ATOM   118  C  CA  . ALA A 1 23  ? 10.325  10.650  5.831   1.00 54.00 ? 21  ALA A CA  1 
ATOM   119  C  C   . ALA A 1 23  ? 8.947   10.396  5.297   1.00 54.50 ? 21  ALA A C   1 
ATOM   120  O  O   . ALA A 1 23  ? 8.533   11.046  4.328   1.00 55.06 ? 21  ALA A O   1 
ATOM   121  C  CB  . ALA A 1 23  ? 11.278  9.618   5.274   1.00 52.76 ? 21  ALA A CB  1 
ATOM   122  N  N   . VAL A 1 24  ? 8.253   9.446   5.915   1.00 54.36 ? 22  VAL A N   1 
ATOM   123  C  CA  . VAL A 1 24  ? 6.926   9.096   5.481   1.00 56.06 ? 22  VAL A CA  1 
ATOM   124  C  C   . VAL A 1 24  ? 6.024   10.338  5.583   1.00 56.73 ? 22  VAL A C   1 
ATOM   125  O  O   . VAL A 1 24  ? 5.402   10.754  4.581   1.00 56.54 ? 22  VAL A O   1 
ATOM   126  C  CB  . VAL A 1 24  ? 6.375   7.852   6.220   1.00 55.87 ? 22  VAL A CB  1 
ATOM   127  C  CG1 . VAL A 1 24  ? 4.914   7.647   5.929   1.00 57.34 ? 22  VAL A CG1 1 
ATOM   128  C  CG2 . VAL A 1 24  ? 7.057   6.643   5.709   1.00 57.46 ? 22  VAL A CG2 1 
ATOM   129  N  N   . ASP A 1 25  ? 5.982   10.925  6.773   1.00 57.66 ? 23  ASP A N   1 
ATOM   130  C  CA  . ASP A 1 25  ? 5.355   12.235  7.011   1.00 59.35 ? 23  ASP A CA  1 
ATOM   131  C  C   . ASP A 1 25  ? 5.592   13.203  5.867   1.00 59.10 ? 23  ASP A C   1 
ATOM   132  O  O   . ASP A 1 25  ? 4.678   13.524  5.088   1.00 58.96 ? 23  ASP A O   1 
ATOM   133  C  CB  . ASP A 1 25  ? 5.932   12.869  8.282   1.00 60.23 ? 23  ASP A CB  1 
ATOM   134  C  CG  . ASP A 1 25  ? 5.610   12.076  9.536   1.00 63.41 ? 23  ASP A CG  1 
ATOM   135  O  OD1 . ASP A 1 25  ? 5.859   12.608  10.642  1.00 67.23 ? 23  ASP A OD1 1 
ATOM   136  O  OD2 . ASP A 1 25  ? 5.113   10.922  9.434   1.00 68.49 ? 23  ASP A OD2 1 
ATOM   137  N  N   . VAL A 1 26  ? 6.838   13.629  5.752   1.00 58.70 ? 24  VAL A N   1 
ATOM   138  C  CA  . VAL A 1 26  ? 7.178   14.649  4.801   1.00 58.94 ? 24  VAL A CA  1 
ATOM   139  C  C   . VAL A 1 26  ? 6.829   14.230  3.372   1.00 58.98 ? 24  VAL A C   1 
ATOM   140  O  O   . VAL A 1 26  ? 6.349   15.054  2.588   1.00 60.01 ? 24  VAL A O   1 
ATOM   141  C  CB  . VAL A 1 26  ? 8.661   15.099  4.937   1.00 59.21 ? 24  VAL A CB  1 
ATOM   142  C  CG1 . VAL A 1 26  ? 8.863   16.415  4.212   1.00 58.49 ? 24  VAL A CG1 1 
ATOM   143  C  CG2 . VAL A 1 26  ? 9.056   15.244  6.408   1.00 58.28 ? 24  VAL A CG2 1 
ATOM   144  N  N   . PHE A 1 27  ? 7.045   12.969  3.013   1.00 58.84 ? 25  PHE A N   1 
ATOM   145  C  CA  . PHE A 1 27  ? 6.719   12.561  1.654   1.00 58.72 ? 25  PHE A CA  1 
ATOM   146  C  C   . PHE A 1 27  ? 5.200   12.580  1.403   1.00 59.53 ? 25  PHE A C   1 
ATOM   147  O  O   . PHE A 1 27  ? 4.741   12.993  0.328   1.00 59.41 ? 25  PHE A O   1 
ATOM   148  C  CB  . PHE A 1 27  ? 7.267   11.184  1.342   1.00 58.30 ? 25  PHE A CB  1 
ATOM   149  C  CG  . PHE A 1 27  ? 8.711   11.162  0.990   1.00 58.20 ? 25  PHE A CG  1 
ATOM   150  C  CD1 . PHE A 1 27  ? 9.222   12.017  0.011   1.00 57.99 ? 25  PHE A CD1 1 
ATOM   151  C  CD2 . PHE A 1 27  ? 9.576   10.223  1.618   1.00 59.17 ? 25  PHE A CD2 1 
ATOM   152  C  CE1 . PHE A 1 27  ? 10.592  11.984  -0.318  1.00 58.34 ? 25  PHE A CE1 1 
ATOM   153  C  CE2 . PHE A 1 27  ? 10.915  10.158  1.309   1.00 57.22 ? 25  PHE A CE2 1 
ATOM   154  C  CZ  . PHE A 1 27  ? 11.443  11.056  0.326   1.00 59.34 ? 25  PHE A CZ  1 
ATOM   155  N  N   . SER A 1 28  ? 4.421   12.116  2.387   1.00 60.37 ? 26  SER A N   1 
ATOM   156  C  CA  . SER A 1 28  ? 2.956   12.107  2.251   1.00 61.36 ? 26  SER A CA  1 
ATOM   157  C  C   . SER A 1 28  ? 2.395   13.521  2.392   1.00 61.79 ? 26  SER A C   1 
ATOM   158  O  O   . SER A 1 28  ? 1.487   13.902  1.671   1.00 61.96 ? 26  SER A O   1 
ATOM   159  C  CB  . SER A 1 28  ? 2.274   11.129  3.222   1.00 60.94 ? 26  SER A CB  1 
ATOM   160  O  OG  . SER A 1 28  ? 2.336   11.606  4.553   1.00 62.99 ? 26  SER A OG  1 
ATOM   161  N  N   . ASP A 1 29  ? 2.952   14.301  3.310   1.00 62.44 ? 27  ASP A N   1 
ATOM   162  C  CA  . ASP A 1 29  ? 2.573   15.691  3.460   1.00 62.17 ? 27  ASP A CA  1 
ATOM   163  C  C   . ASP A 1 29  ? 2.751   16.489  2.162   1.00 61.61 ? 27  ASP A C   1 
ATOM   164  O  O   . ASP A 1 29  ? 1.837   17.172  1.723   1.00 61.97 ? 27  ASP A O   1 
ATOM   165  C  CB  . ASP A 1 29  ? 3.384   16.325  4.595   1.00 62.61 ? 27  ASP A CB  1 
ATOM   166  C  CG  . ASP A 1 29  ? 2.699   17.557  5.203   1.00 65.50 ? 27  ASP A CG  1 
ATOM   167  O  OD1 . ASP A 1 29  ? 1.478   17.741  4.989   1.00 67.11 ? 27  ASP A OD1 1 
ATOM   168  O  OD2 . ASP A 1 29  ? 3.376   18.345  5.910   1.00 68.13 ? 27  ASP A OD2 1 
ATOM   169  N  N   . ARG A 1 30  ? 3.912   16.370  1.531   1.00 61.56 ? 28  ARG A N   1 
ATOM   170  C  CA  . ARG A 1 30  ? 4.331   17.335  0.505   1.00 61.04 ? 28  ARG A CA  1 
ATOM   171  C  C   . ARG A 1 30  ? 4.576   16.740  -0.871  1.00 60.44 ? 28  ARG A C   1 
ATOM   172  O  O   . ARG A 1 30  ? 4.731   17.481  -1.845  1.00 60.88 ? 28  ARG A O   1 
ATOM   173  C  CB  . ARG A 1 30  ? 5.622   18.030  0.932   1.00 61.01 ? 28  ARG A CB  1 
ATOM   174  C  CG  . ARG A 1 30  ? 5.609   18.599  2.337   1.00 62.50 ? 28  ARG A CG  1 
ATOM   175  C  CD  . ARG A 1 30  ? 6.392   19.933  2.409   1.00 65.03 ? 28  ARG A CD  1 
ATOM   176  N  NE  . ARG A 1 30  ? 7.810   19.806  2.048   1.00 66.15 ? 28  ARG A NE  1 
ATOM   177  C  CZ  . ARG A 1 30  ? 8.832   20.216  2.803   1.00 66.97 ? 28  ARG A CZ  1 
ATOM   178  N  NH1 . ARG A 1 30  ? 8.616   20.798  3.979   1.00 68.12 ? 28  ARG A NH1 1 
ATOM   179  N  NH2 . ARG A 1 30  ? 10.082  20.057  2.376   1.00 66.93 ? 28  ARG A NH2 1 
ATOM   180  N  N   . GLY A 1 31  ? 4.653   15.421  -0.957  1.00 59.01 ? 29  GLY A N   1 
ATOM   181  C  CA  . GLY A 1 31  ? 5.031   14.780  -2.201  1.00 58.30 ? 29  GLY A CA  1 
ATOM   182  C  C   . GLY A 1 31  ? 6.528   14.771  -2.407  1.00 57.94 ? 29  GLY A C   1 
ATOM   183  O  O   . GLY A 1 31  ? 7.237   15.584  -1.805  1.00 58.30 ? 29  GLY A O   1 
ATOM   184  N  N   . PHE A 1 32  ? 6.993   13.877  -3.284  1.00 57.66 ? 30  PHE A N   1 
ATOM   185  C  CA  . PHE A 1 32  ? 8.421   13.615  -3.495  1.00 58.55 ? 30  PHE A CA  1 
ATOM   186  C  C   . PHE A 1 32  ? 9.256   14.832  -3.864  1.00 60.07 ? 30  PHE A C   1 
ATOM   187  O  O   . PHE A 1 32  ? 10.277  15.082  -3.230  1.00 60.50 ? 30  PHE A O   1 
ATOM   188  C  CB  . PHE A 1 32  ? 8.671   12.500  -4.525  1.00 57.63 ? 30  PHE A CB  1 
ATOM   189  C  CG  . PHE A 1 32  ? 10.143  12.290  -4.847  1.00 57.21 ? 30  PHE A CG  1 
ATOM   190  C  CD1 . PHE A 1 32  ? 10.906  11.378  -4.121  1.00 55.11 ? 30  PHE A CD1 1 
ATOM   191  C  CD2 . PHE A 1 32  ? 10.769  13.016  -5.869  1.00 57.21 ? 30  PHE A CD2 1 
ATOM   192  C  CE1 . PHE A 1 32  ? 12.258  11.178  -4.393  1.00 54.47 ? 30  PHE A CE1 1 
ATOM   193  C  CE2 . PHE A 1 32  ? 12.128  12.827  -6.147  1.00 57.94 ? 30  PHE A CE2 1 
ATOM   194  C  CZ  . PHE A 1 32  ? 12.878  11.903  -5.387  1.00 56.95 ? 30  PHE A CZ  1 
ATOM   195  N  N   . HIS A 1 33  ? 8.849   15.563  -4.908  1.00 61.80 ? 31  HIS A N   1 
ATOM   196  C  CA  . HIS A 1 33  ? 9.646   16.680  -5.413  1.00 63.11 ? 31  HIS A CA  1 
ATOM   197  C  C   . HIS A 1 33  ? 9.745   17.843  -4.378  1.00 63.68 ? 31  HIS A C   1 
ATOM   198  O  O   . HIS A 1 33  ? 10.822  18.436  -4.218  1.00 64.36 ? 31  HIS A O   1 
ATOM   199  C  CB  . HIS A 1 33  ? 9.102   17.144  -6.775  1.00 63.39 ? 31  HIS A CB  1 
ATOM   200  C  CG  . HIS A 1 33  ? 10.162  17.542  -7.764  1.00 63.88 ? 31  HIS A CG  1 
ATOM   201  N  ND1 . HIS A 1 33  ? 10.445  18.858  -8.081  1.00 63.81 ? 31  HIS A ND1 1 
ATOM   202  C  CD2 . HIS A 1 33  ? 10.980  16.791  -8.534  1.00 63.71 ? 31  HIS A CD2 1 
ATOM   203  C  CE1 . HIS A 1 33  ? 11.409  18.897  -8.984  1.00 62.93 ? 31  HIS A CE1 1 
ATOM   204  N  NE2 . HIS A 1 33  ? 11.749  17.655  -9.279  0.50 63.70 ? 31  HIS A NE2 1 
ATOM   205  N  N   . GLU A 1 34  ? 8.641   18.133  -3.670  1.00 63.86 ? 32  GLU A N   1 
ATOM   206  C  CA  . GLU A 1 34  ? 8.563   19.257  -2.716  1.00 63.64 ? 32  GLU A CA  1 
ATOM   207  C  C   . GLU A 1 34  ? 8.972   18.872  -1.289  1.00 63.68 ? 32  GLU A C   1 
ATOM   208  O  O   . GLU A 1 34  ? 8.999   19.724  -0.399  1.00 63.75 ? 32  GLU A O   1 
ATOM   209  C  CB  . GLU A 1 34  ? 7.167   19.895  -2.721  1.00 63.84 ? 32  GLU A CB  1 
ATOM   210  C  CG  . GLU A 1 34  ? 7.119   21.400  -2.353  1.00 65.27 ? 32  GLU A CG  1 
ATOM   211  C  CD  . GLU A 1 34  ? 7.426   22.343  -3.531  1.00 66.33 ? 32  GLU A CD  1 
ATOM   212  O  OE1 . GLU A 1 34  ? 7.053   23.542  -3.473  1.00 68.26 ? 32  GLU A OE1 1 
ATOM   213  O  OE2 . GLU A 1 34  ? 8.041   21.894  -4.523  1.00 67.10 ? 32  GLU A OE2 1 
ATOM   214  N  N   . THR A 1 35  ? 9.278   17.593  -1.076  1.00 63.04 ? 33  THR A N   1 
ATOM   215  C  CA  . THR A 1 35  ? 9.940   17.155  0.150   1.00 62.89 ? 33  THR A CA  1 
ATOM   216  C  C   . THR A 1 35  ? 11.454  17.392  0.041   1.00 62.13 ? 33  THR A C   1 
ATOM   217  O  O   . THR A 1 35  ? 12.029  17.174  -1.016  1.00 62.10 ? 33  THR A O   1 
ATOM   218  C  CB  . THR A 1 35  ? 9.630   15.669  0.463   1.00 62.90 ? 33  THR A CB  1 
ATOM   219  O  OG1 . THR A 1 35  ? 8.376   15.594  1.159   1.00 64.55 ? 33  THR A OG1 1 
ATOM   220  C  CG2 . THR A 1 35  ? 10.709  15.041  1.328   1.00 62.70 ? 33  THR A CG2 1 
ATOM   221  N  N   . SER A 1 36  ? 12.084  17.844  1.119   1.00 60.93 ? 34  SER A N   1 
ATOM   222  C  CA  . SER A 1 36  ? 13.520  18.078  1.105   1.00 60.52 ? 34  SER A CA  1 
ATOM   223  C  C   . SER A 1 36  ? 14.168  17.296  2.212   1.00 59.87 ? 34  SER A C   1 
ATOM   224  O  O   . SER A 1 36  ? 13.519  16.934  3.193   1.00 59.40 ? 34  SER A O   1 
ATOM   225  C  CB  . SER A 1 36  ? 13.824  19.566  1.304   1.00 60.99 ? 34  SER A CB  1 
ATOM   226  O  OG  . SER A 1 36  ? 13.353  20.044  2.564   1.00 62.04 ? 34  SER A OG  1 
HETATM 227  N  N   . MSE A 1 37  ? 15.456  17.034  2.054   1.00 59.71 ? 35  MSE A N   1 
HETATM 228  C  CA  . MSE A 1 37  ? 16.234  16.376  3.110   1.00 59.38 ? 35  MSE A CA  1 
HETATM 229  C  C   . MSE A 1 37  ? 16.228  17.248  4.365   1.00 58.70 ? 35  MSE A C   1 
HETATM 230  O  O   . MSE A 1 37  ? 16.182  16.749  5.483   1.00 58.29 ? 35  MSE A O   1 
HETATM 231  C  CB  . MSE A 1 37  ? 17.640  16.067  2.607   1.00 59.10 ? 35  MSE A CB  1 
HETATM 232  C  CG  . MSE A 1 37  ? 17.635  14.999  1.530   1.00 61.11 ? 35  MSE A CG  1 
HETATM 233  SE SE  . MSE A 1 37  ? 16.987  13.305  2.235   0.65 64.27 ? 35  MSE A SE  1 
HETATM 234  C  CE  . MSE A 1 37  ? 18.728  12.538  2.578   1.00 63.12 ? 35  MSE A CE  1 
ATOM   235  N  N   . ASP A 1 38  ? 16.215  18.550  4.139   1.00 58.92 ? 36  ASP A N   1 
ATOM   236  C  CA  . ASP A 1 38  ? 16.034  19.551  5.156   1.00 59.99 ? 36  ASP A CA  1 
ATOM   237  C  C   . ASP A 1 38  ? 14.853  19.233  6.050   1.00 59.93 ? 36  ASP A C   1 
ATOM   238  O  O   . ASP A 1 38  ? 14.988  19.073  7.259   1.00 60.61 ? 36  ASP A O   1 
ATOM   239  C  CB  . ASP A 1 38  ? 15.722  20.886  4.483   1.00 60.37 ? 36  ASP A CB  1 
ATOM   240  C  CG  . ASP A 1 38  ? 16.932  21.807  4.373   1.00 63.04 ? 36  ASP A CG  1 
ATOM   241  O  OD1 . ASP A 1 38  ? 17.948  21.621  5.096   1.00 64.82 ? 36  ASP A OD1 1 
ATOM   242  O  OD2 . ASP A 1 38  ? 16.841  22.760  3.561   1.00 64.20 ? 36  ASP A OD2 1 
ATOM   243  N  N   . ALA A 1 39  ? 13.681  19.185  5.439   1.00 60.04 ? 37  ALA A N   1 
ATOM   244  C  CA  . ALA A 1 39  ? 12.442  19.033  6.167   1.00 59.70 ? 37  ALA A CA  1 
ATOM   245  C  C   . ALA A 1 39  ? 12.374  17.669  6.856   1.00 59.38 ? 37  ALA A C   1 
ATOM   246  O  O   . ALA A 1 39  ? 11.967  17.580  8.018   1.00 60.11 ? 37  ALA A O   1 
ATOM   247  C  CB  . ALA A 1 39  ? 11.282  19.241  5.234   1.00 59.49 ? 37  ALA A CB  1 
ATOM   248  N  N   . ILE A 1 40  ? 12.799  16.610  6.168   1.00 58.94 ? 38  ILE A N   1 
ATOM   249  C  CA  . ILE A 1 40  ? 12.874  15.286  6.812   1.00 58.01 ? 38  ILE A CA  1 
ATOM   250  C  C   . ILE A 1 40  ? 13.771  15.305  8.056   1.00 57.88 ? 38  ILE A C   1 
ATOM   251  O  O   . ILE A 1 40  ? 13.343  14.828  9.107   1.00 57.45 ? 38  ILE A O   1 
ATOM   252  C  CB  . ILE A 1 40  ? 13.323  14.145  5.867   1.00 57.30 ? 38  ILE A CB  1 
ATOM   253  C  CG1 . ILE A 1 40  ? 12.282  13.887  4.770   1.00 56.59 ? 38  ILE A CG1 1 
ATOM   254  C  CG2 . ILE A 1 40  ? 13.538  12.872  6.662   1.00 55.57 ? 38  ILE A CG2 1 
ATOM   255  C  CD1 . ILE A 1 40  ? 12.846  13.123  3.550   1.00 49.63 ? 38  ILE A CD1 1 
ATOM   256  N  N   . ALA A 1 41  ? 15.010  15.828  7.923   1.00 58.45 ? 39  ALA A N   1 
ATOM   257  C  CA  . ALA A 1 41  ? 15.987  15.943  9.069   1.00 57.98 ? 39  ALA A CA  1 
ATOM   258  C  C   . ALA A 1 41  ? 15.404  16.661  10.283  1.00 57.64 ? 39  ALA A C   1 
ATOM   259  O  O   . ALA A 1 41  ? 15.538  16.170  11.403  1.00 57.94 ? 39  ALA A O   1 
ATOM   260  C  CB  . ALA A 1 41  ? 17.295  16.608  8.648   1.00 57.18 ? 39  ALA A CB  1 
ATOM   261  N  N   . ALA A 1 42  ? 14.754  17.808  10.066  1.00 57.26 ? 40  ALA A N   1 
ATOM   262  C  CA  . ALA A 1 42  ? 14.008  18.484  11.161  1.00 57.72 ? 40  ALA A CA  1 
ATOM   263  C  C   . ALA A 1 42  ? 12.945  17.587  11.825  1.00 58.00 ? 40  ALA A C   1 
ATOM   264  O  O   . ALA A 1 42  ? 12.887  17.527  13.064  1.00 57.83 ? 40  ALA A O   1 
ATOM   265  C  CB  . ALA A 1 42  ? 13.382  19.786  10.685  1.00 57.24 ? 40  ALA A CB  1 
ATOM   266  N  N   . LYS A 1 43  ? 12.138  16.896  11.006  1.00 57.78 ? 41  LYS A N   1 
ATOM   267  C  CA  . LYS A 1 43  ? 11.056  15.999  11.490  1.00 58.72 ? 41  LYS A CA  1 
ATOM   268  C  C   . LYS A 1 43  ? 11.551  14.842  12.357  1.00 58.61 ? 41  LYS A C   1 
ATOM   269  O  O   . LYS A 1 43  ? 10.954  14.491  13.379  1.00 59.06 ? 41  LYS A O   1 
ATOM   270  C  CB  . LYS A 1 43  ? 10.231  15.444  10.314  1.00 58.55 ? 41  LYS A CB  1 
ATOM   271  C  CG  . LYS A 1 43  ? 9.093   16.359  9.868   1.00 61.06 ? 41  LYS A CG  1 
ATOM   272  C  CD  . LYS A 1 43  ? 7.735   16.049  10.559  1.00 62.20 ? 41  LYS A CD  1 
ATOM   273  C  CE  . LYS A 1 43  ? 6.855   17.296  10.613  1.00 62.14 ? 41  LYS A CE  1 
ATOM   274  N  NZ  . LYS A 1 43  ? 5.405   16.961  10.683  1.00 64.32 ? 41  LYS A NZ  1 
ATOM   275  N  N   . ALA A 1 44  ? 12.643  14.238  11.923  1.00 58.66 ? 42  ALA A N   1 
ATOM   276  C  CA  . ALA A 1 44  ? 13.301  13.195  12.693  1.00 58.48 ? 42  ALA A CA  1 
ATOM   277  C  C   . ALA A 1 44  ? 14.108  13.799  13.846  1.00 58.00 ? 42  ALA A C   1 
ATOM   278  O  O   . ALA A 1 44  ? 14.698  13.076  14.646  1.00 57.43 ? 42  ALA A O   1 
ATOM   279  C  CB  . ALA A 1 44  ? 14.201  12.366  11.767  1.00 57.86 ? 42  ALA A CB  1 
ATOM   280  N  N   . GLU A 1 45  ? 14.133  15.122  13.908  1.00 58.38 ? 43  GLU A N   1 
ATOM   281  C  CA  . GLU A 1 45  ? 14.928  15.850  14.907  1.00 60.28 ? 43  GLU A CA  1 
ATOM   282  C  C   . GLU A 1 45  ? 16.373  15.327  15.015  1.00 60.72 ? 43  GLU A C   1 
ATOM   283  O  O   . GLU A 1 45  ? 16.955  15.216  16.110  1.00 61.08 ? 43  GLU A O   1 
ATOM   284  C  CB  . GLU A 1 45  ? 14.243  15.838  16.272  1.00 60.29 ? 43  GLU A CB  1 
ATOM   285  C  CG  . GLU A 1 45  ? 12.729  15.963  16.202  1.00 62.20 ? 43  GLU A CG  1 
ATOM   286  C  CD  . GLU A 1 45  ? 12.102  16.312  17.542  1.00 64.23 ? 43  GLU A CD  1 
ATOM   287  O  OE1 . GLU A 1 45  ? 12.442  17.380  18.088  1.00 63.70 ? 43  GLU A OE1 1 
ATOM   288  O  OE2 . GLU A 1 45  ? 11.254  15.526  18.035  1.00 66.68 ? 43  GLU A OE2 1 
ATOM   289  N  N   . ILE A 1 46  ? 16.934  15.004  13.854  1.00 60.96 ? 44  ILE A N   1 
ATOM   290  C  CA  . ILE A 1 46  ? 18.298  14.555  13.738  1.00 60.35 ? 44  ILE A CA  1 
ATOM   291  C  C   . ILE A 1 46  ? 19.027  15.584  12.873  1.00 60.08 ? 44  ILE A C   1 
ATOM   292  O  O   . ILE A 1 46  ? 18.394  16.468  12.278  1.00 60.83 ? 44  ILE A O   1 
ATOM   293  C  CB  . ILE A 1 46  ? 18.324  13.100  13.190  1.00 60.70 ? 44  ILE A CB  1 
ATOM   294  C  CG1 . ILE A 1 46  ? 19.281  12.258  14.015  1.00 60.85 ? 44  ILE A CG1 1 
ATOM   295  C  CG2 . ILE A 1 46  ? 18.575  13.017  11.678  1.00 60.27 ? 44  ILE A CG2 1 
ATOM   296  C  CD1 . ILE A 1 46  ? 18.899  12.183  15.474  1.00 61.90 ? 44  ILE A CD1 1 
ATOM   297  N  N   . SER A 1 47  ? 20.345  15.519  12.830  1.00 58.94 ? 45  SER A N   1 
ATOM   298  C  CA  . SER A 1 47  ? 21.083  16.471  12.031  1.00 58.02 ? 45  SER A CA  1 
ATOM   299  C  C   . SER A 1 47  ? 20.981  16.058  10.540  1.00 57.73 ? 45  SER A C   1 
ATOM   300  O  O   . SER A 1 47  ? 20.746  14.882  10.231  1.00 57.36 ? 45  SER A O   1 
ATOM   301  C  CB  . SER A 1 47  ? 22.540  16.533  12.492  1.00 57.51 ? 45  SER A CB  1 
ATOM   302  O  OG  . SER A 1 47  ? 23.376  16.169  11.429  1.00 56.06 ? 45  SER A OG  1 
ATOM   303  N  N   . LYS A 1 48  ? 21.133  17.030  9.637   1.00 56.93 ? 46  LYS A N   1 
ATOM   304  C  CA  . LYS A 1 48  ? 21.094  16.785  8.199   1.00 56.60 ? 46  LYS A CA  1 
ATOM   305  C  C   . LYS A 1 48  ? 22.320  15.936  7.755   1.00 56.30 ? 46  LYS A C   1 
ATOM   306  O  O   . LYS A 1 48  ? 22.150  14.934  7.048   1.00 55.95 ? 46  LYS A O   1 
ATOM   307  C  CB  . LYS A 1 48  ? 20.998  18.106  7.442   1.00 56.49 ? 46  LYS A CB  1 
ATOM   308  C  CG  . LYS A 1 48  ? 20.549  17.997  6.010   1.00 59.03 ? 46  LYS A CG  1 
ATOM   309  C  CD  . LYS A 1 48  ? 20.267  19.403  5.428   1.00 64.73 ? 46  LYS A CD  1 
ATOM   310  C  CE  . LYS A 1 48  ? 19.870  19.379  3.918   1.00 66.82 ? 46  LYS A CE  1 
ATOM   311  N  NZ  . LYS A 1 48  ? 20.242  20.675  3.206   1.00 65.68 ? 46  LYS A NZ  1 
ATOM   312  N  N   . PRO A 1 49  ? 23.545  16.318  8.191   1.00 55.36 ? 47  PRO A N   1 
ATOM   313  C  CA  . PRO A 1 49  ? 24.695  15.444  7.984   1.00 55.18 ? 47  PRO A CA  1 
ATOM   314  C  C   . PRO A 1 49  ? 24.438  13.993  8.421   1.00 55.11 ? 47  PRO A C   1 
ATOM   315  O  O   . PRO A 1 49  ? 24.877  13.064  7.721   1.00 54.82 ? 47  PRO A O   1 
ATOM   316  C  CB  . PRO A 1 49  ? 25.798  16.080  8.855   1.00 54.73 ? 47  PRO A CB  1 
ATOM   317  C  CG  . PRO A 1 49  ? 25.426  17.520  8.999   1.00 54.85 ? 47  PRO A CG  1 
ATOM   318  C  CD  . PRO A 1 49  ? 23.943  17.659  8.669   1.00 55.63 ? 47  PRO A CD  1 
HETATM 319  N  N   . MSE A 1 50  ? 23.757  13.812  9.556   1.00 54.77 ? 48  MSE A N   1 
HETATM 320  C  CA  . MSE A 1 50  ? 23.376  12.498  10.056  1.00 55.73 ? 48  MSE A CA  1 
HETATM 321  C  C   . MSE A 1 50  ? 22.571  11.710  9.049   1.00 55.20 ? 48  MSE A C   1 
HETATM 322  O  O   . MSE A 1 50  ? 22.949  10.585  8.697   1.00 55.15 ? 48  MSE A O   1 
HETATM 323  C  CB  . MSE A 1 50  ? 22.544  12.637  11.309  1.00 57.06 ? 48  MSE A CB  1 
HETATM 324  C  CG  . MSE A 1 50  ? 23.303  12.391  12.575  1.00 65.36 ? 48  MSE A CG  1 
HETATM 325  SE SE  . MSE A 1 50  ? 23.608  10.468  12.677  0.80 82.81 ? 48  MSE A SE  1 
HETATM 326  C  CE  . MSE A 1 50  ? 21.768  9.948   13.149  1.00 77.93 ? 48  MSE A CE  1 
ATOM   327  N  N   . LEU A 1 51  ? 21.464  12.304  8.594   1.00 53.80 ? 49  LEU A N   1 
ATOM   328  C  CA  . LEU A 1 51  ? 20.603  11.698  7.580   1.00 53.22 ? 49  LEU A CA  1 
ATOM   329  C  C   . LEU A 1 51  ? 21.409  11.165  6.365   1.00 52.70 ? 49  LEU A C   1 
ATOM   330  O  O   . LEU A 1 51  ? 21.235  10.023  5.933   1.00 51.54 ? 49  LEU A O   1 
ATOM   331  C  CB  . LEU A 1 51  ? 19.577  12.733  7.106   1.00 52.92 ? 49  LEU A CB  1 
ATOM   332  C  CG  . LEU A 1 51  ? 18.085  12.452  7.108   1.00 52.86 ? 49  LEU A CG  1 
ATOM   333  C  CD1 . LEU A 1 51  ? 17.432  13.271  6.038   1.00 52.96 ? 49  LEU A CD1 1 
ATOM   334  C  CD2 . LEU A 1 51  ? 17.720  11.016  6.928   1.00 50.65 ? 49  LEU A CD2 1 
ATOM   335  N  N   . TYR A 1 52  ? 22.293  11.998  5.823   1.00 52.32 ? 50  TYR A N   1 
ATOM   336  C  CA  . TYR A 1 52  ? 23.086  11.605  4.653   1.00 52.45 ? 50  TYR A CA  1 
ATOM   337  C  C   . TYR A 1 52  ? 24.037  10.456  4.910   1.00 52.04 ? 50  TYR A C   1 
ATOM   338  O  O   . TYR A 1 52  ? 24.380  9.718   3.979   1.00 52.21 ? 50  TYR A O   1 
ATOM   339  C  CB  . TYR A 1 52  ? 23.866  12.794  4.116   1.00 52.50 ? 50  TYR A CB  1 
ATOM   340  C  CG  . TYR A 1 52  ? 23.024  13.689  3.280   1.00 54.52 ? 50  TYR A CG  1 
ATOM   341  C  CD1 . TYR A 1 52  ? 22.380  14.760  3.837   1.00 57.82 ? 50  TYR A CD1 1 
ATOM   342  C  CD2 . TYR A 1 52  ? 22.843  13.437  1.931   1.00 58.28 ? 50  TYR A CD2 1 
ATOM   343  C  CE1 . TYR A 1 52  ? 21.574  15.574  3.069   1.00 62.51 ? 50  TYR A CE1 1 
ATOM   344  C  CE2 . TYR A 1 52  ? 22.050  14.248  1.141   1.00 60.70 ? 50  TYR A CE2 1 
ATOM   345  C  CZ  . TYR A 1 52  ? 21.420  15.324  1.710   1.00 62.86 ? 50  TYR A CZ  1 
ATOM   346  O  OH  . TYR A 1 52  ? 20.624  16.163  0.946   1.00 65.82 ? 50  TYR A OH  1 
ATOM   347  N  N   . LEU A 1 53  ? 24.481  10.311  6.157   1.00 51.43 ? 51  LEU A N   1 
ATOM   348  C  CA  . LEU A 1 53  ? 25.285  9.138   6.525   1.00 51.85 ? 51  LEU A CA  1 
ATOM   349  C  C   . LEU A 1 53  ? 24.460  7.830   6.547   1.00 52.00 ? 51  LEU A C   1 
ATOM   350  O  O   . LEU A 1 53  ? 25.033  6.754   6.588   1.00 51.57 ? 51  LEU A O   1 
ATOM   351  C  CB  . LEU A 1 53  ? 26.078  9.340   7.852   1.00 51.66 ? 51  LEU A CB  1 
ATOM   352  C  CG  . LEU A 1 53  ? 27.132  10.448  7.968   1.00 49.79 ? 51  LEU A CG  1 
ATOM   353  C  CD1 . LEU A 1 53  ? 27.652  10.537  9.364   1.00 49.26 ? 51  LEU A CD1 1 
ATOM   354  C  CD2 . LEU A 1 53  ? 28.273  10.201  7.009   1.00 50.05 ? 51  LEU A CD2 1 
ATOM   355  N  N   . TYR A 1 54  ? 23.130  7.931   6.520   1.00 52.67 ? 52  TYR A N   1 
ATOM   356  C  CA  . TYR A 1 54  ? 22.284  6.744   6.431   1.00 54.10 ? 52  TYR A CA  1 
ATOM   357  C  C   . TYR A 1 54  ? 21.722  6.641   5.043   1.00 55.60 ? 52  TYR A C   1 
ATOM   358  O  O   . TYR A 1 54  ? 21.664  5.540   4.489   1.00 56.50 ? 52  TYR A O   1 
ATOM   359  C  CB  . TYR A 1 54  ? 21.140  6.705   7.465   1.00 53.40 ? 52  TYR A CB  1 
ATOM   360  C  CG  . TYR A 1 54  ? 21.621  6.445   8.850   1.00 53.86 ? 52  TYR A CG  1 
ATOM   361  C  CD1 . TYR A 1 54  ? 21.608  5.157   9.403   1.00 54.03 ? 52  TYR A CD1 1 
ATOM   362  C  CD2 . TYR A 1 54  ? 22.153  7.495   9.618   1.00 56.89 ? 52  TYR A CD2 1 
ATOM   363  C  CE1 . TYR A 1 54  ? 22.108  4.932   10.722  1.00 53.76 ? 52  TYR A CE1 1 
ATOM   364  C  CE2 . TYR A 1 54  ? 22.668  7.291   10.918  1.00 55.16 ? 52  TYR A CE2 1 
ATOM   365  C  CZ  . TYR A 1 54  ? 22.632  6.029   11.470  1.00 55.30 ? 52  TYR A CZ  1 
ATOM   366  O  OH  . TYR A 1 54  ? 23.129  5.907   12.757  1.00 56.06 ? 52  TYR A OH  1 
ATOM   367  N  N   . TYR A 1 55  ? 21.309  7.765   4.463   1.00 56.73 ? 53  TYR A N   1 
ATOM   368  C  CA  . TYR A 1 55  ? 20.652  7.692   3.163   1.00 57.75 ? 53  TYR A CA  1 
ATOM   369  C  C   . TYR A 1 55  ? 21.414  8.277   1.994   1.00 58.70 ? 53  TYR A C   1 
ATOM   370  O  O   . TYR A 1 55  ? 21.645  7.570   0.992   1.00 59.65 ? 53  TYR A O   1 
ATOM   371  C  CB  . TYR A 1 55  ? 19.168  8.085   3.238   1.00 58.13 ? 53  TYR A CB  1 
ATOM   372  C  CG  . TYR A 1 55  ? 18.465  7.080   4.111   1.00 58.41 ? 53  TYR A CG  1 
ATOM   373  C  CD1 . TYR A 1 55  ? 18.140  5.801   3.604   1.00 60.12 ? 53  TYR A CD1 1 
ATOM   374  C  CD2 . TYR A 1 55  ? 18.235  7.345   5.467   1.00 58.45 ? 53  TYR A CD2 1 
ATOM   375  C  CE1 . TYR A 1 55  ? 17.563  4.828   4.413   1.00 58.03 ? 53  TYR A CE1 1 
ATOM   376  C  CE2 . TYR A 1 55  ? 17.660  6.367   6.294   1.00 59.81 ? 53  TYR A CE2 1 
ATOM   377  C  CZ  . TYR A 1 55  ? 17.308  5.120   5.743   1.00 59.74 ? 53  TYR A CZ  1 
ATOM   378  O  OH  . TYR A 1 55  ? 16.709  4.160   6.537   1.00 64.94 ? 53  TYR A OH  1 
ATOM   379  N  N   . GLY A 1 56  ? 21.863  9.514   2.089   1.00 58.43 ? 54  GLY A N   1 
ATOM   380  C  CA  . GLY A 1 56  ? 22.830  9.907   1.073   1.00 58.00 ? 54  GLY A CA  1 
ATOM   381  C  C   . GLY A 1 56  ? 22.204  10.645  -0.082  1.00 57.80 ? 54  GLY A C   1 
ATOM   382  O  O   . GLY A 1 56  ? 22.883  11.460  -0.717  1.00 58.09 ? 54  GLY A O   1 
ATOM   383  N  N   . SER A 1 57  ? 20.917  10.373  -0.344  1.00 56.88 ? 55  SER A N   1 
ATOM   384  C  CA  . SER A 1 57  ? 20.123  11.192  -1.245  1.00 55.80 ? 55  SER A CA  1 
ATOM   385  C  C   . SER A 1 57  ? 18.651  11.042  -0.929  1.00 55.48 ? 55  SER A C   1 
ATOM   386  O  O   . SER A 1 57  ? 18.228  10.037  -0.331  1.00 55.75 ? 55  SER A O   1 
ATOM   387  C  CB  . SER A 1 57  ? 20.362  10.776  -2.682  1.00 56.01 ? 55  SER A CB  1 
ATOM   388  O  OG  . SER A 1 57  ? 19.750  9.534   -2.888  1.00 55.01 ? 55  SER A OG  1 
ATOM   389  N  N   . LYS A 1 58  ? 17.873  12.029  -1.380  1.00 54.19 ? 56  LYS A N   1 
ATOM   390  C  CA  . LYS A 1 58  ? 16.422  12.073  -1.173  1.00 52.83 ? 56  LYS A CA  1 
ATOM   391  C  C   . LYS A 1 58  ? 15.737  10.834  -1.694  1.00 52.41 ? 56  LYS A C   1 
ATOM   392  O  O   . LYS A 1 58  ? 14.867  10.290  -1.023  1.00 53.04 ? 56  LYS A O   1 
ATOM   393  C  CB  . LYS A 1 58  ? 15.794  13.313  -1.814  1.00 52.47 ? 56  LYS A CB  1 
ATOM   394  C  CG  . LYS A 1 58  ? 14.404  13.631  -1.307  1.00 50.68 ? 56  LYS A CG  1 
ATOM   395  C  CD  . LYS A 1 58  ? 13.467  14.129  -2.406  1.00 51.31 ? 56  LYS A CD  1 
ATOM   396  C  CE  . LYS A 1 58  ? 13.793  15.526  -2.958  1.00 51.80 ? 56  LYS A CE  1 
ATOM   397  N  NZ  . LYS A 1 58  ? 12.783  15.999  -4.008  1.00 51.89 ? 56  LYS A NZ  1 
ATOM   398  N  N   . ASP A 1 59  ? 16.138  10.370  -2.868  1.00 51.33 ? 57  ASP A N   1 
ATOM   399  C  CA  . ASP A 1 59  ? 15.421  9.278   -3.507  1.00 51.19 ? 57  ASP A CA  1 
ATOM   400  C  C   . ASP A 1 59  ? 15.816  7.921   -2.958  1.00 49.67 ? 57  ASP A C   1 
ATOM   401  O  O   . ASP A 1 59  ? 14.987  7.029   -2.911  1.00 49.56 ? 57  ASP A O   1 
ATOM   402  C  CB  . ASP A 1 59  ? 15.557  9.329   -5.035  1.00 52.23 ? 57  ASP A CB  1 
ATOM   403  C  CG  . ASP A 1 59  ? 16.973  9.639   -5.489  1.00 54.20 ? 57  ASP A CG  1 
ATOM   404  O  OD1 . ASP A 1 59  ? 17.252  9.523   -6.712  1.00 55.69 ? 57  ASP A OD1 1 
ATOM   405  O  OD2 . ASP A 1 59  ? 17.806  10.015  -4.618  1.00 58.03 ? 57  ASP A OD2 1 
ATOM   406  N  N   . GLU A 1 60  ? 17.063  7.794   -2.511  1.00 47.90 ? 58  GLU A N   1 
ATOM   407  C  CA  . GLU A 1 60  ? 17.514  6.618   -1.794  1.00 46.75 ? 58  GLU A CA  1 
ATOM   408  C  C   . GLU A 1 60  ? 16.717  6.424   -0.487  1.00 45.65 ? 58  GLU A C   1 
ATOM   409  O  O   . GLU A 1 60  ? 16.309  5.308   -0.150  1.00 46.33 ? 58  GLU A O   1 
ATOM   410  C  CB  . GLU A 1 60  ? 19.004  6.734   -1.502  1.00 47.18 ? 58  GLU A CB  1 
ATOM   411  C  CG  . GLU A 1 60  ? 19.610  5.534   -0.778  1.00 50.22 ? 58  GLU A CG  1 
ATOM   412  C  CD  . GLU A 1 60  ? 20.173  4.500   -1.730  1.00 54.92 ? 58  GLU A CD  1 
ATOM   413  O  OE1 . GLU A 1 60  ? 21.234  4.793   -2.322  1.00 58.00 ? 58  GLU A OE1 1 
ATOM   414  O  OE2 . GLU A 1 60  ? 19.574  3.402   -1.897  1.00 58.00 ? 58  GLU A OE2 1 
ATOM   415  N  N   . LEU A 1 61  ? 16.478  7.522   0.220   1.00 43.79 ? 59  LEU A N   1 
ATOM   416  C  CA  . LEU A 1 61  ? 15.620  7.538   1.386   1.00 42.72 ? 59  LEU A CA  1 
ATOM   417  C  C   . LEU A 1 61  ? 14.184  7.197   1.001   1.00 42.53 ? 59  LEU A C   1 
ATOM   418  O  O   . LEU A 1 61  ? 13.472  6.483   1.712   1.00 41.77 ? 59  LEU A O   1 
ATOM   419  C  CB  . LEU A 1 61  ? 15.653  8.931   2.018   1.00 42.09 ? 59  LEU A CB  1 
ATOM   420  C  CG  . LEU A 1 61  ? 15.453  8.990   3.530   1.00 42.25 ? 59  LEU A CG  1 
ATOM   421  C  CD1 . LEU A 1 61  ? 15.137  10.392  3.996   1.00 40.13 ? 59  LEU A CD1 1 
ATOM   422  C  CD2 . LEU A 1 61  ? 14.422  8.000   4.023   1.00 38.79 ? 59  LEU A CD2 1 
ATOM   423  N  N   . PHE A 1 62  ? 13.772  7.728   -0.151  1.00 42.69 ? 60  PHE A N   1 
ATOM   424  C  CA  . PHE A 1 62  ? 12.447  7.497   -0.692  1.00 41.79 ? 60  PHE A CA  1 
ATOM   425  C  C   . PHE A 1 62  ? 12.260  6.048   -1.031  1.00 41.09 ? 60  PHE A C   1 
ATOM   426  O  O   . PHE A 1 62  ? 11.208  5.519   -0.810  1.00 42.00 ? 60  PHE A O   1 
ATOM   427  C  CB  . PHE A 1 62  ? 12.187  8.308   -1.961  1.00 41.83 ? 60  PHE A CB  1 
ATOM   428  C  CG  . PHE A 1 62  ? 10.782  8.200   -2.419  1.00 41.79 ? 60  PHE A CG  1 
ATOM   429  C  CD1 . PHE A 1 62  ? 9.757   8.789   -1.680  1.00 43.52 ? 60  PHE A CD1 1 
ATOM   430  C  CD2 . PHE A 1 62  ? 10.457  7.465   -3.527  1.00 43.45 ? 60  PHE A CD2 1 
ATOM   431  C  CE1 . PHE A 1 62  ? 8.427   8.686   -2.067  1.00 43.59 ? 60  PHE A CE1 1 
ATOM   432  C  CE2 . PHE A 1 62  ? 9.122   7.355   -3.940  1.00 45.52 ? 60  PHE A CE2 1 
ATOM   433  C  CZ  . PHE A 1 62  ? 8.101   7.968   -3.202  1.00 46.63 ? 60  PHE A CZ  1 
ATOM   434  N  N   . ALA A 1 63  ? 13.271  5.404   -1.579  1.00 39.96 ? 61  ALA A N   1 
ATOM   435  C  CA  . ALA A 1 63  ? 13.162  3.975   -1.838  1.00 39.19 ? 61  ALA A CA  1 
ATOM   436  C  C   . ALA A 1 63  ? 13.163  3.168   -0.506  1.00 38.54 ? 61  ALA A C   1 
ATOM   437  O  O   . ALA A 1 63  ? 12.459  2.166   -0.395  1.00 38.24 ? 61  ALA A O   1 
ATOM   438  C  CB  . ALA A 1 63  ? 14.319  3.527   -2.759  1.00 38.61 ? 61  ALA A CB  1 
ATOM   439  N  N   . ALA A 1 64  ? 13.949  3.581   0.500   1.00 38.10 ? 62  ALA A N   1 
ATOM   440  C  CA  . ALA A 1 64  ? 13.952  2.819   1.791   1.00 38.31 ? 62  ALA A CA  1 
ATOM   441  C  C   . ALA A 1 64  ? 12.549  2.876   2.413   1.00 38.53 ? 62  ALA A C   1 
ATOM   442  O  O   . ALA A 1 64  ? 11.922  1.886   2.733   1.00 37.88 ? 62  ALA A O   1 
ATOM   443  C  CB  . ALA A 1 64  ? 14.983  3.359   2.750   1.00 36.21 ? 62  ALA A CB  1 
ATOM   444  N  N   . CYS A 1 65  ? 12.055  4.084   2.508   1.00 40.02 ? 63  CYS A N   1 
ATOM   445  C  CA  . CYS A 1 65  ? 10.696  4.337   2.906   1.00 42.43 ? 63  CYS A CA  1 
ATOM   446  C  C   . CYS A 1 65  ? 9.692   3.544   2.090   1.00 42.36 ? 63  CYS A C   1 
ATOM   447  O  O   . CYS A 1 65  ? 8.768   2.938   2.647   1.00 42.38 ? 63  CYS A O   1 
ATOM   448  C  CB  . CYS A 1 65  ? 10.440  5.826   2.723   1.00 42.75 ? 63  CYS A CB  1 
ATOM   449  S  SG  . CYS A 1 65  ? 9.236   6.378   3.848   1.00 50.36 ? 63  CYS A SG  1 
ATOM   450  N  N   . ILE A 1 66  ? 9.868   3.518   0.772   1.00 42.57 ? 64  ILE A N   1 
ATOM   451  C  CA  . ILE A 1 66  ? 8.939   2.785   -0.070  1.00 43.56 ? 64  ILE A CA  1 
ATOM   452  C  C   . ILE A 1 66  ? 9.038   1.290   0.216   1.00 43.91 ? 64  ILE A C   1 
ATOM   453  O  O   . ILE A 1 66  ? 8.036   0.593   0.329   1.00 43.62 ? 64  ILE A O   1 
ATOM   454  C  CB  . ILE A 1 66  ? 9.134   3.097   -1.608  1.00 43.98 ? 64  ILE A CB  1 
ATOM   455  C  CG1 . ILE A 1 66  ? 8.543   4.465   -1.929  1.00 44.64 ? 64  ILE A CG1 1 
ATOM   456  C  CG2 . ILE A 1 66  ? 8.505   2.013   -2.507  1.00 41.28 ? 64  ILE A CG2 1 
ATOM   457  C  CD1 . ILE A 1 66  ? 7.123   4.425   -2.389  1.00 47.22 ? 64  ILE A CD1 1 
ATOM   458  N  N   . GLN A 1 67  ? 10.257  0.802   0.306   1.00 44.57 ? 65  GLN A N   1 
ATOM   459  C  CA  . GLN A 1 67  ? 10.490  -0.581  0.703   1.00 45.74 ? 65  GLN A CA  1 
ATOM   460  C  C   . GLN A 1 67  ? 9.756   -0.954  2.019   1.00 45.13 ? 65  GLN A C   1 
ATOM   461  O  O   . GLN A 1 67  ? 9.058   -1.965  2.059   1.00 45.94 ? 65  GLN A O   1 
ATOM   462  C  CB  . GLN A 1 67  ? 11.996  -0.771  0.869   1.00 46.73 ? 65  GLN A CB  1 
ATOM   463  C  CG  . GLN A 1 67  ? 12.696  -1.156  -0.406  1.00 50.89 ? 65  GLN A CG  1 
ATOM   464  C  CD  . GLN A 1 67  ? 12.519  -2.650  -0.702  1.00 54.57 ? 65  GLN A CD  1 
ATOM   465  O  OE1 . GLN A 1 67  ? 12.115  -3.029  -1.801  1.00 55.68 ? 65  GLN A OE1 1 
ATOM   466  N  NE2 . GLN A 1 67  ? 12.807  -3.493  0.292   1.00 54.23 ? 65  GLN A NE2 1 
ATOM   467  N  N   . ARG A 1 68  ? 9.929   -0.145  3.077   1.00 43.76 ? 66  ARG A N   1 
ATOM   468  C  CA  . ARG A 1 68  ? 9.353   -0.411  4.370   1.00 42.72 ? 66  ARG A CA  1 
ATOM   469  C  C   . ARG A 1 68  ? 7.812   -0.346  4.380   1.00 43.52 ? 66  ARG A C   1 
ATOM   470  O  O   . ARG A 1 68  ? 7.155   -1.268  4.888   1.00 44.66 ? 66  ARG A O   1 
ATOM   471  C  CB  . ARG A 1 68  ? 9.911   0.531   5.436   1.00 42.14 ? 66  ARG A CB  1 
ATOM   472  C  CG  . ARG A 1 68  ? 9.495   0.056   6.853   1.00 42.53 ? 66  ARG A CG  1 
ATOM   473  C  CD  . ARG A 1 68  ? 9.944   0.954   7.980   1.00 41.80 ? 66  ARG A CD  1 
ATOM   474  N  NE  . ARG A 1 68  ? 9.116   2.144   7.971   1.00 41.10 ? 66  ARG A NE  1 
ATOM   475  C  CZ  . ARG A 1 68  ? 9.044   3.046   8.946   1.00 42.27 ? 66  ARG A CZ  1 
ATOM   476  N  NH1 . ARG A 1 68  ? 9.767   2.925   10.091  1.00 39.30 ? 66  ARG A NH1 1 
ATOM   477  N  NH2 . ARG A 1 68  ? 8.216   4.080   8.768   1.00 37.60 ? 66  ARG A NH2 1 
ATOM   478  N  N   . GLU A 1 69  ? 7.216   0.733   3.881   1.00 41.79 ? 67  GLU A N   1 
ATOM   479  C  CA  . GLU A 1 69  ? 5.756   0.776   3.819   1.00 42.08 ? 67  GLU A CA  1 
ATOM   480  C  C   . GLU A 1 69  ? 5.153   -0.344  2.907   1.00 42.40 ? 67  GLU A C   1 
ATOM   481  O  O   . GLU A 1 69  ? 4.124   -0.946  3.249   1.00 42.73 ? 67  GLU A O   1 
ATOM   482  C  CB  . GLU A 1 69  ? 5.293   2.178   3.405   1.00 42.26 ? 67  GLU A CB  1 
ATOM   483  C  CG  . GLU A 1 69  ? 5.943   3.294   4.277   1.00 42.53 ? 67  GLU A CG  1 
ATOM   484  C  CD  . GLU A 1 69  ? 5.886   2.988   5.781   1.00 43.81 ? 67  GLU A CD  1 
ATOM   485  O  OE1 . GLU A 1 69  ? 4.954   2.319   6.242   1.00 44.67 ? 67  GLU A OE1 1 
ATOM   486  O  OE2 . GLU A 1 69  ? 6.775   3.421   6.538   1.00 49.28 ? 67  GLU A OE2 1 
ATOM   487  N  N   . GLY A 1 70  ? 5.833   -0.672  1.800   1.00 41.45 ? 68  GLY A N   1 
ATOM   488  C  CA  . GLY A 1 70  ? 5.440   -1.817  0.950   1.00 41.63 ? 68  GLY A CA  1 
ATOM   489  C  C   . GLY A 1 70  ? 5.364   -3.123  1.733   1.00 41.95 ? 68  GLY A C   1 
ATOM   490  O  O   . GLY A 1 70  ? 4.464   -3.922  1.537   1.00 41.74 ? 68  GLY A O   1 
ATOM   491  N  N   . LEU A 1 71  ? 6.326   -3.324  2.628   1.00 42.21 ? 69  LEU A N   1 
ATOM   492  C  CA  . LEU A 1 71  ? 6.357   -4.491  3.482   1.00 43.18 ? 69  LEU A CA  1 
ATOM   493  C  C   . LEU A 1 71  ? 5.162   -4.545  4.413   1.00 43.20 ? 69  LEU A C   1 
ATOM   494  O  O   . LEU A 1 71  ? 4.604   -5.621  4.608   1.00 44.19 ? 69  LEU A O   1 
ATOM   495  C  CB  . LEU A 1 71  ? 7.618   -4.503  4.335   1.00 42.56 ? 69  LEU A CB  1 
ATOM   496  C  CG  . LEU A 1 71  ? 8.780   -5.393  3.972   1.00 45.28 ? 69  LEU A CG  1 
ATOM   497  C  CD1 . LEU A 1 71  ? 10.104  -4.815  4.600   1.00 44.49 ? 69  LEU A CD1 1 
ATOM   498  C  CD2 . LEU A 1 71  ? 8.473   -6.790  4.461   1.00 45.12 ? 69  LEU A CD2 1 
ATOM   499  N  N   . ARG A 1 72  ? 4.782   -3.415  5.020   1.00 43.24 ? 70  ARG A N   1 
ATOM   500  C  CA  . ARG A 1 72  ? 3.701   -3.466  6.001   1.00 43.99 ? 70  ARG A CA  1 
ATOM   501  C  C   . ARG A 1 72  ? 2.455   -3.753  5.206   1.00 43.68 ? 70  ARG A C   1 
ATOM   502  O  O   . ARG A 1 72  ? 1.535   -4.421  5.682   1.00 43.03 ? 70  ARG A O   1 
ATOM   503  C  CB  . ARG A 1 72  ? 3.544   -2.177  6.799   1.00 43.89 ? 70  ARG A CB  1 
ATOM   504  C  CG  . ARG A 1 72  ? 4.785   -1.792  7.499   1.00 47.51 ? 70  ARG A CG  1 
ATOM   505  C  CD  . ARG A 1 72  ? 4.801   -0.296  7.722   1.00 51.38 ? 70  ARG A CD  1 
ATOM   506  N  NE  . ARG A 1 72  ? 5.696   0.035   8.822   1.00 56.86 ? 70  ARG A NE  1 
ATOM   507  C  CZ  . ARG A 1 72  ? 5.758   1.229   9.411   1.00 59.82 ? 70  ARG A CZ  1 
ATOM   508  N  NH1 . ARG A 1 72  ? 6.613   1.397   10.415  1.00 60.95 ? 70  ARG A NH1 1 
ATOM   509  N  NH2 . ARG A 1 72  ? 4.984   2.249   9.001   1.00 58.75 ? 70  ARG A NH2 1 
ATOM   510  N  N   . PHE A 1 73  ? 2.456   -3.278  3.970   1.00 43.48 ? 71  PHE A N   1 
ATOM   511  C  CA  . PHE A 1 73  ? 1.297   -3.471  3.155   1.00 44.39 ? 71  PHE A CA  1 
ATOM   512  C  C   . PHE A 1 73  ? 1.057   -4.952  2.846   1.00 44.19 ? 71  PHE A C   1 
ATOM   513  O  O   . PHE A 1 73  ? -0.039  -5.453  3.093   1.00 43.99 ? 71  PHE A O   1 
ATOM   514  C  CB  . PHE A 1 73  ? 1.350   -2.591  1.920   1.00 44.19 ? 71  PHE A CB  1 
ATOM   515  C  CG  . PHE A 1 73  ? 0.213   -2.782  1.008   1.00 45.56 ? 71  PHE A CG  1 
ATOM   516  C  CD1 . PHE A 1 73  ? -0.979  -2.085  1.215   1.00 47.69 ? 71  PHE A CD1 1 
ATOM   517  C  CD2 . PHE A 1 73  ? 0.328   -3.637  -0.104  1.00 46.83 ? 71  PHE A CD2 1 
ATOM   518  C  CE1 . PHE A 1 73  ? -2.083  -2.259  0.327   1.00 48.93 ? 71  PHE A CE1 1 
ATOM   519  C  CE2 . PHE A 1 73  ? -0.756  -3.817  -0.991  1.00 49.09 ? 71  PHE A CE2 1 
ATOM   520  C  CZ  . PHE A 1 73  ? -1.972  -3.129  -0.768  1.00 47.58 ? 71  PHE A CZ  1 
ATOM   521  N  N   . VAL A 1 74  ? 2.079   -5.661  2.377   1.00 44.08 ? 72  VAL A N   1 
ATOM   522  C  CA  . VAL A 1 74  ? 1.860   -7.052  2.046   1.00 44.59 ? 72  VAL A CA  1 
ATOM   523  C  C   . VAL A 1 74  ? 1.650   -7.913  3.293   1.00 44.80 ? 72  VAL A C   1 
ATOM   524  O  O   . VAL A 1 74  ? 0.853   -8.822  3.271   1.00 44.48 ? 72  VAL A O   1 
ATOM   525  C  CB  . VAL A 1 74  ? 2.943   -7.617  1.107   1.00 44.96 ? 72  VAL A CB  1 
ATOM   526  C  CG1 . VAL A 1 74  ? 3.290   -6.589  0.033   1.00 43.84 ? 72  VAL A CG1 1 
ATOM   527  C  CG2 . VAL A 1 74  ? 4.153   -8.082  1.867   1.00 45.30 ? 72  VAL A CG2 1 
ATOM   528  N  N   . GLU A 1 75  ? 2.330   -7.592  4.384   1.00 45.77 ? 73  GLU A N   1 
ATOM   529  C  CA  . GLU A 1 75  ? 2.073   -8.244  5.673   1.00 47.59 ? 73  GLU A CA  1 
ATOM   530  C  C   . GLU A 1 75  ? 0.601   -8.151  6.067   1.00 47.48 ? 73  GLU A C   1 
ATOM   531  O  O   . GLU A 1 75  ? 0.012   -9.109  6.547   1.00 48.63 ? 73  GLU A O   1 
ATOM   532  C  CB  . GLU A 1 75  ? 2.949   -7.647  6.769   1.00 47.64 ? 73  GLU A CB  1 
ATOM   533  C  CG  . GLU A 1 75  ? 4.397   -7.544  6.337   1.00 52.70 ? 73  GLU A CG  1 
ATOM   534  C  CD  . GLU A 1 75  ? 5.319   -6.960  7.412   1.00 59.17 ? 73  GLU A CD  1 
ATOM   535  O  OE1 . GLU A 1 75  ? 5.050   -5.842  7.925   1.00 62.27 ? 73  GLU A OE1 1 
ATOM   536  O  OE2 . GLU A 1 75  ? 6.335   -7.621  7.737   1.00 60.83 ? 73  GLU A OE2 1 
ATOM   537  N  N   . ALA A 1 76  ? 0.003   -7.002  5.836   1.00 47.39 ? 74  ALA A N   1 
ATOM   538  C  CA  . ALA A 1 76  ? -1.416  -6.822  6.092   1.00 47.73 ? 74  ALA A CA  1 
ATOM   539  C  C   . ALA A 1 76  ? -2.331  -7.753  5.276   1.00 48.10 ? 74  ALA A C   1 
ATOM   540  O  O   . ALA A 1 76  ? -3.429  -8.065  5.717   1.00 49.23 ? 74  ALA A O   1 
ATOM   541  C  CB  . ALA A 1 76  ? -1.802  -5.337  5.894   1.00 46.59 ? 74  ALA A CB  1 
ATOM   542  N  N   . LEU A 1 77  ? -1.885  -8.173  4.094   1.00 48.60 ? 75  LEU A N   1 
ATOM   543  C  CA  . LEU A 1 77  ? -2.586  -9.144  3.273   1.00 48.64 ? 75  LEU A CA  1 
ATOM   544  C  C   . LEU A 1 77  ? -2.352  -10.567 3.770   1.00 49.61 ? 75  LEU A C   1 
ATOM   545  O  O   . LEU A 1 77  ? -3.159  -11.460 3.508   1.00 51.46 ? 75  LEU A O   1 
ATOM   546  C  CB  . LEU A 1 77  ? -2.107  -9.039  1.841   1.00 48.21 ? 75  LEU A CB  1 
ATOM   547  C  CG  . LEU A 1 77  ? -2.693  -7.909  0.971   1.00 49.29 ? 75  LEU A CG  1 
ATOM   548  C  CD1 . LEU A 1 77  ? -2.994  -6.641  1.727   1.00 49.09 ? 75  LEU A CD1 1 
ATOM   549  C  CD2 . LEU A 1 77  ? -1.814  -7.613  -0.211  1.00 47.52 ? 75  LEU A CD2 1 
ATOM   550  N  N   . ALA A 1 78  ? -1.277  -10.798 4.510   1.00 48.92 ? 76  ALA A N   1 
ATOM   551  C  CA  . ALA A 1 78  ? -0.896  -12.172 4.903   1.00 48.79 ? 76  ALA A CA  1 
ATOM   552  C  C   . ALA A 1 78  ? -2.052  -13.146 5.344   1.00 48.84 ? 76  ALA A C   1 
ATOM   553  O  O   . ALA A 1 78  ? -2.106  -14.286 4.863   1.00 48.55 ? 76  ALA A O   1 
ATOM   554  C  CB  . ALA A 1 78  ? 0.262   -12.154 5.935   1.00 47.76 ? 76  ALA A CB  1 
ATOM   555  N  N   . PRO A 1 79  ? -2.980  -12.704 6.235   1.00 48.82 ? 77  PRO A N   1 
ATOM   556  C  CA  . PRO A 1 79  ? -4.030  -13.667 6.634   1.00 48.25 ? 77  PRO A CA  1 
ATOM   557  C  C   . PRO A 1 79  ? -4.790  -14.324 5.442   1.00 48.46 ? 77  PRO A C   1 
ATOM   558  O  O   . PRO A 1 79  ? -5.205  -15.487 5.565   1.00 47.99 ? 77  PRO A O   1 
ATOM   559  C  CB  . PRO A 1 79  ? -4.986  -12.820 7.489   1.00 47.83 ? 77  PRO A CB  1 
ATOM   560  C  CG  . PRO A 1 79  ? -4.152  -11.700 8.014   1.00 47.74 ? 77  PRO A CG  1 
ATOM   561  C  CD  . PRO A 1 79  ? -3.148  -11.390 6.908   1.00 48.80 ? 77  PRO A CD  1 
ATOM   562  N  N   . ALA A 1 80  ? -4.948  -13.597 4.317   1.00 47.76 ? 78  ALA A N   1 
ATOM   563  C  CA  . ALA A 1 80  ? -5.556  -14.145 3.078   1.00 47.08 ? 78  ALA A CA  1 
ATOM   564  C  C   . ALA A 1 80  ? -4.770  -15.301 2.473   1.00 46.98 ? 78  ALA A C   1 
ATOM   565  O  O   . ALA A 1 80  ? -5.328  -16.166 1.786   1.00 46.74 ? 78  ALA A O   1 
ATOM   566  C  CB  . ALA A 1 80  ? -5.718  -13.074 2.040   1.00 47.06 ? 78  ALA A CB  1 
ATOM   567  N  N   . GLY A 1 81  ? -3.462  -15.294 2.700   1.00 47.08 ? 79  GLY A N   1 
ATOM   568  C  CA  . GLY A 1 81  ? -2.625  -16.382 2.248   1.00 46.64 ? 79  GLY A CA  1 
ATOM   569  C  C   . GLY A 1 81  ? -2.749  -17.626 3.095   1.00 46.45 ? 79  GLY A C   1 
ATOM   570  O  O   . GLY A 1 81  ? -2.065  -18.595 2.822   1.00 46.98 ? 79  GLY A O   1 
ATOM   571  N  N   . ASP A 1 82  ? -3.620  -17.628 4.110   1.00 46.69 ? 80  ASP A N   1 
ATOM   572  C  CA  . ASP A 1 82  ? -3.811  -18.818 5.008   1.00 46.71 ? 80  ASP A CA  1 
ATOM   573  C  C   . ASP A 1 82  ? -4.300  -20.098 4.305   1.00 46.34 ? 80  ASP A C   1 
ATOM   574  O  O   . ASP A 1 82  ? -4.877  -20.030 3.220   1.00 46.57 ? 80  ASP A O   1 
ATOM   575  C  CB  . ASP A 1 82  ? -4.769  -18.490 6.163   1.00 47.04 ? 80  ASP A CB  1 
ATOM   576  C  CG  . ASP A 1 82  ? -4.058  -18.185 7.466   1.00 47.47 ? 80  ASP A CG  1 
ATOM   577  O  OD1 . ASP A 1 82  ? -4.370  -18.904 8.432   1.00 48.58 ? 80  ASP A OD1 1 
ATOM   578  O  OD2 . ASP A 1 82  ? -3.231  -17.232 7.547   1.00 47.73 ? 80  ASP A OD2 1 
ATOM   579  N  N   . PRO A 1 83  ? -4.082  -21.266 4.929   1.00 45.99 ? 81  PRO A N   1 
ATOM   580  C  CA  . PRO A 1 83  ? -4.426  -22.479 4.198   1.00 45.62 ? 81  PRO A CA  1 
ATOM   581  C  C   . PRO A 1 83  ? -5.845  -23.038 4.431   1.00 45.25 ? 81  PRO A C   1 
ATOM   582  O  O   . PRO A 1 83  ? -6.408  -22.962 5.531   1.00 45.17 ? 81  PRO A O   1 
ATOM   583  C  CB  . PRO A 1 83  ? -3.349  -23.492 4.659   1.00 45.50 ? 81  PRO A CB  1 
ATOM   584  C  CG  . PRO A 1 83  ? -2.517  -22.789 5.697   1.00 45.45 ? 81  PRO A CG  1 
ATOM   585  C  CD  . PRO A 1 83  ? -3.239  -21.558 6.105   1.00 46.06 ? 81  PRO A CD  1 
ATOM   586  N  N   . GLY A 1 84  ? -6.401  -23.618 3.374   1.00 44.78 ? 82  GLY A N   1 
ATOM   587  C  CA  . GLY A 1 84  ? -7.720  -24.221 3.429   1.00 43.83 ? 82  GLY A CA  1 
ATOM   588  C  C   . GLY A 1 84  ? -8.815  -23.207 3.189   1.00 43.29 ? 82  GLY A C   1 
ATOM   589  O  O   . GLY A 1 84  ? -9.995  -23.571 3.182   1.00 43.51 ? 82  GLY A O   1 
ATOM   590  N  N   . LEU A 1 85  ? -8.435  -21.940 2.976   1.00 42.65 ? 83  LEU A N   1 
ATOM   591  C  CA  . LEU A 1 85  ? -9.408  -20.842 2.816   1.00 41.83 ? 83  LEU A CA  1 
ATOM   592  C  C   . LEU A 1 85  ? -10.157 -20.872 1.466   1.00 42.21 ? 83  LEU A C   1 
ATOM   593  O  O   . LEU A 1 85  ? -9.574  -21.075 0.399   1.00 42.31 ? 83  LEU A O   1 
ATOM   594  C  CB  . LEU A 1 85  ? -8.759  -19.474 3.052   1.00 41.00 ? 83  LEU A CB  1 
ATOM   595  C  CG  . LEU A 1 85  ? -8.137  -19.069 4.392   1.00 39.23 ? 83  LEU A CG  1 
ATOM   596  C  CD1 . LEU A 1 85  ? -7.740  -17.573 4.377   1.00 33.76 ? 83  LEU A CD1 1 
ATOM   597  C  CD2 . LEU A 1 85  ? -9.067  -19.375 5.540   1.00 34.28 ? 83  LEU A CD2 1 
ATOM   598  N  N   . SER A 1 86  ? -11.467 -20.693 1.512   1.00 42.72 ? 84  SER A N   1 
ATOM   599  C  CA  . SER A 1 86  ? -12.219 -20.581 0.280   1.00 43.20 ? 84  SER A CA  1 
ATOM   600  C  C   . SER A 1 86  ? -11.762 -19.301 -0.457  1.00 43.97 ? 84  SER A C   1 
ATOM   601  O  O   . SER A 1 86  ? -11.386 -18.305 0.195   1.00 44.09 ? 84  SER A O   1 
ATOM   602  C  CB  . SER A 1 86  ? -13.706 -20.532 0.606   1.00 42.90 ? 84  SER A CB  1 
ATOM   603  O  OG  . SER A 1 86  ? -13.940 -19.540 1.579   1.00 41.24 ? 84  SER A OG  1 
ATOM   604  N  N   . PRO A 1 87  ? -11.745 -19.331 -1.814  1.00 44.67 ? 85  PRO A N   1 
ATOM   605  C  CA  . PRO A 1 87  ? -11.498 -18.122 -2.613  1.00 44.70 ? 85  PRO A CA  1 
ATOM   606  C  C   . PRO A 1 87  ? -12.171 -16.917 -1.968  1.00 45.59 ? 85  PRO A C   1 
ATOM   607  O  O   . PRO A 1 87  ? -11.515 -15.892 -1.726  1.00 45.74 ? 85  PRO A O   1 
ATOM   608  C  CB  . PRO A 1 87  ? -12.181 -18.442 -3.946  1.00 44.61 ? 85  PRO A CB  1 
ATOM   609  C  CG  . PRO A 1 87  ? -12.373 -19.993 -3.942  1.00 44.43 ? 85  PRO A CG  1 
ATOM   610  C  CD  . PRO A 1 87  ? -11.774 -20.527 -2.676  1.00 44.35 ? 85  PRO A CD  1 
ATOM   611  N  N   . ARG A 1 88  ? -13.457 -17.071 -1.636  1.00 45.50 ? 86  ARG A N   1 
ATOM   612  C  CA  . ARG A 1 88  ? -14.264 -15.995 -1.074  1.00 45.57 ? 86  ARG A CA  1 
ATOM   613  C  C   . ARG A 1 88  ? -13.618 -15.405 0.194   1.00 44.31 ? 86  ARG A C   1 
ATOM   614  O  O   . ARG A 1 88  ? -13.633 -14.178 0.417   1.00 44.69 ? 86  ARG A O   1 
ATOM   615  C  CB  . ARG A 1 88  ? -15.597 -16.577 -0.684  1.00 46.02 ? 86  ARG A CB  1 
ATOM   616  C  CG  . ARG A 1 88  ? -16.745 -15.930 -1.294  1.00 51.30 ? 86  ARG A CG  1 
ATOM   617  C  CD  . ARG A 1 88  ? -17.730 -17.049 -1.730  1.00 60.17 ? 86  ARG A CD  1 
ATOM   618  N  NE  . ARG A 1 88  ? -17.392 -17.647 -3.040  1.00 66.14 ? 86  ARG A NE  1 
ATOM   619  C  CZ  . ARG A 1 88  ? -16.459 -18.589 -3.256  1.00 69.50 ? 86  ARG A CZ  1 
ATOM   620  N  NH1 . ARG A 1 88  ? -15.722 -19.083 -2.261  1.00 69.09 ? 86  ARG A NH1 1 
ATOM   621  N  NH2 . ARG A 1 88  ? -16.259 -19.049 -4.489  1.00 71.20 ? 86  ARG A NH2 1 
ATOM   622  N  N   . GLU A 1 89  ? -13.069 -16.288 1.034   1.00 41.98 ? 87  GLU A N   1 
ATOM   623  C  CA  . GLU A 1 89  ? -12.594 -15.888 2.341   1.00 39.84 ? 87  GLU A CA  1 
ATOM   624  C  C   . GLU A 1 89  ? -11.201 -15.287 2.194   1.00 38.98 ? 87  GLU A C   1 
ATOM   625  O  O   . GLU A 1 89  ? -10.824 -14.392 2.949   1.00 37.79 ? 87  GLU A O   1 
ATOM   626  C  CB  . GLU A 1 89  ? -12.617 -17.064 3.301   1.00 39.53 ? 87  GLU A CB  1 
ATOM   627  C  CG  . GLU A 1 89  ? -12.073 -16.745 4.674   1.00 39.47 ? 87  GLU A CG  1 
ATOM   628  C  CD  . GLU A 1 89  ? -12.867 -15.681 5.417   1.00 41.26 ? 87  GLU A CD  1 
ATOM   629  O  OE1 . GLU A 1 89  ? -12.280 -15.087 6.352   1.00 43.66 ? 87  GLU A OE1 1 
ATOM   630  O  OE2 . GLU A 1 89  ? -14.060 -15.439 5.100   1.00 39.54 ? 87  GLU A OE2 1 
ATOM   631  N  N   . GLN A 1 90  ? -10.463 -15.746 1.192   1.00 38.41 ? 88  GLN A N   1 
ATOM   632  C  CA  . GLN A 1 90  ? -9.180  -15.119 0.872   1.00 39.26 ? 88  GLN A CA  1 
ATOM   633  C  C   . GLN A 1 90  ? -9.351  -13.689 0.412   1.00 39.03 ? 88  GLN A C   1 
ATOM   634  O  O   . GLN A 1 90  ? -8.729  -12.788 0.953   1.00 38.27 ? 88  GLN A O   1 
ATOM   635  C  CB  . GLN A 1 90  ? -8.470  -15.902 -0.183  1.00 39.63 ? 88  GLN A CB  1 
ATOM   636  C  CG  . GLN A 1 90  ? -8.049  -17.238 0.300   1.00 43.28 ? 88  GLN A CG  1 
ATOM   637  C  CD  . GLN A 1 90  ? -7.319  -18.004 -0.764  1.00 50.21 ? 88  GLN A CD  1 
ATOM   638  O  OE1 . GLN A 1 90  ? -6.312  -18.679 -0.484  1.00 52.21 ? 88  GLN A OE1 1 
ATOM   639  N  NE2 . GLN A 1 90  ? -7.813  -17.912 -2.004  1.00 51.22 ? 88  GLN A NE2 1 
ATOM   640  N  N   . LEU A 1 91  ? -10.248 -13.496 -0.546  1.00 40.15 ? 89  LEU A N   1 
ATOM   641  C  CA  . LEU A 1 91  ? -10.679 -12.166 -1.020  1.00 41.66 ? 89  LEU A CA  1 
ATOM   642  C  C   . LEU A 1 91  ? -11.208 -11.282 0.112   1.00 41.56 ? 89  LEU A C   1 
ATOM   643  O  O   . LEU A 1 91  ? -10.701 -10.176 0.337   1.00 41.40 ? 89  LEU A O   1 
ATOM   644  C  CB  . LEU A 1 91  ? -11.747 -12.314 -2.116  1.00 41.50 ? 89  LEU A CB  1 
ATOM   645  C  CG  . LEU A 1 91  ? -11.959 -11.180 -3.149  1.00 44.82 ? 89  LEU A CG  1 
ATOM   646  C  CD1 . LEU A 1 91  ? -13.397 -10.616 -3.167  1.00 46.78 ? 89  LEU A CD1 1 
ATOM   647  C  CD2 . LEU A 1 91  ? -10.961 -10.068 -3.057  1.00 42.08 ? 89  LEU A CD2 1 
ATOM   648  N  N   . ARG A 1 92  ? -12.206 -11.765 0.846   1.00 41.53 ? 90  ARG A N   1 
ATOM   649  C  CA  . ARG A 1 92  ? -12.649 -11.020 2.018   1.00 42.01 ? 90  ARG A CA  1 
ATOM   650  C  C   . ARG A 1 92  ? -11.493 -10.676 3.009   1.00 41.80 ? 90  ARG A C   1 
ATOM   651  O  O   . ARG A 1 92  ? -11.401 -9.521  3.493   1.00 41.96 ? 90  ARG A O   1 
ATOM   652  C  CB  . ARG A 1 92  ? -13.814 -11.724 2.695   1.00 42.13 ? 90  ARG A CB  1 
ATOM   653  C  CG  . ARG A 1 92  ? -14.264 -11.109 4.020   1.00 44.21 ? 90  ARG A CG  1 
ATOM   654  C  CD  . ARG A 1 92  ? -15.467 -11.953 4.500   1.00 50.73 ? 90  ARG A CD  1 
ATOM   655  N  NE  . ARG A 1 92  ? -15.476 -12.609 5.838   1.00 55.82 ? 90  ARG A NE  1 
ATOM   656  C  CZ  . ARG A 1 92  ? -14.442 -12.865 6.655   1.00 59.02 ? 90  ARG A CZ  1 
ATOM   657  N  NH1 . ARG A 1 92  ? -14.655 -13.473 7.818   1.00 59.83 ? 90  ARG A NH1 1 
ATOM   658  N  NH2 . ARG A 1 92  ? -13.198 -12.530 6.338   1.00 63.19 ? 90  ARG A NH2 1 
ATOM   659  N  N   . ARG A 1 93  ? -10.581 -11.619 3.273   1.00 40.79 ? 91  ARG A N   1 
ATOM   660  C  CA  . ARG A 1 93  ? -9.530  -11.318 4.262   1.00 40.46 ? 91  ARG A CA  1 
ATOM   661  C  C   . ARG A 1 93  ? -8.498  -10.340 3.746   1.00 42.10 ? 91  ARG A C   1 
ATOM   662  O  O   . ARG A 1 93  ? -7.932  -9.554  4.527   1.00 42.74 ? 91  ARG A O   1 
ATOM   663  C  CB  . ARG A 1 93  ? -8.844  -12.568 4.750   1.00 40.52 ? 91  ARG A CB  1 
ATOM   664  C  CG  . ARG A 1 93  ? -9.747  -13.439 5.539   1.00 37.86 ? 91  ARG A CG  1 
ATOM   665  C  CD  . ARG A 1 93  ? -8.914  -14.508 6.186   1.00 40.36 ? 91  ARG A CD  1 
ATOM   666  N  NE  . ARG A 1 93  ? -9.742  -15.298 7.083   1.00 38.62 ? 91  ARG A NE  1 
ATOM   667  C  CZ  . ARG A 1 93  ? -9.312  -16.300 7.824   1.00 36.06 ? 91  ARG A CZ  1 
ATOM   668  N  NH1 . ARG A 1 93  ? -8.045  -16.648 7.775   1.00 37.10 ? 91  ARG A NH1 1 
ATOM   669  N  NH2 . ARG A 1 93  ? -10.176 -16.942 8.599   1.00 33.51 ? 91  ARG A NH2 1 
ATOM   670  N  N   . ALA A 1 94  ? -8.281  -10.364 2.427   1.00 41.66 ? 92  ALA A N   1 
ATOM   671  C  CA  . ALA A 1 94  ? -7.351  -9.475  1.785   1.00 41.73 ? 92  ALA A CA  1 
ATOM   672  C  C   . ALA A 1 94  ? -7.930  -8.075  1.740   1.00 42.35 ? 92  ALA A C   1 
ATOM   673  O  O   . ALA A 1 94  ? -7.224  -7.100  1.980   1.00 41.54 ? 92  ALA A O   1 
ATOM   674  C  CB  . ALA A 1 94  ? -7.018  -9.962  0.369   1.00 40.92 ? 92  ALA A CB  1 
ATOM   675  N  N   . LEU A 1 95  ? -9.213  -7.992  1.443   1.00 42.61 ? 93  LEU A N   1 
ATOM   676  C  CA  . LEU A 1 95  ? -9.875  -6.716  1.350   1.00 43.05 ? 93  LEU A CA  1 
ATOM   677  C  C   . LEU A 1 95  ? -9.846  -6.094  2.716   1.00 44.35 ? 93  LEU A C   1 
ATOM   678  O  O   . LEU A 1 95  ? -9.540  -4.910  2.880   1.00 45.08 ? 93  LEU A O   1 
ATOM   679  C  CB  . LEU A 1 95  ? -11.325 -6.906  0.892   1.00 42.67 ? 93  LEU A CB  1 
ATOM   680  C  CG  . LEU A 1 95  ? -11.368 -7.092  -0.589  1.00 41.90 ? 93  LEU A CG  1 
ATOM   681  C  CD1 . LEU A 1 95  ? -12.787 -7.377  -0.973  1.00 42.06 ? 93  LEU A CD1 1 
ATOM   682  C  CD2 . LEU A 1 95  ? -10.864 -5.786  -1.208  1.00 42.58 ? 93  LEU A CD2 1 
ATOM   683  N  N   . GLU A 1 96  ? -10.162 -6.893  3.720   1.00 45.78 ? 94  GLU A N   1 
ATOM   684  C  CA  . GLU A 1 96  ? -10.200 -6.343  5.056   1.00 47.19 ? 94  GLU A CA  1 
ATOM   685  C  C   . GLU A 1 96  ? -8.839  -5.975  5.601   1.00 47.03 ? 94  GLU A C   1 
ATOM   686  O  O   . GLU A 1 96  ? -8.704  -4.922  6.224   1.00 48.13 ? 94  GLU A O   1 
ATOM   687  C  CB  . GLU A 1 96  ? -11.007 -7.232  5.966   1.00 47.93 ? 94  GLU A CB  1 
ATOM   688  C  CG  . GLU A 1 96  ? -12.481 -7.081  5.524   1.00 51.98 ? 94  GLU A CG  1 
ATOM   689  C  CD  . GLU A 1 96  ? -13.433 -8.130  6.069   1.00 57.73 ? 94  GLU A CD  1 
ATOM   690  O  OE1 . GLU A 1 96  ? -13.039 -8.823  7.041   1.00 60.93 ? 94  GLU A OE1 1 
ATOM   691  O  OE2 . GLU A 1 96  ? -14.578 -8.248  5.529   1.00 59.51 ? 94  GLU A OE2 1 
ATOM   692  N  N   . GLY A 1 97  ? -7.824  -6.798  5.351   1.00 46.52 ? 95  GLY A N   1 
ATOM   693  C  CA  . GLY A 1 97  ? -6.457  -6.456  5.753   1.00 45.90 ? 95  GLY A CA  1 
ATOM   694  C  C   . GLY A 1 97  ? -5.917  -5.190  5.068   1.00 46.84 ? 95  GLY A C   1 
ATOM   695  O  O   . GLY A 1 97  ? -5.471  -4.247  5.743   1.00 47.41 ? 95  GLY A O   1 
ATOM   696  N  N   . PHE A 1 98  ? -5.997  -5.162  3.732   1.00 45.48 ? 96  PHE A N   1 
ATOM   697  C  CA  . PHE A 1 98  ? -5.709  -3.969  2.924   1.00 44.97 ? 96  PHE A CA  1 
ATOM   698  C  C   . PHE A 1 98  ? -6.411  -2.734  3.446   1.00 44.38 ? 96  PHE A C   1 
ATOM   699  O  O   . PHE A 1 98  ? -5.768  -1.684  3.648   1.00 44.25 ? 96  PHE A O   1 
ATOM   700  C  CB  . PHE A 1 98  ? -6.142  -4.229  1.472   1.00 44.82 ? 96  PHE A CB  1 
ATOM   701  C  CG  . PHE A 1 98  ? -6.217  -3.020  0.614   1.00 45.36 ? 96  PHE A CG  1 
ATOM   702  C  CD1 . PHE A 1 98  ? -5.192  -2.085  0.597   1.00 46.89 ? 96  PHE A CD1 1 
ATOM   703  C  CD2 . PHE A 1 98  ? -7.268  -2.866  -0.261  1.00 45.87 ? 96  PHE A CD2 1 
ATOM   704  C  CE1 . PHE A 1 98  ? -5.256  -1.003  -0.215  1.00 48.25 ? 96  PHE A CE1 1 
ATOM   705  C  CE2 . PHE A 1 98  ? -7.339  -1.791  -1.090  1.00 43.23 ? 96  PHE A CE2 1 
ATOM   706  C  CZ  . PHE A 1 98  ? -6.342  -0.861  -1.084  1.00 47.53 ? 96  PHE A CZ  1 
ATOM   707  N  N   . LEU A 1 99  ? -7.728  -2.823  3.600   1.00 43.49 ? 97  LEU A N   1 
ATOM   708  C  CA  . LEU A 1 99  ? -8.478  -1.657  3.997   1.00 44.04 ? 97  LEU A CA  1 
ATOM   709  C  C   . LEU A 1 99  ? -8.239  -1.213  5.456   1.00 44.95 ? 97  LEU A C   1 
ATOM   710  O  O   . LEU A 1 99  ? -8.241  0.001   5.741   1.00 45.15 ? 97  LEU A O   1 
ATOM   711  C  CB  . LEU A 1 99  ? -9.951  -1.838  3.718   1.00 43.48 ? 97  LEU A CB  1 
ATOM   712  C  CG  . LEU A 1 99  ? -10.334 -1.768  2.246   1.00 43.40 ? 97  LEU A CG  1 
ATOM   713  C  CD1 . LEU A 1 99  ? -11.794 -2.186  2.201   1.00 41.99 ? 97  LEU A CD1 1 
ATOM   714  C  CD2 . LEU A 1 99  ? -10.094 -0.349  1.602   1.00 37.59 ? 97  LEU A CD2 1 
ATOM   715  N  N   . GLY A 1 100 ? -8.026  -2.177  6.358   1.00 45.72 ? 98  GLY A N   1 
ATOM   716  C  CA  . GLY A 1 100 ? -7.675  -1.884  7.772   1.00 46.48 ? 98  GLY A CA  1 
ATOM   717  C  C   . GLY A 1 100 ? -6.302  -1.221  7.869   1.00 47.26 ? 98  GLY A C   1 
ATOM   718  O  O   . GLY A 1 100 ? -6.094  -0.281  8.665   1.00 48.16 ? 98  GLY A O   1 
ATOM   719  N  N   . PHE A 1 101 ? -5.369  -1.662  7.028   1.00 46.88 ? 99  PHE A N   1 
ATOM   720  C  CA  . PHE A 1 101 ? -4.038  -1.048  6.983   1.00 46.86 ? 99  PHE A CA  1 
ATOM   721  C  C   . PHE A 1 101 ? -4.052  0.440   6.508   1.00 46.58 ? 99  PHE A C   1 
ATOM   722  O  O   . PHE A 1 101 ? -3.339  1.309   7.027   1.00 47.37 ? 99  PHE A O   1 
ATOM   723  C  CB  . PHE A 1 101 ? -3.146  -1.857  6.068   1.00 46.62 ? 99  PHE A CB  1 
ATOM   724  C  CG  . PHE A 1 101 ? -1.880  -1.136  5.666   1.00 47.90 ? 99  PHE A CG  1 
ATOM   725  C  CD1 . PHE A 1 101 ? -0.742  -1.204  6.469   1.00 47.44 ? 99  PHE A CD1 1 
ATOM   726  C  CD2 . PHE A 1 101 ? -1.823  -0.387  4.489   1.00 44.79 ? 99  PHE A CD2 1 
ATOM   727  C  CE1 . PHE A 1 101 ? 0.420   -0.541  6.092   1.00 44.25 ? 99  PHE A CE1 1 
ATOM   728  C  CE2 . PHE A 1 101 ? -0.631  0.285   4.128   1.00 44.16 ? 99  PHE A CE2 1 
ATOM   729  C  CZ  . PHE A 1 101 ? 0.467   0.195   4.941   1.00 40.31 ? 99  PHE A CZ  1 
ATOM   730  N  N   . VAL A 1 102 ? -4.855  0.718   5.505   1.00 44.76 ? 100 VAL A N   1 
ATOM   731  C  CA  . VAL A 1 102 ? -4.940  2.040   4.939   1.00 43.44 ? 100 VAL A CA  1 
ATOM   732  C  C   . VAL A 1 102 ? -5.546  2.961   6.019   1.00 43.14 ? 100 VAL A C   1 
ATOM   733  O  O   . VAL A 1 102 ? -5.105  4.082   6.236   1.00 42.97 ? 100 VAL A O   1 
ATOM   734  C  CB  . VAL A 1 102 ? -5.819  1.946   3.689   1.00 43.13 ? 100 VAL A CB  1 
ATOM   735  C  CG1 . VAL A 1 102 ? -6.521  3.250   3.416   1.00 42.61 ? 100 VAL A CG1 1 
ATOM   736  C  CG2 . VAL A 1 102 ? -4.986  1.442   2.500   1.00 43.04 ? 100 VAL A CG2 1 
ATOM   737  N  N   . GLY A 1 103 ? -6.538  2.441   6.713   1.00 42.37 ? 101 GLY A N   1 
ATOM   738  C  CA  . GLY A 1 103 ? -7.252  3.191   7.690   1.00 43.21 ? 101 GLY A CA  1 
ATOM   739  C  C   . GLY A 1 103 ? -6.345  3.613   8.806   1.00 43.58 ? 101 GLY A C   1 
ATOM   740  O  O   . GLY A 1 103 ? -6.469  4.737   9.287   1.00 43.53 ? 101 GLY A O   1 
ATOM   741  N  N   . LYS A 1 104 ? -5.413  2.734   9.181   1.00 44.39 ? 102 LYS A N   1 
ATOM   742  C  CA  . LYS A 1 104 ? -4.437  3.013   10.266  1.00 45.20 ? 102 LYS A CA  1 
ATOM   743  C  C   . LYS A 1 104 ? -3.144  3.677   9.809   1.00 44.87 ? 102 LYS A C   1 
ATOM   744  O  O   . LYS A 1 104 ? -2.459  4.296   10.594  1.00 44.83 ? 102 LYS A O   1 
ATOM   745  C  CB  . LYS A 1 104 ? -4.065  1.737   11.030  1.00 44.56 ? 102 LYS A CB  1 
ATOM   746  C  CG  . LYS A 1 104 ? -5.238  1.041   11.685  1.00 48.04 ? 102 LYS A CG  1 
ATOM   747  C  CD  . LYS A 1 104 ? -4.829  -0.273  12.375  1.00 54.89 ? 102 LYS A CD  1 
ATOM   748  C  CE  . LYS A 1 104 ? -4.802  -1.473  11.403  1.00 58.60 ? 102 LYS A CE  1 
ATOM   749  N  NZ  . LYS A 1 104 ? -3.515  -1.613  10.623  1.00 61.26 ? 102 LYS A NZ  1 
ATOM   750  N  N   . HIS A 1 105 ? -2.789  3.526   8.555   1.00 44.98 ? 103 HIS A N   1 
ATOM   751  C  CA  . HIS A 1 105 ? -1.473  3.956   8.119   1.00 45.34 ? 103 HIS A CA  1 
ATOM   752  C  C   . HIS A 1 105 ? -1.673  4.779   6.845   1.00 45.06 ? 103 HIS A C   1 
ATOM   753  O  O   . HIS A 1 105 ? -1.092  4.514   5.788   1.00 45.93 ? 103 HIS A O   1 
ATOM   754  C  CB  . HIS A 1 105 ? -0.541  2.731   7.960   1.00 45.53 ? 103 HIS A CB  1 
ATOM   755  C  CG  . HIS A 1 105 ? -0.569  1.798   9.145   1.00 48.72 ? 103 HIS A CG  1 
ATOM   756  N  ND1 . HIS A 1 105 ? 0.368   1.836   10.160  1.00 51.15 ? 103 HIS A ND1 1 
ATOM   757  C  CD2 . HIS A 1 105 ? -1.454  0.833   9.506   1.00 51.93 ? 103 HIS A CD2 1 
ATOM   758  C  CE1 . HIS A 1 105 ? 0.075   0.932   11.083  1.00 50.10 ? 103 HIS A CE1 1 
ATOM   759  N  NE2 . HIS A 1 105 ? -1.025  0.304   10.711  1.00 52.46 ? 103 HIS A NE2 1 
ATOM   760  N  N   . ARG A 1 106 ? -2.525  5.787   6.960   1.00 44.54 ? 104 ARG A N   1 
ATOM   761  C  CA  . ARG A 1 106 ? -2.863  6.631   5.821   1.00 45.59 ? 104 ARG A CA  1 
ATOM   762  C  C   . ARG A 1 106 ? -1.685  7.325   5.191   1.00 45.36 ? 104 ARG A C   1 
ATOM   763  O  O   . ARG A 1 106 ? -1.656  7.577   3.991   1.00 46.58 ? 104 ARG A O   1 
ATOM   764  C  CB  . ARG A 1 106 ? -3.932  7.668   6.180   1.00 45.64 ? 104 ARG A CB  1 
ATOM   765  C  CG  . ARG A 1 106 ? -3.606  8.565   7.324   1.00 48.40 ? 104 ARG A CG  1 
ATOM   766  C  CD  . ARG A 1 106 ? -4.645  9.675   7.515   1.00 53.14 ? 104 ARG A CD  1 
ATOM   767  N  NE  . ARG A 1 106 ? -4.108  11.027  7.312   1.00 56.55 ? 104 ARG A NE  1 
ATOM   768  C  CZ  . ARG A 1 106 ? -4.461  11.853  6.320   1.00 58.92 ? 104 ARG A CZ  1 
ATOM   769  N  NH1 . ARG A 1 106 ? -5.368  11.492  5.411   1.00 60.26 ? 104 ARG A NH1 1 
ATOM   770  N  NH2 . ARG A 1 106 ? -3.903  13.055  6.237   1.00 58.10 ? 104 ARG A NH2 1 
ATOM   771  N  N   . LYS A 1 107 ? -0.682  7.627   5.990   1.00 45.60 ? 105 LYS A N   1 
ATOM   772  C  CA  . LYS A 1 107 ? 0.459   8.328   5.475   1.00 44.62 ? 105 LYS A CA  1 
ATOM   773  C  C   . LYS A 1 107 ? 1.241   7.400   4.517   1.00 43.71 ? 105 LYS A C   1 
ATOM   774  O  O   . LYS A 1 107 ? 1.789   7.836   3.487   1.00 42.40 ? 105 LYS A O   1 
ATOM   775  C  CB  . LYS A 1 107 ? 1.264   8.853   6.656   1.00 45.29 ? 105 LYS A CB  1 
ATOM   776  C  CG  . LYS A 1 107 ? 0.647   10.110  7.299   1.00 47.78 ? 105 LYS A CG  1 
ATOM   777  C  CD  . LYS A 1 107 ? 0.538   10.062  8.859   1.00 52.91 ? 105 LYS A CD  1 
ATOM   778  C  CE  . LYS A 1 107 ? -0.946  9.866   9.379   1.00 53.18 ? 105 LYS A CE  1 
ATOM   779  N  NZ  . LYS A 1 107 ? -1.350  8.414   9.538   1.00 53.38 ? 105 LYS A NZ  1 
ATOM   780  N  N   . SER A 1 108 ? 1.237   6.111   4.840   1.00 42.76 ? 106 SER A N   1 
ATOM   781  C  CA  . SER A 1 108 ? 2.049   5.177   4.129   1.00 43.17 ? 106 SER A CA  1 
ATOM   782  C  C   . SER A 1 108 ? 1.308   4.683   2.921   1.00 42.96 ? 106 SER A C   1 
ATOM   783  O  O   . SER A 1 108 ? 1.938   4.342   1.910   1.00 43.24 ? 106 SER A O   1 
ATOM   784  C  CB  . SER A 1 108 ? 2.485   4.022   5.023   1.00 44.40 ? 106 SER A CB  1 
ATOM   785  O  OG  . SER A 1 108 ? 1.494   3.709   5.978   1.00 46.20 ? 106 SER A OG  1 
ATOM   786  N  N   . TRP A 1 109 ? -0.023  4.679   3.007   1.00 41.91 ? 107 TRP A N   1 
ATOM   787  C  CA  . TRP A 1 109 ? -0.837  4.422   1.849   1.00 40.83 ? 107 TRP A CA  1 
ATOM   788  C  C   . TRP A 1 109 ? -0.640  5.504   0.813   1.00 41.86 ? 107 TRP A C   1 
ATOM   789  O  O   . TRP A 1 109 ? -0.535  5.204   -0.371  1.00 40.82 ? 107 TRP A O   1 
ATOM   790  C  CB  . TRP A 1 109 ? -2.308  4.367   2.213   1.00 40.55 ? 107 TRP A CB  1 
ATOM   791  C  CG  . TRP A 1 109 ? -3.153  4.362   0.988   1.00 38.81 ? 107 TRP A CG  1 
ATOM   792  C  CD1 . TRP A 1 109 ? -3.988  5.351   0.571   1.00 35.48 ? 107 TRP A CD1 1 
ATOM   793  C  CD2 . TRP A 1 109 ? -3.208  3.313   -0.036  1.00 39.25 ? 107 TRP A CD2 1 
ATOM   794  N  NE1 . TRP A 1 109 ? -4.586  4.981   -0.636  1.00 38.01 ? 107 TRP A NE1 1 
ATOM   795  C  CE2 . TRP A 1 109 ? -4.134  3.736   -1.014  1.00 38.12 ? 107 TRP A CE2 1 
ATOM   796  C  CE3 . TRP A 1 109 ? -2.552  2.072   -0.211  1.00 39.27 ? 107 TRP A CE3 1 
ATOM   797  C  CZ2 . TRP A 1 109 ? -4.426  2.969   -2.164  1.00 40.55 ? 107 TRP A CZ2 1 
ATOM   798  C  CZ3 . TRP A 1 109 ? -2.834  1.326   -1.348  1.00 43.37 ? 107 TRP A CZ3 1 
ATOM   799  C  CH2 . TRP A 1 109 ? -3.778  1.777   -2.312  1.00 41.14 ? 107 TRP A CH2 1 
HETATM 800  N  N   . MSE A 1 110 ? -0.569  6.754   1.252   1.00 43.06 ? 108 MSE A N   1 
HETATM 801  C  CA  . MSE A 1 110 ? -0.317  7.847   0.329   1.00 45.96 ? 108 MSE A CA  1 
HETATM 802  C  C   . MSE A 1 110 ? 1.003   7.765   -0.418  1.00 46.15 ? 108 MSE A C   1 
HETATM 803  O  O   . MSE A 1 110 ? 1.033   7.987   -1.648  1.00 45.87 ? 108 MSE A O   1 
HETATM 804  C  CB  . MSE A 1 110 ? -0.398  9.183   1.045   1.00 47.26 ? 108 MSE A CB  1 
HETATM 805  C  CG  . MSE A 1 110 ? -1.827  9.576   1.297   1.00 52.05 ? 108 MSE A CG  1 
HETATM 806  SE SE  . MSE A 1 110 ? -1.863  11.022  2.580   0.60 65.70 ? 108 MSE A SE  1 
HETATM 807  C  CE  . MSE A 1 110 ? -1.537  12.485  1.297   1.00 60.32 ? 108 MSE A CE  1 
ATOM   808  N  N   . VAL A 1 111 ? 2.093   7.456   0.306   1.00 46.30 ? 109 VAL A N   1 
ATOM   809  C  CA  . VAL A 1 111 ? 3.408   7.288   -0.327  1.00 45.90 ? 109 VAL A CA  1 
ATOM   810  C  C   . VAL A 1 111 ? 3.310   6.134   -1.362  1.00 46.88 ? 109 VAL A C   1 
ATOM   811  O  O   . VAL A 1 111 ? 3.743   6.261   -2.531  1.00 46.94 ? 109 VAL A O   1 
ATOM   812  C  CB  . VAL A 1 111 ? 4.515   7.118   0.745   1.00 46.41 ? 109 VAL A CB  1 
ATOM   813  C  CG1 . VAL A 1 111 ? 5.814   6.651   0.140   1.00 47.44 ? 109 VAL A CG1 1 
ATOM   814  C  CG2 . VAL A 1 111 ? 4.743   8.447   1.496   1.00 44.76 ? 109 VAL A CG2 1 
ATOM   815  N  N   . LEU A 1 112 ? 2.641   5.058   -0.964  1.00 47.09 ? 110 LEU A N   1 
ATOM   816  C  CA  . LEU A 1 112 ? 2.581   3.857   -1.766  1.00 48.63 ? 110 LEU A CA  1 
ATOM   817  C  C   . LEU A 1 112 ? 1.758   4.070   -3.022  1.00 49.71 ? 110 LEU A C   1 
ATOM   818  O  O   . LEU A 1 112 ? 2.203   3.772   -4.123  1.00 49.69 ? 110 LEU A O   1 
ATOM   819  C  CB  . LEU A 1 112 ? 1.976   2.721   -0.961  1.00 47.61 ? 110 LEU A CB  1 
ATOM   820  C  CG  . LEU A 1 112 ? 2.896   1.663   -0.382  1.00 47.75 ? 110 LEU A CG  1 
ATOM   821  C  CD1 . LEU A 1 112 ? 4.387   1.990   -0.319  1.00 48.34 ? 110 LEU A CD1 1 
ATOM   822  C  CD2 . LEU A 1 112 ? 2.372   1.241   0.957   1.00 45.79 ? 110 LEU A CD2 1 
ATOM   823  N  N   . TYR A 1 113 ? 0.551   4.578   -2.834  1.00 51.54 ? 111 TYR A N   1 
ATOM   824  C  CA  . TYR A 1 113 ? -0.360  4.796   -3.911  1.00 53.31 ? 111 TYR A CA  1 
ATOM   825  C  C   . TYR A 1 113 ? 0.191   5.839   -4.880  1.00 54.91 ? 111 TYR A C   1 
ATOM   826  O  O   . TYR A 1 113 ? 0.065   5.653   -6.090  1.00 55.46 ? 111 TYR A O   1 
ATOM   827  C  CB  . TYR A 1 113 ? -1.716  5.152   -3.355  1.00 53.59 ? 111 TYR A CB  1 
ATOM   828  C  CG  . TYR A 1 113 ? -2.832  5.209   -4.362  1.00 55.22 ? 111 TYR A CG  1 
ATOM   829  C  CD1 . TYR A 1 113 ? -3.018  4.209   -5.336  1.00 54.72 ? 111 TYR A CD1 1 
ATOM   830  C  CD2 . TYR A 1 113 ? -3.715  6.284   -4.333  1.00 58.14 ? 111 TYR A CD2 1 
ATOM   831  C  CE1 . TYR A 1 113 ? -4.085  4.297   -6.275  1.00 55.47 ? 111 TYR A CE1 1 
ATOM   832  C  CE2 . TYR A 1 113 ? -4.785  6.375   -5.231  1.00 59.94 ? 111 TYR A CE2 1 
ATOM   833  C  CZ  . TYR A 1 113 ? -4.970  5.394   -6.205  1.00 58.38 ? 111 TYR A CZ  1 
ATOM   834  O  OH  . TYR A 1 113 ? -6.038  5.600   -7.068  1.00 59.81 ? 111 TYR A OH  1 
ATOM   835  N  N   . ARG A 1 114 ? 0.868   6.873   -4.373  1.00 56.43 ? 112 ARG A N   1 
ATOM   836  C  CA  . ARG A 1 114 ? 1.718   7.744   -5.244  1.00 57.89 ? 112 ARG A CA  1 
ATOM   837  C  C   . ARG A 1 114 ? 2.827   6.990   -6.071  1.00 59.21 ? 112 ARG A C   1 
ATOM   838  O  O   . ARG A 1 114 ? 2.702   6.872   -7.292  1.00 58.59 ? 112 ARG A O   1 
ATOM   839  C  CB  . ARG A 1 114 ? 2.246   8.994   -4.493  1.00 57.00 ? 112 ARG A CB  1 
ATOM   840  C  CG  . ARG A 1 114 ? 3.702   8.959   -4.051  1.00 56.42 ? 112 ARG A CG  1 
ATOM   841  C  CD  . ARG A 1 114 ? 3.985   9.963   -2.905  1.00 55.85 ? 112 ARG A CD  1 
ATOM   842  N  NE  . ARG A 1 114 ? 3.393   11.275  -3.184  1.00 59.64 ? 112 ARG A NE  1 
ATOM   843  C  CZ  . ARG A 1 114 ? 2.582   11.954  -2.372  1.00 60.52 ? 112 ARG A CZ  1 
ATOM   844  N  NH1 . ARG A 1 114 ? 2.266   11.479  -1.169  1.00 62.57 ? 112 ARG A NH1 1 
ATOM   845  N  NH2 . ARG A 1 114 ? 2.095   13.122  -2.763  1.00 61.12 ? 112 ARG A NH2 1 
ATOM   846  N  N   . GLN A 1 115 ? 3.899   6.505   -5.428  1.00 61.07 ? 113 GLN A N   1 
ATOM   847  C  CA  . GLN A 1 115 ? 4.846   5.602   -6.106  1.00 62.61 ? 113 GLN A CA  1 
ATOM   848  C  C   . GLN A 1 115 ? 4.206   4.731   -7.219  1.00 64.17 ? 113 GLN A C   1 
ATOM   849  O  O   . GLN A 1 115 ? 4.725   4.716   -8.340  1.00 64.06 ? 113 GLN A O   1 
ATOM   850  C  CB  . GLN A 1 115 ? 5.535   4.731   -5.104  1.00 62.07 ? 113 GLN A CB  1 
ATOM   851  N  N   . ALA A 1 116 ? 3.093   4.026   -6.908  1.00 66.00 ? 114 ALA A N   1 
ATOM   852  C  CA  . ALA A 1 116 ? 2.336   3.148   -7.867  1.00 67.53 ? 114 ALA A CA  1 
ATOM   853  C  C   . ALA A 1 116 ? 1.993   3.784   -9.220  1.00 68.77 ? 114 ALA A C   1 
ATOM   854  O  O   . ALA A 1 116 ? 1.933   5.014   -9.353  1.00 69.01 ? 114 ALA A O   1 
ATOM   855  C  CB  . ALA A 1 116 ? 1.049   2.588   -7.232  1.00 67.25 ? 114 ALA A CB  1 
HETATM 856  N  N   . MSE A 1 117 ? 1.735   2.927   -10.208 1.00 69.88 ? 115 MSE A N   1 
HETATM 857  C  CA  . MSE A 1 117 ? 1.608   3.333   -11.629 1.00 71.52 ? 115 MSE A CA  1 
HETATM 858  C  C   . MSE A 1 117 ? 2.038   4.778   -11.994 1.00 71.29 ? 115 MSE A C   1 
HETATM 859  O  O   . MSE A 1 117 ? 3.161   5.015   -12.468 1.00 71.18 ? 115 MSE A O   1 
HETATM 860  C  CB  . MSE A 1 117 ? 0.204   2.977   -12.193 1.00 72.35 ? 115 MSE A CB  1 
HETATM 861  C  CG  . MSE A 1 117 ? -0.788  4.142   -12.362 1.00 74.09 ? 115 MSE A CG  1 
HETATM 862  SE SE  . MSE A 1 117 ? -1.863  4.701   -10.784 0.60 75.20 ? 115 MSE A SE  1 
HETATM 863  C  CE  . MSE A 1 117 ? -2.190  2.956   -9.946  1.00 74.56 ? 115 MSE A CE  1 
ATOM   864  N  N   . GLN A 1 119 ? 5.688   9.809   -8.807  1.00 86.55 ? 117 GLN A N   1 
ATOM   865  C  CA  . GLN A 1 119 ? 6.983   9.503   -9.404  1.00 86.78 ? 117 GLN A CA  1 
ATOM   866  C  C   . GLN A 1 119 ? 6.952   8.232   -10.278 1.00 86.99 ? 117 GLN A C   1 
ATOM   867  O  O   . GLN A 1 119 ? 6.031   7.410   -10.178 1.00 87.00 ? 117 GLN A O   1 
ATOM   868  C  CB  . GLN A 1 119 ? 8.071   9.411   -8.317  1.00 86.61 ? 117 GLN A CB  1 
ATOM   869  N  N   . GLN A 1 120 ? 7.956   8.102   -11.151 1.00 87.41 ? 118 GLN A N   1 
ATOM   870  C  CA  . GLN A 1 120 ? 8.142   6.911   -11.998 1.00 87.59 ? 118 GLN A CA  1 
ATOM   871  C  C   . GLN A 1 120 ? 9.242   5.978   -11.457 1.00 87.72 ? 118 GLN A C   1 
ATOM   872  O  O   . GLN A 1 120 ? 9.182   4.763   -11.663 1.00 87.94 ? 118 GLN A O   1 
ATOM   873  C  CB  . GLN A 1 120 ? 8.413   7.303   -13.464 1.00 87.40 ? 118 GLN A CB  1 
ATOM   874  N  N   . ALA A 1 121 ? 10.221  6.550   -10.747 1.00 87.68 ? 119 ALA A N   1 
ATOM   875  C  CA  . ALA A 1 121 ? 11.321  5.798   -10.109 1.00 87.65 ? 119 ALA A CA  1 
ATOM   876  C  C   . ALA A 1 121 ? 10.852  4.597   -9.267  1.00 87.68 ? 119 ALA A C   1 
ATOM   877  O  O   . ALA A 1 121 ? 11.373  3.476   -9.391  1.00 87.74 ? 119 ALA A O   1 
ATOM   878  C  CB  . ALA A 1 121 ? 12.175  6.744   -9.259  1.00 87.64 ? 119 ALA A CB  1 
ATOM   879  N  N   . PHE A 1 122 ? 9.875   4.856   -8.404  1.00 87.56 ? 120 PHE A N   1 
ATOM   880  C  CA  . PHE A 1 122 ? 9.241   3.822   -7.622  1.00 87.24 ? 120 PHE A CA  1 
ATOM   881  C  C   . PHE A 1 122 ? 7.901   3.491   -8.252  1.00 87.28 ? 120 PHE A C   1 
ATOM   882  O  O   . PHE A 1 122 ? 7.046   2.931   -7.574  1.00 87.63 ? 120 PHE A O   1 
ATOM   883  C  CB  . PHE A 1 122 ? 9.058   4.281   -6.187  1.00 87.17 ? 120 PHE A CB  1 
ATOM   884  N  N   . VAL A 1 123 ? 7.713   3.841   -9.534  1.00 87.07 ? 121 VAL A N   1 
ATOM   885  C  CA  . VAL A 1 123 ? 6.502   3.445   -10.303 1.00 86.83 ? 121 VAL A CA  1 
ATOM   886  C  C   . VAL A 1 123 ? 6.591   2.041   -10.932 1.00 86.65 ? 121 VAL A C   1 
ATOM   887  O  O   . VAL A 1 123 ? 5.578   1.488   -11.390 1.00 86.72 ? 121 VAL A O   1 
ATOM   888  C  CB  . VAL A 1 123 ? 6.122   4.495   -11.367 1.00 86.53 ? 121 VAL A CB  1 
ATOM   889  N  N   . GLY A 1 124 ? 7.803   1.477   -10.939 1.00 86.27 ? 122 GLY A N   1 
ATOM   890  C  CA  . GLY A 1 124 ? 8.072   0.124   -11.456 1.00 85.35 ? 122 GLY A CA  1 
ATOM   891  C  C   . GLY A 1 124 ? 8.335   -0.953  -10.401 1.00 84.64 ? 122 GLY A C   1 
ATOM   892  O  O   . GLY A 1 124 ? 8.341   -2.151  -10.728 1.00 84.90 ? 122 GLY A O   1 
ATOM   893  N  N   . SER A 1 125 ? 8.582   -0.531  -9.152  1.00 83.72 ? 123 SER A N   1 
ATOM   894  C  CA  . SER A 1 125 ? 8.617   -1.437  -7.988  1.00 82.61 ? 123 SER A CA  1 
ATOM   895  C  C   . SER A 1 125 ? 7.183   -1.863  -7.731  1.00 81.61 ? 123 SER A C   1 
ATOM   896  O  O   . SER A 1 125 ? 6.857   -3.056  -7.759  1.00 81.17 ? 123 SER A O   1 
ATOM   897  C  CB  . SER A 1 125 ? 9.148   -0.724  -6.724  1.00 82.78 ? 123 SER A CB  1 
ATOM   898  O  OG  . SER A 1 125 ? 10.566  -0.680  -6.643  1.00 82.87 ? 123 SER A OG  1 
ATOM   899  N  N   . VAL A 1 126 ? 6.340   -0.850  -7.510  1.00 80.58 ? 124 VAL A N   1 
ATOM   900  C  CA  . VAL A 1 126 ? 4.944   -1.044  -7.092  1.00 79.73 ? 124 VAL A CA  1 
ATOM   901  C  C   . VAL A 1 126 ? 3.933   -1.258  -8.234  1.00 78.45 ? 124 VAL A C   1 
ATOM   902  O  O   . VAL A 1 126 ? 2.897   -1.881  -8.005  1.00 78.92 ? 124 VAL A O   1 
ATOM   903  C  CB  . VAL A 1 126 ? 4.461   -0.041  -5.922  1.00 79.89 ? 124 VAL A CB  1 
ATOM   904  C  CG1 . VAL A 1 126 ? 5.161   1.321   -5.974  1.00 79.49 ? 124 VAL A CG1 1 
ATOM   905  C  CG2 . VAL A 1 126 ? 2.933   0.092   -5.858  1.00 79.87 ? 124 VAL A CG2 1 
ATOM   906  N  N   . GLN A 1 127 ? 4.222   -0.798  -9.453  1.00 76.66 ? 125 GLN A N   1 
ATOM   907  C  CA  . GLN A 1 127 ? 3.396   -1.259  -10.587 1.00 74.61 ? 125 GLN A CA  1 
ATOM   908  C  C   . GLN A 1 127 ? 3.580   -2.765  -10.837 1.00 72.37 ? 125 GLN A C   1 
ATOM   909  O  O   . GLN A 1 127 ? 2.607   -3.476  -11.049 1.00 72.22 ? 125 GLN A O   1 
ATOM   910  C  CB  . GLN A 1 127 ? 3.597   -0.452  -11.876 1.00 75.11 ? 125 GLN A CB  1 
ATOM   911  C  CG  . GLN A 1 127 ? 2.362   0.358   -12.330 1.00 76.31 ? 125 GLN A CG  1 
ATOM   912  C  CD  . GLN A 1 127 ? 1.127   -0.479  -12.739 1.00 77.29 ? 125 GLN A CD  1 
ATOM   913  O  OE1 . GLN A 1 127 ? 0.722   -1.426  -12.045 1.00 78.87 ? 125 GLN A OE1 1 
ATOM   914  N  NE2 . GLN A 1 127 ? 0.509   -0.100  -13.861 1.00 76.83 ? 125 GLN A NE2 1 
ATOM   915  N  N   . SER A 1 128 ? 4.820   -3.250  -10.782 1.00 69.67 ? 126 SER A N   1 
ATOM   916  C  CA  . SER A 1 128 ? 5.042   -4.685  -10.776 1.00 66.89 ? 126 SER A CA  1 
ATOM   917  C  C   . SER A 1 128 ? 4.391   -5.338  -9.547  1.00 65.51 ? 126 SER A C   1 
ATOM   918  O  O   . SER A 1 128 ? 3.819   -6.420  -9.676  1.00 65.81 ? 126 SER A O   1 
ATOM   919  C  CB  . SER A 1 128 ? 6.509   -5.041  -10.938 1.00 66.97 ? 126 SER A CB  1 
ATOM   920  O  OG  . SER A 1 128 ? 6.828   -5.183  -12.321 1.00 66.60 ? 126 SER A OG  1 
ATOM   921  N  N   . SER A 1 129 ? 4.415   -4.676  -8.384  1.00 63.13 ? 127 SER A N   1 
ATOM   922  C  CA  . SER A 1 129 ? 3.628   -5.153  -7.228  1.00 60.93 ? 127 SER A CA  1 
ATOM   923  C  C   . SER A 1 129 ? 2.146   -5.148  -7.543  1.00 59.58 ? 127 SER A C   1 
ATOM   924  O  O   . SER A 1 129 ? 1.473   -6.167  -7.356  1.00 59.84 ? 127 SER A O   1 
ATOM   925  C  CB  . SER A 1 129 ? 3.881   -4.328  -5.966  1.00 60.71 ? 127 SER A CB  1 
ATOM   926  O  OG  . SER A 1 129 ? 5.079   -4.722  -5.323  1.00 61.25 ? 127 SER A OG  1 
ATOM   927  N  N   . ARG A 1 130 ? 1.641   -4.009  -8.029  1.00 57.44 ? 128 ARG A N   1 
ATOM   928  C  CA  . ARG A 1 130 ? 0.248   -3.875  -8.437  1.00 55.84 ? 128 ARG A CA  1 
ATOM   929  C  C   . ARG A 1 130 ? -0.180  -4.934  -9.416  1.00 55.46 ? 128 ARG A C   1 
ATOM   930  O  O   . ARG A 1 130 ? -1.288  -5.465  -9.328  1.00 55.26 ? 128 ARG A O   1 
ATOM   931  C  CB  . ARG A 1 130 ? 0.056   -2.574  -9.155  1.00 56.03 ? 128 ARG A CB  1 
ATOM   932  C  CG  . ARG A 1 130 ? -1.381  -2.171  -9.282  1.00 54.04 ? 128 ARG A CG  1 
ATOM   933  C  CD  . ARG A 1 130 ? -1.372  -0.680  -9.186  1.00 52.09 ? 128 ARG A CD  1 
ATOM   934  N  NE  . ARG A 1 130 ? -2.628  -0.101  -9.591  1.00 54.13 ? 128 ARG A NE  1 
ATOM   935  C  CZ  . ARG A 1 130 ? -3.174  -0.240  -10.796 1.00 53.15 ? 128 ARG A CZ  1 
ATOM   936  N  NH1 . ARG A 1 130 ? -2.571  -0.979  -11.721 1.00 51.25 ? 128 ARG A NH1 1 
ATOM   937  N  NH2 . ARG A 1 130 ? -4.322  0.376   -11.060 1.00 53.99 ? 128 ARG A NH2 1 
ATOM   938  N  N   . ASP A 1 131 ? 0.689   -5.208  -10.384 1.00 54.94 ? 129 ASP A N   1 
ATOM   939  C  CA  . ASP A 1 131 ? 0.378   -6.178  -11.399 1.00 54.71 ? 129 ASP A CA  1 
ATOM   940  C  C   . ASP A 1 131 ? 0.352   -7.572  -10.850 1.00 52.94 ? 129 ASP A C   1 
ATOM   941  O  O   . ASP A 1 131 ? -0.503  -8.359  -11.207 1.00 52.86 ? 129 ASP A O   1 
ATOM   942  C  CB  . ASP A 1 131 ? 1.389   -6.087  -12.500 1.00 56.25 ? 129 ASP A CB  1 
ATOM   943  C  CG  . ASP A 1 131 ? 1.026   -5.037  -13.481 1.00 61.31 ? 129 ASP A CG  1 
ATOM   944  O  OD1 . ASP A 1 131 ? 1.771   -4.036  -13.605 1.00 64.93 ? 129 ASP A OD1 1 
ATOM   945  O  OD2 . ASP A 1 131 ? -0.056  -5.209  -14.100 1.00 67.72 ? 129 ASP A OD2 1 
ATOM   946  N  N   . ARG A 1 132 ? 1.294   -7.864  -9.974  1.00 51.26 ? 130 ARG A N   1 
ATOM   947  C  CA  . ARG A 1 132 ? 1.313   -9.116  -9.300  1.00 50.41 ? 130 ARG A CA  1 
ATOM   948  C  C   . ARG A 1 132 ? 0.009   -9.229  -8.505  1.00 50.14 ? 130 ARG A C   1 
ATOM   949  O  O   . ARG A 1 132 ? -0.648  -10.272 -8.553  1.00 50.51 ? 130 ARG A O   1 
ATOM   950  C  CB  . ARG A 1 132 ? 2.576   -9.245  -8.426  1.00 50.20 ? 130 ARG A CB  1 
ATOM   951  C  CG  . ARG A 1 132 ? 2.641   -10.537 -7.587  1.00 50.53 ? 130 ARG A CG  1 
ATOM   952  C  CD  . ARG A 1 132 ? 2.307   -11.784 -8.419  1.00 47.17 ? 130 ARG A CD  1 
ATOM   953  N  NE  . ARG A 1 132 ? 2.258   -13.012 -7.628  1.00 47.85 ? 130 ARG A NE  1 
ATOM   954  C  CZ  . ARG A 1 132 ? 2.074   -14.236 -8.139  1.00 50.31 ? 130 ARG A CZ  1 
ATOM   955  N  NH1 . ARG A 1 132 ? 1.875   -14.426 -9.450  1.00 47.61 ? 130 ARG A NH1 1 
ATOM   956  N  NH2 . ARG A 1 132 ? 2.067   -15.289 -7.334  1.00 49.90 ? 130 ARG A NH2 1 
ATOM   957  N  N   . LEU A 1 133 ? -0.396  -8.161  -7.819  1.00 50.50 ? 131 LEU A N   1 
ATOM   958  C  CA  . LEU A 1 133 ? -1.652  -8.159  -7.049  1.00 50.30 ? 131 LEU A CA  1 
ATOM   959  C  C   . LEU A 1 133 ? -2.853  -8.414  -7.959  1.00 50.31 ? 131 LEU A C   1 
ATOM   960  O  O   . LEU A 1 133 ? -3.727  -9.226  -7.620  1.00 51.76 ? 131 LEU A O   1 
ATOM   961  C  CB  . LEU A 1 133 ? -1.870  -6.839  -6.310  1.00 50.24 ? 131 LEU A CB  1 
ATOM   962  C  CG  . LEU A 1 133 ? -1.037  -6.556  -5.085  1.00 52.46 ? 131 LEU A CG  1 
ATOM   963  C  CD1 . LEU A 1 133 ? -1.288  -5.156  -4.528  1.00 55.32 ? 131 LEU A CD1 1 
ATOM   964  C  CD2 . LEU A 1 133 ? -1.310  -7.587  -4.025  1.00 54.55 ? 131 LEU A CD2 1 
ATOM   965  N  N   . ILE A 1 134 ? -2.914  -7.736  -9.105  1.00 49.79 ? 132 ILE A N   1 
ATOM   966  C  CA  . ILE A 1 134 ? -3.969  -8.011  -10.120 1.00 48.73 ? 132 ILE A CA  1 
ATOM   967  C  C   . ILE A 1 134 ? -4.026  -9.491  -10.590 1.00 49.25 ? 132 ILE A C   1 
ATOM   968  O  O   . ILE A 1 134 ? -5.105  -10.086 -10.679 1.00 50.30 ? 132 ILE A O   1 
ATOM   969  C  CB  . ILE A 1 134 ? -3.842  -7.030  -11.319 1.00 48.35 ? 132 ILE A CB  1 
ATOM   970  C  CG1 . ILE A 1 134 ? -4.243  -5.636  -10.887 1.00 46.18 ? 132 ILE A CG1 1 
ATOM   971  C  CG2 . ILE A 1 134 ? -4.705  -7.504  -12.535 1.00 48.66 ? 132 ILE A CG2 1 
ATOM   972  C  CD1 . ILE A 1 134 ? -3.674  -4.526  -11.790 1.00 47.68 ? 132 ILE A CD1 1 
ATOM   973  N  N   . GLU A 1 135 ? -2.859  -10.071 -10.888 1.00 49.64 ? 133 GLU A N   1 
ATOM   974  C  CA  . GLU A 1 135 ? -2.681  -11.482 -11.184 1.00 49.80 ? 133 GLU A CA  1 
ATOM   975  C  C   . GLU A 1 135 ? -3.126  -12.412 -10.056 1.00 50.10 ? 133 GLU A C   1 
ATOM   976  O  O   . GLU A 1 135 ? -3.729  -13.440 -10.294 1.00 50.43 ? 133 GLU A O   1 
ATOM   977  C  CB  . GLU A 1 135 ? -1.192  -11.715 -11.480 1.00 50.28 ? 133 GLU A CB  1 
ATOM   978  C  CG  . GLU A 1 135 ? -0.764  -13.185 -11.557 1.00 49.84 ? 133 GLU A CG  1 
ATOM   979  C  CD  . GLU A 1 135 ? 0.740   -13.387 -11.917 1.00 52.81 ? 133 GLU A CD  1 
ATOM   980  O  OE1 . GLU A 1 135 ? 1.045   -14.355 -12.647 1.00 53.41 ? 133 GLU A OE1 1 
ATOM   981  O  OE2 . GLU A 1 135 ? 1.620   -12.608 -11.466 1.00 52.50 ? 133 GLU A OE2 1 
ATOM   982  N  N   . LEU A 1 136 ? -2.799  -12.075 -8.818  1.00 51.19 ? 134 LEU A N   1 
ATOM   983  C  CA  . LEU A 1 136 ? -3.272  -12.867 -7.694  1.00 52.23 ? 134 LEU A CA  1 
ATOM   984  C  C   . LEU A 1 136 ? -4.804  -12.823 -7.605  1.00 53.05 ? 134 LEU A C   1 
ATOM   985  O  O   . LEU A 1 136 ? -5.437  -13.819 -7.286  1.00 54.13 ? 134 LEU A O   1 
ATOM   986  C  CB  . LEU A 1 136 ? -2.666  -12.364 -6.380  1.00 52.15 ? 134 LEU A CB  1 
ATOM   987  C  CG  . LEU A 1 136 ? -1.232  -12.865 -6.134  1.00 53.69 ? 134 LEU A CG  1 
ATOM   988  C  CD1 . LEU A 1 136 ? -0.406  -11.961 -5.175  1.00 48.54 ? 134 LEU A CD1 1 
ATOM   989  C  CD2 . LEU A 1 136 ? -1.121  -14.397 -5.768  1.00 50.51 ? 134 LEU A CD2 1 
ATOM   990  N  N   . THR A 1 137 ? -5.398  -11.673 -7.915  1.00 52.85 ? 135 THR A N   1 
ATOM   991  C  CA  . THR A 1 137 ? -6.827  -11.504 -7.790  1.00 52.28 ? 135 THR A CA  1 
ATOM   992  C  C   . THR A 1 137 ? -7.576  -12.267 -8.859  1.00 53.15 ? 135 THR A C   1 
ATOM   993  O  O   . THR A 1 137 ? -8.660  -12.803 -8.594  1.00 53.99 ? 135 THR A O   1 
ATOM   994  C  CB  . THR A 1 137 ? -7.160  -10.004 -7.908  1.00 51.81 ? 135 THR A CB  1 
ATOM   995  O  OG1 . THR A 1 137 ? -6.491  -9.344  -6.852  1.00 51.39 ? 135 THR A OG1 1 
ATOM   996  C  CG2 . THR A 1 137 ? -8.635  -9.726  -7.795  1.00 50.41 ? 135 THR A CG2 1 
ATOM   997  N  N   . ALA A 1 138 ? -7.057  -12.247 -10.084 1.00 53.35 ? 136 ALA A N   1 
ATOM   998  C  CA  . ALA A 1 138 ? -7.680  -13.002 -11.175 1.00 53.80 ? 136 ALA A CA  1 
ATOM   999  C  C   . ALA A 1 138 ? -7.683  -14.481 -10.890 1.00 54.37 ? 136 ALA A C   1 
ATOM   1000 O  O   . ALA A 1 138 ? -8.669  -15.150 -11.191 1.00 55.06 ? 136 ALA A O   1 
ATOM   1001 C  CB  . ALA A 1 138 ? -6.960  -12.757 -12.469 1.00 53.54 ? 136 ALA A CB  1 
ATOM   1002 N  N   . HIS A 1 139 ? -6.572  -14.996 -10.357 1.00 55.00 ? 137 HIS A N   1 
ATOM   1003 C  CA  . HIS A 1 139 ? -6.485  -16.402 -9.958  1.00 55.98 ? 137 HIS A CA  1 
ATOM   1004 C  C   . HIS A 1 139 ? -7.530  -16.727 -8.911  1.00 55.71 ? 137 HIS A C   1 
ATOM   1005 O  O   . HIS A 1 139 ? -8.182  -17.747 -9.005  1.00 55.11 ? 137 HIS A O   1 
ATOM   1006 C  CB  . HIS A 1 139 ? -5.129  -16.757 -9.345  1.00 57.21 ? 137 HIS A CB  1 
ATOM   1007 C  CG  . HIS A 1 139 ? -3.975  -16.767 -10.303 1.00 62.03 ? 137 HIS A CG  1 
ATOM   1008 N  ND1 . HIS A 1 139 ? -2.660  -16.816 -9.873  1.00 68.07 ? 137 HIS A ND1 1 
ATOM   1009 C  CD2 . HIS A 1 139 ? -3.926  -16.763 -11.659 1.00 65.95 ? 137 HIS A CD2 1 
ATOM   1010 C  CE1 . HIS A 1 139 ? -1.852  -16.848 -10.922 1.00 67.34 ? 137 HIS A CE1 1 
ATOM   1011 N  NE2 . HIS A 1 139 ? -2.594  -16.817 -12.016 1.00 67.01 ? 137 HIS A NE2 1 
ATOM   1012 N  N   . LEU A 1 140 ? -7.708  -15.894 -7.886  1.00 56.11 ? 138 LEU A N   1 
ATOM   1013 C  CA  . LEU A 1 140 ? -8.716  -16.287 -6.910  1.00 56.78 ? 138 LEU A CA  1 
ATOM   1014 C  C   . LEU A 1 140 ? -10.140 -16.112 -7.431  1.00 57.64 ? 138 LEU A C   1 
ATOM   1015 O  O   . LEU A 1 140 ? -11.032 -16.897 -7.079  1.00 57.93 ? 138 LEU A O   1 
ATOM   1016 C  CB  . LEU A 1 140 ? -8.494  -15.658 -5.555  1.00 56.48 ? 138 LEU A CB  1 
ATOM   1017 C  CG  . LEU A 1 140 ? -8.985  -14.264 -5.293  1.00 57.66 ? 138 LEU A CG  1 
ATOM   1018 C  CD1 . LEU A 1 140 ? -10.537 -14.263 -5.075  1.00 56.89 ? 138 LEU A CD1 1 
ATOM   1019 C  CD2 . LEU A 1 140 ? -8.236  -13.811 -4.056  1.00 56.31 ? 138 LEU A CD2 1 
ATOM   1020 N  N   . LEU A 1 141 ? -10.352 -15.114 -8.283  1.00 58.02 ? 139 LEU A N   1 
ATOM   1021 C  CA  . LEU A 1 141 ? -11.645 -14.976 -8.936  1.00 59.70 ? 139 LEU A CA  1 
ATOM   1022 C  C   . LEU A 1 141 ? -11.862 -16.224 -9.800  1.00 60.95 ? 139 LEU A C   1 
ATOM   1023 O  O   . LEU A 1 141 ? -12.959 -16.739 -9.858  1.00 61.01 ? 139 LEU A O   1 
ATOM   1024 C  CB  . LEU A 1 141 ? -11.775 -13.667 -9.748  1.00 58.58 ? 139 LEU A CB  1 
ATOM   1025 C  CG  . LEU A 1 141 ? -11.860 -12.376 -8.941  1.00 58.11 ? 139 LEU A CG  1 
ATOM   1026 C  CD1 . LEU A 1 141 ? -11.900 -11.200 -9.874  1.00 58.27 ? 139 LEU A CD1 1 
ATOM   1027 C  CD2 . LEU A 1 141 ? -13.047 -12.321 -7.962  1.00 55.93 ? 139 LEU A CD2 1 
ATOM   1028 N  N   . GLU A 1 142 ? -10.809 -16.731 -10.436 1.00 62.66 ? 140 GLU A N   1 
ATOM   1029 C  CA  . GLU A 1 142 ? -10.928 -17.980 -11.193 1.00 64.87 ? 140 GLU A CA  1 
ATOM   1030 C  C   . GLU A 1 142 ? -11.156 -19.175 -10.259 1.00 65.72 ? 140 GLU A C   1 
ATOM   1031 O  O   . GLU A 1 142 ? -12.111 -19.945 -10.436 1.00 65.59 ? 140 GLU A O   1 
ATOM   1032 C  CB  . GLU A 1 142 ? -9.716  -18.209 -12.083 1.00 65.03 ? 140 GLU A CB  1 
ATOM   1033 C  CG  . GLU A 1 142 ? -9.994  -19.195 -13.224 1.00 67.95 ? 140 GLU A CG  1 
ATOM   1034 C  CD  . GLU A 1 142 ? -9.388  -18.758 -14.567 1.00 71.11 ? 140 GLU A CD  1 
ATOM   1035 O  OE1 . GLU A 1 142 ? -8.564  -17.803 -14.581 1.00 71.77 ? 140 GLU A OE1 1 
ATOM   1036 O  OE2 . GLU A 1 142 ? -9.745  -19.369 -15.609 1.00 71.86 ? 140 GLU A OE2 1 
ATOM   1037 N  N   . SER A 1 143 ? -10.279 -19.288 -9.259  1.00 67.17 ? 141 SER A N   1 
ATOM   1038 C  CA  . SER A 1 143 ? -10.406 -20.207 -8.119  1.00 68.19 ? 141 SER A CA  1 
ATOM   1039 C  C   . SER A 1 143 ? -11.809 -20.211 -7.496  1.00 69.03 ? 141 SER A C   1 
ATOM   1040 O  O   . SER A 1 143 ? -12.174 -21.141 -6.782  1.00 69.40 ? 141 SER A O   1 
ATOM   1041 C  CB  . SER A 1 143 ? -9.354  -19.859 -7.056  1.00 68.16 ? 141 SER A CB  1 
ATOM   1042 O  OG  . SER A 1 143 ? -8.974  -20.981 -6.270  1.00 70.01 ? 141 SER A OG  1 
ATOM   1043 N  N   . SER A 1 144 ? -12.604 -19.182 -7.751  1.00 70.18 ? 142 SER A N   1 
ATOM   1044 C  CA  . SER A 1 144 ? -13.988 -19.264 -7.358  1.00 70.96 ? 142 SER A CA  1 
ATOM   1045 C  C   . SER A 1 144 ? -14.771 -20.084 -8.384  1.00 71.48 ? 142 SER A C   1 
ATOM   1046 O  O   . SER A 1 144 ? -14.512 -21.273 -8.519  1.00 71.42 ? 142 SER A O   1 
ATOM   1047 C  CB  . SER A 1 144 ? -14.596 -17.898 -7.160  1.00 71.14 ? 142 SER A CB  1 
ATOM   1048 O  OG  . SER A 1 144 ? -15.979 -18.055 -6.910  1.00 72.59 ? 142 SER A OG  1 
ATOM   1049 N  N   . THR A 1 145 ? -15.698 -19.454 -9.118  1.00 71.91 ? 143 THR A N   1 
ATOM   1050 C  CA  . THR A 1 145 ? -16.683 -20.180 -9.957  1.00 72.05 ? 143 THR A CA  1 
ATOM   1051 C  C   . THR A 1 145 ? -16.134 -21.343 -10.825 1.00 71.90 ? 143 THR A C   1 
ATOM   1052 O  O   . THR A 1 145 ? -15.185 -21.172 -11.594 1.00 71.41 ? 143 THR A O   1 
ATOM   1053 C  CB  . THR A 1 145 ? -17.562 -19.195 -10.827 1.00 72.24 ? 143 THR A CB  1 
ATOM   1054 O  OG1 . THR A 1 145 ? -17.851 -18.004 -10.079 1.00 73.01 ? 143 THR A OG1 1 
ATOM   1055 C  CG2 . THR A 1 145 ? -18.897 -19.847 -11.269 1.00 71.85 ? 143 THR A CG2 1 
ATOM   1056 N  N   . LYS A 1 146 ? -16.735 -22.528 -10.665 1.00 72.50 ? 144 LYS A N   1 
ATOM   1057 C  CA  . LYS A 1 146 ? -16.612 -23.629 -11.648 1.00 72.49 ? 144 LYS A CA  1 
ATOM   1058 C  C   . LYS A 1 146 ? -17.897 -23.763 -12.482 1.00 72.44 ? 144 LYS A C   1 
ATOM   1059 O  O   . LYS A 1 146 ? -18.632 -22.786 -12.695 1.00 72.41 ? 144 LYS A O   1 
ATOM   1060 C  CB  . LYS A 1 146 ? -16.237 -24.970 -10.986 1.00 72.36 ? 144 LYS A CB  1 
ATOM   1061 C  CG  . LYS A 1 146 ? -17.365 -25.644 -10.194 1.00 72.38 ? 144 LYS A CG  1 
ATOM   1062 C  CD  . LYS A 1 146 ? -17.031 -27.079 -9.773  1.00 72.52 ? 144 LYS A CD  1 
ATOM   1063 C  CE  . LYS A 1 146 ? -15.733 -27.173 -8.973  1.00 72.44 ? 144 LYS A CE  1 
ATOM   1064 N  NZ  . LYS A 1 146 ? -15.682 -26.173 -7.870  1.00 72.13 ? 144 LYS A NZ  1 
ATOM   1065 N  N   . GLN A 1 152 ? -10.238 -13.473 -21.485 1.00 57.47 ? 150 GLN A N   1 
ATOM   1066 C  CA  . GLN A 1 152 ? -10.034 -13.301 -20.039 1.00 57.34 ? 150 GLN A CA  1 
ATOM   1067 C  C   . GLN A 1 152 ? -10.898 -12.192 -19.370 1.00 56.84 ? 150 GLN A C   1 
ATOM   1068 O  O   . GLN A 1 152 ? -10.410 -11.105 -18.986 1.00 56.31 ? 150 GLN A O   1 
ATOM   1069 C  CB  . GLN A 1 152 ? -8.532  -13.175 -19.700 1.00 57.33 ? 150 GLN A CB  1 
ATOM   1070 C  CG  . GLN A 1 152 ? -8.181  -13.296 -18.214 1.00 58.24 ? 150 GLN A CG  1 
ATOM   1071 C  CD  . GLN A 1 152 ? -8.580  -14.619 -17.560 1.00 59.24 ? 150 GLN A CD  1 
ATOM   1072 O  OE1 . GLN A 1 152 ? -9.312  -15.429 -18.137 1.00 60.12 ? 150 GLN A OE1 1 
ATOM   1073 N  NE2 . GLN A 1 152 ? -8.092  -14.837 -16.334 1.00 58.30 ? 150 GLN A NE2 1 
ATOM   1074 N  N   . ASP A 1 153 ? -12.185 -12.504 -19.243 1.00 55.97 ? 151 ASP A N   1 
ATOM   1075 C  CA  . ASP A 1 153 ? -13.070 -11.792 -18.341 1.00 55.74 ? 151 ASP A CA  1 
ATOM   1076 C  C   . ASP A 1 153 ? -12.473 -11.749 -16.896 1.00 54.49 ? 151 ASP A C   1 
ATOM   1077 O  O   . ASP A 1 153 ? -12.791 -10.833 -16.124 1.00 54.47 ? 151 ASP A O   1 
ATOM   1078 C  CB  . ASP A 1 153 ? -14.484 -12.418 -18.362 1.00 56.08 ? 151 ASP A CB  1 
ATOM   1079 C  CG  . ASP A 1 153 ? -14.876 -13.002 -19.752 1.00 59.79 ? 151 ASP A CG  1 
ATOM   1080 O  OD1 . ASP A 1 153 ? -14.045 -13.705 -20.378 1.00 62.84 ? 151 ASP A OD1 1 
ATOM   1081 O  OD2 . ASP A 1 153 ? -16.034 -12.796 -20.223 1.00 62.66 ? 151 ASP A OD2 1 
ATOM   1082 N  N   . PHE A 1 154 ? -11.592 -12.694 -16.534 1.00 52.76 ? 152 PHE A N   1 
ATOM   1083 C  CA  . PHE A 1 154 ? -11.057 -12.726 -15.146 1.00 51.81 ? 152 PHE A CA  1 
ATOM   1084 C  C   . PHE A 1 154 ? -9.966  -11.719 -14.777 1.00 50.58 ? 152 PHE A C   1 
ATOM   1085 O  O   . PHE A 1 154 ? -10.065 -11.055 -13.721 1.00 50.48 ? 152 PHE A O   1 
ATOM   1086 C  CB  . PHE A 1 154 ? -10.707 -14.142 -14.674 1.00 51.76 ? 152 PHE A CB  1 
ATOM   1087 C  CG  . PHE A 1 154 ? -11.907 -15.021 -14.535 1.00 53.06 ? 152 PHE A CG  1 
ATOM   1088 C  CD1 . PHE A 1 154 ? -12.100 -16.098 -15.391 1.00 54.25 ? 152 PHE A CD1 1 
ATOM   1089 C  CD2 . PHE A 1 154 ? -12.875 -14.745 -13.580 1.00 54.41 ? 152 PHE A CD2 1 
ATOM   1090 C  CE1 . PHE A 1 154 ? -13.228 -16.905 -15.276 1.00 55.15 ? 152 PHE A CE1 1 
ATOM   1091 C  CE2 . PHE A 1 154 ? -14.008 -15.539 -13.462 1.00 54.63 ? 152 PHE A CE2 1 
ATOM   1092 C  CZ  . PHE A 1 154 ? -14.186 -16.615 -14.309 1.00 55.42 ? 152 PHE A CZ  1 
ATOM   1093 N  N   . GLU A 1 155 ? -8.931  -11.614 -15.616 1.00 48.80 ? 153 GLU A N   1 
ATOM   1094 C  CA  . GLU A 1 155 ? -7.929  -10.566 -15.445 1.00 48.23 ? 153 GLU A CA  1 
ATOM   1095 C  C   . GLU A 1 155 ? -8.672  -9.241  -15.447 1.00 46.46 ? 153 GLU A C   1 
ATOM   1096 O  O   . GLU A 1 155 ? -8.339  -8.327  -14.702 1.00 46.25 ? 153 GLU A O   1 
ATOM   1097 C  CB  . GLU A 1 155 ? -6.855  -10.604 -16.547 1.00 49.00 ? 153 GLU A CB  1 
ATOM   1098 C  CG  . GLU A 1 155 ? -5.560  -9.769  -16.245 1.00 52.63 ? 153 GLU A CG  1 
ATOM   1099 C  CD  . GLU A 1 155 ? -4.347  -10.576 -15.679 1.00 56.90 ? 153 GLU A CD  1 
ATOM   1100 O  OE1 . GLU A 1 155 ? -4.093  -11.738 -16.091 1.00 59.77 ? 153 GLU A OE1 1 
ATOM   1101 O  OE2 . GLU A 1 155 ? -3.605  -10.020 -14.831 1.00 59.45 ? 153 GLU A OE2 1 
ATOM   1102 N  N   . LEU A 1 156 ? -9.743  -9.187  -16.231 1.00 44.42 ? 154 LEU A N   1 
ATOM   1103 C  CA  . LEU A 1 156 ? -10.504 -7.958  -16.446 1.00 43.18 ? 154 LEU A CA  1 
ATOM   1104 C  C   . LEU A 1 156 ? -11.349 -7.517  -15.230 1.00 41.59 ? 154 LEU A C   1 
ATOM   1105 O  O   . LEU A 1 156 ? -11.345 -6.333  -14.836 1.00 41.01 ? 154 LEU A O   1 
ATOM   1106 C  CB  . LEU A 1 156 ? -11.361 -8.143  -17.698 1.00 43.21 ? 154 LEU A CB  1 
ATOM   1107 C  CG  . LEU A 1 156 ? -12.310 -7.066  -18.208 1.00 44.53 ? 154 LEU A CG  1 
ATOM   1108 C  CD1 . LEU A 1 156 ? -11.757 -5.620  -18.128 1.00 45.45 ? 154 LEU A CD1 1 
ATOM   1109 C  CD2 . LEU A 1 156 ? -12.712 -7.416  -19.631 1.00 42.81 ? 154 LEU A CD2 1 
ATOM   1110 N  N   . ILE A 1 157 ? -12.066 -8.470  -14.643 1.00 39.76 ? 155 ILE A N   1 
ATOM   1111 C  CA  . ILE A 1 157 ? -12.690 -8.252  -13.362 1.00 38.53 ? 155 ILE A CA  1 
ATOM   1112 C  C   . ILE A 1 157 ? -11.579 -7.922  -12.346 1.00 37.49 ? 155 ILE A C   1 
ATOM   1113 O  O   . ILE A 1 157 ? -11.706 -6.956  -11.568 1.00 37.12 ? 155 ILE A O   1 
ATOM   1114 C  CB  . ILE A 1 157 ? -13.511 -9.489  -12.902 1.00 38.71 ? 155 ILE A CB  1 
ATOM   1115 C  CG1 . ILE A 1 157 ? -14.437 -9.940  -14.001 1.00 38.76 ? 155 ILE A CG1 1 
ATOM   1116 C  CG2 . ILE A 1 157 ? -14.254 -9.212  -11.566 1.00 38.34 ? 155 ILE A CG2 1 
ATOM   1117 C  CD1 . ILE A 1 157 ? -15.480 -8.911  -14.414 1.00 43.38 ? 155 ILE A CD1 1 
ATOM   1118 N  N   . ALA A 1 158 ? -10.455 -8.634  -12.410 1.00 35.91 ? 156 ALA A N   1 
ATOM   1119 C  CA  . ALA A 1 158 ? -9.399  -8.345  -11.430 1.00 35.57 ? 156 ALA A CA  1 
ATOM   1120 C  C   . ALA A 1 158 ? -8.929  -6.940  -11.480 1.00 35.00 ? 156 ALA A C   1 
ATOM   1121 O  O   . ALA A 1 158 ? -8.703  -6.326  -10.451 1.00 36.26 ? 156 ALA A O   1 
ATOM   1122 C  CB  . ALA A 1 158 ? -8.201  -9.293  -11.562 1.00 35.57 ? 156 ALA A CB  1 
ATOM   1123 N  N   . ILE A 1 159 ? -8.729  -6.429  -12.677 1.00 34.63 ? 157 ILE A N   1 
ATOM   1124 C  CA  . ILE A 1 159 ? -8.164  -5.100  -12.835 1.00 32.96 ? 157 ILE A CA  1 
ATOM   1125 C  C   . ILE A 1 159 ? -9.181  -4.096  -12.348 1.00 33.83 ? 157 ILE A C   1 
ATOM   1126 O  O   . ILE A 1 159 ? -8.825  -3.159  -11.637 1.00 33.04 ? 157 ILE A O   1 
ATOM   1127 C  CB  . ILE A 1 159 ? -7.869  -4.817  -14.330 1.00 33.23 ? 157 ILE A CB  1 
ATOM   1128 C  CG1 . ILE A 1 159 ? -6.722  -5.721  -14.837 1.00 31.69 ? 157 ILE A CG1 1 
ATOM   1129 C  CG2 . ILE A 1 159 ? -7.512  -3.347  -14.552 1.00 28.92 ? 157 ILE A CG2 1 
ATOM   1130 C  CD1 . ILE A 1 159 ? -6.805  -6.117  -16.408 1.00 31.30 ? 157 ILE A CD1 1 
ATOM   1131 N  N   . ALA A 1 160 ? -10.445 -4.255  -12.764 1.00 34.05 ? 158 ALA A N   1 
ATOM   1132 C  CA  . ALA A 1 160 ? -11.495 -3.353  -12.297 1.00 34.25 ? 158 ALA A CA  1 
ATOM   1133 C  C   . ALA A 1 160 ? -11.633 -3.356  -10.753 1.00 36.24 ? 158 ALA A C   1 
ATOM   1134 O  O   . ALA A 1 160 ? -11.796 -2.280  -10.165 1.00 36.26 ? 158 ALA A O   1 
ATOM   1135 C  CB  . ALA A 1 160 ? -12.786 -3.736  -12.902 1.00 33.09 ? 158 ALA A CB  1 
ATOM   1136 N  N   . LEU A 1 161 ? -11.618 -4.543  -10.117 1.00 37.56 ? 159 LEU A N   1 
ATOM   1137 C  CA  . LEU A 1 161 ? -11.682 -4.686  -8.643  1.00 40.08 ? 159 LEU A CA  1 
ATOM   1138 C  C   . LEU A 1 161 ? -10.481 -4.022  -7.933  1.00 41.75 ? 159 LEU A C   1 
ATOM   1139 O  O   . LEU A 1 161 ? -10.605 -3.432  -6.844  1.00 43.41 ? 159 LEU A O   1 
ATOM   1140 C  CB  . LEU A 1 161 ? -11.678 -6.176  -8.280  1.00 40.44 ? 159 LEU A CB  1 
ATOM   1141 C  CG  . LEU A 1 161 ? -12.343 -6.771  -6.996  1.00 46.31 ? 159 LEU A CG  1 
ATOM   1142 C  CD1 . LEU A 1 161 ? -11.534 -7.866  -6.311  1.00 45.48 ? 159 LEU A CD1 1 
ATOM   1143 C  CD2 . LEU A 1 161 ? -12.897 -5.754  -5.898  1.00 44.73 ? 159 LEU A CD2 1 
ATOM   1144 N  N   . VAL A 1 162 ? -9.294  -4.101  -8.528  1.00 41.50 ? 160 VAL A N   1 
ATOM   1145 C  CA  . VAL A 1 162 ? -8.114  -3.498  -7.891  1.00 41.75 ? 160 VAL A CA  1 
ATOM   1146 C  C   . VAL A 1 162 ? -8.144  -1.978  -8.011  1.00 41.90 ? 160 VAL A C   1 
ATOM   1147 O  O   . VAL A 1 162 ? -7.810  -1.241  -7.048  1.00 42.71 ? 160 VAL A O   1 
ATOM   1148 C  CB  . VAL A 1 162 ? -6.795  -4.061  -8.477  1.00 42.13 ? 160 VAL A CB  1 
ATOM   1149 C  CG1 . VAL A 1 162 ? -5.557  -3.218  -8.031  1.00 42.58 ? 160 VAL A CG1 1 
ATOM   1150 C  CG2 . VAL A 1 162 ? -6.635  -5.539  -8.020  1.00 42.59 ? 160 VAL A CG2 1 
ATOM   1151 N  N   . GLY A 1 163 ? -8.544  -1.517  -9.195  1.00 39.81 ? 161 GLY A N   1 
ATOM   1152 C  CA  . GLY A 1 163 ? -8.724  -0.119  -9.416  1.00 39.13 ? 161 GLY A CA  1 
ATOM   1153 C  C   . GLY A 1 163 ? -9.770  0.423   -8.480  1.00 38.56 ? 161 GLY A C   1 
ATOM   1154 O  O   . GLY A 1 163 ? -9.600  1.492   -7.942  1.00 38.82 ? 161 GLY A O   1 
ATOM   1155 N  N   . ALA A 1 164 ? -10.869 -0.307  -8.309  1.00 38.79 ? 162 ALA A N   1 
ATOM   1156 C  CA  . ALA A 1 164 ? -11.930 0.117   -7.389  1.00 39.24 ? 162 ALA A CA  1 
ATOM   1157 C  C   . ALA A 1 164 ? -11.430 0.166   -5.923  1.00 38.93 ? 162 ALA A C   1 
ATOM   1158 O  O   . ALA A 1 164 ? -11.694 1.109   -5.226  1.00 39.19 ? 162 ALA A O   1 
ATOM   1159 C  CB  . ALA A 1 164 ? -13.170 -0.802  -7.536  1.00 37.81 ? 162 ALA A CB  1 
ATOM   1160 N  N   . GLY A 1 165 ? -10.668 -0.842  -5.521  1.00 40.48 ? 163 GLY A N   1 
ATOM   1161 C  CA  . GLY A 1 165 ? -10.064 -0.945  -4.212  1.00 41.61 ? 163 GLY A CA  1 
ATOM   1162 C  C   . GLY A 1 165 ? -9.101  0.180   -3.934  1.00 42.55 ? 163 GLY A C   1 
ATOM   1163 O  O   . GLY A 1 165 ? -9.033  0.687   -2.783  1.00 42.78 ? 163 GLY A O   1 
ATOM   1164 N  N   . GLU A 1 166 ? -8.373  0.592   -4.977  1.00 42.25 ? 164 GLU A N   1 
ATOM   1165 C  CA  . GLU A 1 166 ? -7.405  1.678   -4.823  1.00 41.10 ? 164 GLU A CA  1 
ATOM   1166 C  C   . GLU A 1 166 ? -8.133  2.940   -4.556  1.00 41.10 ? 164 GLU A C   1 
ATOM   1167 O  O   . GLU A 1 166 ? -7.781  3.628   -3.614  1.00 42.42 ? 164 GLU A O   1 
ATOM   1168 C  CB  . GLU A 1 166 ? -6.597  1.858   -6.083  1.00 41.09 ? 164 GLU A CB  1 
ATOM   1169 C  CG  . GLU A 1 166 ? -5.552  0.790   -6.232  1.00 41.04 ? 164 GLU A CG  1 
ATOM   1170 C  CD  . GLU A 1 166 ? -4.847  0.876   -7.561  1.00 42.48 ? 164 GLU A CD  1 
ATOM   1171 O  OE1 . GLU A 1 166 ? -5.506  0.934   -8.618  1.00 49.32 ? 164 GLU A OE1 1 
ATOM   1172 O  OE2 . GLU A 1 166 ? -3.636  0.854   -7.579  1.00 38.95 ? 164 GLU A OE2 1 
ATOM   1173 N  N   . ALA A 1 167 ? -9.177  3.240   -5.333  1.00 39.31 ? 165 ALA A N   1 
ATOM   1174 C  CA  . ALA A 1 167 ? -9.847  4.516   -5.148  1.00 38.61 ? 165 ALA A CA  1 
ATOM   1175 C  C   . ALA A 1 167 ? -10.624 4.533   -3.839  1.00 38.66 ? 165 ALA A C   1 
ATOM   1176 O  O   . ALA A 1 167 ? -10.776 5.571   -3.220  1.00 37.49 ? 165 ALA A O   1 
ATOM   1177 C  CB  . ALA A 1 167 ? -10.783 4.819   -6.318  1.00 38.84 ? 165 ALA A CB  1 
ATOM   1178 N  N   . VAL A 1 168 ? -11.116 3.376   -3.420  1.00 39.70 ? 166 VAL A N   1 
ATOM   1179 C  CA  . VAL A 1 168 ? -11.935 3.275   -2.205  1.00 40.78 ? 166 VAL A CA  1 
ATOM   1180 C  C   . VAL A 1 168 ? -11.014 3.390   -0.959  1.00 41.63 ? 166 VAL A C   1 
ATOM   1181 O  O   . VAL A 1 168 ? -11.316 4.135   -0.030  1.00 41.42 ? 166 VAL A O   1 
ATOM   1182 C  CB  . VAL A 1 168 ? -12.807 1.971   -2.214  1.00 41.90 ? 166 VAL A CB  1 
ATOM   1183 C  CG1 . VAL A 1 168 ? -13.311 1.621   -0.816  1.00 41.14 ? 166 VAL A CG1 1 
ATOM   1184 C  CG2 . VAL A 1 168 ? -14.028 2.149   -3.155  1.00 39.50 ? 166 VAL A CG2 1 
ATOM   1185 N  N   . ALA A 1 169 ? -9.893  2.672   -1.002  1.00 42.36 ? 167 ALA A N   1 
ATOM   1186 C  CA  . ALA A 1 169 ? -8.827  2.812   -0.060  1.00 43.29 ? 167 ALA A CA  1 
ATOM   1187 C  C   . ALA A 1 169 ? -8.561  4.289   0.188   1.00 44.05 ? 167 ALA A C   1 
ATOM   1188 O  O   . ALA A 1 169 ? -8.530  4.696   1.341   1.00 44.40 ? 167 ALA A O   1 
ATOM   1189 C  CB  . ALA A 1 169 ? -7.582  2.111   -0.564  1.00 41.84 ? 167 ALA A CB  1 
ATOM   1190 N  N   . ASP A 1 170 ? -8.407  5.093   -0.861  1.00 44.79 ? 168 ASP A N   1 
ATOM   1191 C  CA  . ASP A 1 170 ? -8.241  6.577   -0.707  1.00 46.24 ? 168 ASP A CA  1 
ATOM   1192 C  C   . ASP A 1 170 ? -9.254  7.206   0.219   1.00 45.10 ? 168 ASP A C   1 
ATOM   1193 O  O   . ASP A 1 170 ? -8.925  7.989   1.070   1.00 45.81 ? 168 ASP A O   1 
ATOM   1194 C  CB  . ASP A 1 170 ? -8.427  7.303   -2.043  1.00 46.91 ? 168 ASP A CB  1 
ATOM   1195 C  CG  . ASP A 1 170 ? -7.168  7.973   -2.539  1.00 52.92 ? 168 ASP A CG  1 
ATOM   1196 O  OD1 . ASP A 1 170 ? -6.119  7.872   -1.849  1.00 56.05 ? 168 ASP A OD1 1 
ATOM   1197 O  OD2 . ASP A 1 170 ? -7.227  8.614   -3.640  1.00 59.31 ? 168 ASP A OD2 1 
ATOM   1198 N  N   . ARG A 1 171 ? -10.514 6.882   0.018   1.00 45.21 ? 169 ARG A N   1 
ATOM   1199 C  CA  . ARG A 1 171 ? -11.555 7.405   0.870   1.00 44.76 ? 169 ARG A CA  1 
ATOM   1200 C  C   . ARG A 1 171 ? -11.526 6.780   2.283   1.00 43.74 ? 169 ARG A C   1 
ATOM   1201 O  O   . ARG A 1 171 ? -11.807 7.472   3.245   1.00 43.99 ? 169 ARG A O   1 
ATOM   1202 C  CB  . ARG A 1 171 ? -12.923 7.217   0.211   1.00 45.13 ? 169 ARG A CB  1 
ATOM   1203 C  CG  . ARG A 1 171 ? -13.093 8.025   -1.053  1.00 47.63 ? 169 ARG A CG  1 
ATOM   1204 C  CD  . ARG A 1 171 ? -13.287 9.500   -0.784  1.00 50.06 ? 169 ARG A CD  1 
ATOM   1205 N  NE  . ARG A 1 171 ? -12.854 10.280  -1.950  1.00 53.72 ? 169 ARG A NE  1 
ATOM   1206 C  CZ  . ARG A 1 171 ? -13.637 11.057  -2.716  1.00 54.70 ? 169 ARG A CZ  1 
ATOM   1207 N  NH1 . ARG A 1 171 ? -14.950 11.215  -2.478  1.00 52.78 ? 169 ARG A NH1 1 
ATOM   1208 N  NH2 . ARG A 1 171 ? -13.089 11.699  -3.737  1.00 55.24 ? 169 ARG A NH2 1 
ATOM   1209 N  N   . VAL A 1 172 ? -11.220 5.494   2.403   1.00 41.66 ? 170 VAL A N   1 
ATOM   1210 C  CA  . VAL A 1 172 ? -10.959 4.901   3.697   1.00 41.02 ? 170 VAL A CA  1 
ATOM   1211 C  C   . VAL A 1 172 ? -9.797  5.644   4.406   1.00 41.32 ? 170 VAL A C   1 
ATOM   1212 O  O   . VAL A 1 172 ? -9.973  6.124   5.505   1.00 40.85 ? 170 VAL A O   1 
ATOM   1213 C  CB  . VAL A 1 172 ? -10.703 3.369   3.589   1.00 41.47 ? 170 VAL A CB  1 
ATOM   1214 C  CG1 . VAL A 1 172 ? -10.073 2.828   4.853   1.00 36.56 ? 170 VAL A CG1 1 
ATOM   1215 C  CG2 . VAL A 1 172 ? -11.989 2.649   3.262   1.00 38.90 ? 170 VAL A CG2 1 
ATOM   1216 N  N   . ALA A 1 173 ? -8.639  5.798   3.771   1.00 41.49 ? 171 ALA A N   1 
ATOM   1217 C  CA  . ALA A 1 173 ? -7.518  6.555   4.395   1.00 41.90 ? 171 ALA A CA  1 
ATOM   1218 C  C   . ALA A 1 173 ? -7.957  7.930   4.858   1.00 42.08 ? 171 ALA A C   1 
ATOM   1219 O  O   . ALA A 1 173 ? -7.464  8.438   5.835   1.00 43.68 ? 171 ALA A O   1 
ATOM   1220 C  CB  . ALA A 1 173 ? -6.350  6.692   3.441   1.00 41.39 ? 171 ALA A CB  1 
ATOM   1221 N  N   . GLY A 1 174 ? -8.885  8.554   4.151   1.00 43.39 ? 172 GLY A N   1 
ATOM   1222 C  CA  . GLY A 1 174 ? -9.307  9.936   4.492   1.00 43.14 ? 172 GLY A CA  1 
ATOM   1223 C  C   . GLY A 1 174 ? -10.441 9.948   5.477   1.00 43.40 ? 172 GLY A C   1 
ATOM   1224 O  O   . GLY A 1 174 ? -10.953 11.016  5.818   1.00 44.17 ? 172 GLY A O   1 
ATOM   1225 N  N   . GLY A 1 175 ? -10.847 8.745   5.904   1.00 43.23 ? 173 GLY A N   1 
ATOM   1226 C  CA  . GLY A 1 175 ? -11.861 8.529   6.950   1.00 43.60 ? 173 GLY A CA  1 
ATOM   1227 C  C   . GLY A 1 175 ? -13.289 8.821   6.521   1.00 43.77 ? 173 GLY A C   1 
ATOM   1228 O  O   . GLY A 1 175 ? -14.180 8.989   7.351   1.00 42.48 ? 173 GLY A O   1 
ATOM   1229 N  N   . GLU A 1 176 ? -13.490 8.915   5.214   1.00 44.43 ? 174 GLU A N   1 
ATOM   1230 C  CA  . GLU A 1 176 ? -14.797 9.186   4.686   1.00 45.92 ? 174 GLU A CA  1 
ATOM   1231 C  C   . GLU A 1 176 ? -15.589 7.902   4.591   1.00 45.59 ? 174 GLU A C   1 
ATOM   1232 O  O   . GLU A 1 176 ? -16.795 7.957   4.545   1.00 44.66 ? 174 GLU A O   1 
ATOM   1233 C  CB  . GLU A 1 176 ? -14.699 9.874   3.333   1.00 46.59 ? 174 GLU A CB  1 
ATOM   1234 C  CG  . GLU A 1 176 ? -14.153 11.299  3.456   1.00 51.92 ? 174 GLU A CG  1 
ATOM   1235 C  CD  . GLU A 1 176 ? -13.365 11.722  2.218   1.00 59.36 ? 174 GLU A CD  1 
ATOM   1236 O  OE1 . GLU A 1 176 ? -13.963 12.374  1.318   1.00 61.83 ? 174 GLU A OE1 1 
ATOM   1237 O  OE2 . GLU A 1 176 ? -12.152 11.375  2.129   1.00 62.54 ? 174 GLU A OE2 1 
ATOM   1238 N  N   . ILE A 1 177 ? -14.925 6.742   4.564   1.00 46.07 ? 175 ILE A N   1 
ATOM   1239 C  CA  . ILE A 1 177 ? -15.662 5.461   4.475   1.00 46.63 ? 175 ILE A CA  1 
ATOM   1240 C  C   . ILE A 1 177 ? -15.154 4.513   5.514   1.00 45.38 ? 175 ILE A C   1 
ATOM   1241 O  O   . ILE A 1 177 ? -13.939 4.348   5.635   1.00 45.45 ? 175 ILE A O   1 
ATOM   1242 C  CB  . ILE A 1 177 ? -15.454 4.695   3.119   1.00 46.78 ? 175 ILE A CB  1 
ATOM   1243 C  CG1 . ILE A 1 177 ? -15.253 5.641   1.937   1.00 49.92 ? 175 ILE A CG1 1 
ATOM   1244 C  CG2 . ILE A 1 177 ? -16.554 3.632   2.917   1.00 48.90 ? 175 ILE A CG2 1 
ATOM   1245 C  CD1 . ILE A 1 177 ? -16.462 6.553   1.616   1.00 52.21 ? 175 ILE A CD1 1 
ATOM   1246 N  N   . GLU A 1 178 ? -16.068 3.820   6.191   1.00 45.17 ? 176 GLU A N   1 
ATOM   1247 C  CA  . GLU A 1 178 ? -15.685 2.754   7.135   1.00 45.26 ? 176 GLU A CA  1 
ATOM   1248 C  C   . GLU A 1 178 ? -15.153 1.519   6.426   1.00 45.07 ? 176 GLU A C   1 
ATOM   1249 O  O   . GLU A 1 178 ? -15.592 1.192   5.308   1.00 46.04 ? 176 GLU A O   1 
ATOM   1250 C  CB  . GLU A 1 178 ? -16.867 2.351   7.982   1.00 45.56 ? 176 GLU A CB  1 
ATOM   1251 C  CG  . GLU A 1 178 ? -16.917 3.002   9.311   1.00 47.18 ? 176 GLU A CG  1 
ATOM   1252 C  CD  . GLU A 1 178 ? -18.295 2.916   9.911   1.00 50.57 ? 176 GLU A CD  1 
ATOM   1253 O  OE1 . GLU A 1 178 ? -19.091 2.076   9.458   1.00 53.59 ? 176 GLU A OE1 1 
ATOM   1254 O  OE2 . GLU A 1 178 ? -18.603 3.691   10.831  1.00 52.38 ? 176 GLU A OE2 1 
ATOM   1255 N  N   . VAL A 1 179 ? -14.208 0.835   7.067   1.00 43.86 ? 177 VAL A N   1 
ATOM   1256 C  CA  . VAL A 1 179 ? -13.588 -0.356  6.484   1.00 43.39 ? 177 VAL A CA  1 
ATOM   1257 C  C   . VAL A 1 179 ? -14.588 -1.406  5.972   1.00 43.98 ? 177 VAL A C   1 
ATOM   1258 O  O   . VAL A 1 179 ? -14.487 -1.874  4.826   1.00 43.66 ? 177 VAL A O   1 
ATOM   1259 C  CB  . VAL A 1 179 ? -12.570 -0.968  7.441   1.00 43.35 ? 177 VAL A CB  1 
ATOM   1260 C  CG1 . VAL A 1 179 ? -12.203 -2.416  7.015   1.00 43.09 ? 177 VAL A CG1 1 
ATOM   1261 C  CG2 . VAL A 1 179 ? -11.337 -0.073  7.474   1.00 40.91 ? 177 VAL A CG2 1 
ATOM   1262 N  N   . ASP A 1 180 ? -15.567 -1.708  6.820   1.00 44.04 ? 178 ASP A N   1 
ATOM   1263 C  CA  . ASP A 1 180 ? -16.663 -2.635  6.565   1.00 44.69 ? 178 ASP A CA  1 
ATOM   1264 C  C   . ASP A 1 180 ? -17.551 -2.259  5.396   1.00 44.23 ? 178 ASP A C   1 
ATOM   1265 O  O   . ASP A 1 180 ? -17.848 -3.111  4.558   1.00 44.07 ? 178 ASP A O   1 
ATOM   1266 C  CB  . ASP A 1 180 ? -17.550 -2.741  7.827   1.00 45.26 ? 178 ASP A CB  1 
ATOM   1267 C  CG  . ASP A 1 180 ? -16.748 -3.063  9.064   1.00 48.36 ? 178 ASP A CG  1 
ATOM   1268 O  OD1 . ASP A 1 180 ? -15.800 -3.877  8.935   1.00 51.54 ? 178 ASP A OD1 1 
ATOM   1269 O  OD2 . ASP A 1 180 ? -17.041 -2.508  10.161  1.00 53.83 ? 178 ASP A OD2 1 
ATOM   1270 N  N   . ALA A 1 181 ? -18.003 -1.005  5.377   1.00 43.64 ? 179 ALA A N   1 
ATOM   1271 C  CA  . ALA A 1 181 ? -18.762 -0.451  4.266   1.00 43.39 ? 179 ALA A CA  1 
ATOM   1272 C  C   . ALA A 1 181 ? -17.939 -0.631  2.970   1.00 43.21 ? 179 ALA A C   1 
ATOM   1273 O  O   . ALA A 1 181 ? -18.426 -1.144  1.951   1.00 43.55 ? 179 ALA A O   1 
ATOM   1274 C  CB  . ALA A 1 181 ? -19.039 1.019   4.532   1.00 42.76 ? 179 ALA A CB  1 
ATOM   1275 N  N   . ALA A 1 182 ? -16.660 -0.283  3.050   1.00 42.80 ? 180 ALA A N   1 
ATOM   1276 C  CA  . ALA A 1 182 ? -15.782 -0.360  1.897   1.00 41.58 ? 180 ALA A CA  1 
ATOM   1277 C  C   . ALA A 1 182 ? -15.582 -1.815  1.495   1.00 41.91 ? 180 ALA A C   1 
ATOM   1278 O  O   . ALA A 1 182 ? -15.745 -2.137  0.344   1.00 41.78 ? 180 ALA A O   1 
ATOM   1279 C  CB  . ALA A 1 182 ? -14.475 0.285   2.211   1.00 41.23 ? 180 ALA A CB  1 
ATOM   1280 N  N   . ALA A 1 183 ? -15.280 -2.710  2.446   1.00 41.96 ? 181 ALA A N   1 
ATOM   1281 C  CA  . ALA A 1 183 ? -15.005 -4.115  2.097   1.00 42.01 ? 181 ALA A CA  1 
ATOM   1282 C  C   . ALA A 1 183 ? -16.246 -4.755  1.549   1.00 42.29 ? 181 ALA A C   1 
ATOM   1283 O  O   . ALA A 1 183 ? -16.175 -5.607  0.689   1.00 42.70 ? 181 ALA A O   1 
ATOM   1284 C  CB  . ALA A 1 183 ? -14.515 -4.903  3.292   1.00 42.18 ? 181 ALA A CB  1 
ATOM   1285 N  N   . ASP A 1 184 ? -17.391 -4.325  2.053   1.00 42.75 ? 182 ASP A N   1 
ATOM   1286 C  CA  . ASP A 1 184 ? -18.683 -4.816  1.578   1.00 43.28 ? 182 ASP A CA  1 
ATOM   1287 C  C   . ASP A 1 184 ? -18.924 -4.541  0.099   1.00 43.43 ? 182 ASP A C   1 
ATOM   1288 O  O   . ASP A 1 184 ? -19.298 -5.444  -0.655  1.00 41.15 ? 182 ASP A O   1 
ATOM   1289 C  CB  . ASP A 1 184 ? -19.801 -4.184  2.408   1.00 42.55 ? 182 ASP A CB  1 
ATOM   1290 C  CG  . ASP A 1 184 ? -20.121 -4.995  3.651   1.00 45.32 ? 182 ASP A CG  1 
ATOM   1291 O  OD1 . ASP A 1 184 ? -19.578 -6.117  3.779   1.00 46.48 ? 182 ASP A OD1 1 
ATOM   1292 O  OD2 . ASP A 1 184 ? -20.931 -4.533  4.507   1.00 49.50 ? 182 ASP A OD2 1 
ATOM   1293 N  N   . LEU A 1 185 ? -18.697 -3.279  -0.289  1.00 44.42 ? 183 LEU A N   1 
ATOM   1294 C  CA  . LEU A 1 185 ? -18.891 -2.853  -1.654  1.00 46.13 ? 183 LEU A CA  1 
ATOM   1295 C  C   . LEU A 1 185 ? -17.952 -3.586  -2.603  1.00 46.94 ? 183 LEU A C   1 
ATOM   1296 O  O   . LEU A 1 185 ? -18.348 -3.997  -3.702  1.00 47.49 ? 183 LEU A O   1 
ATOM   1297 C  CB  . LEU A 1 185 ? -18.626 -1.356  -1.770  1.00 47.29 ? 183 LEU A CB  1 
ATOM   1298 C  CG  . LEU A 1 185 ? -18.638 -0.900  -3.236  1.00 48.41 ? 183 LEU A CG  1 
ATOM   1299 C  CD1 . LEU A 1 185 ? -19.973 -1.296  -3.878  1.00 48.36 ? 183 LEU A CD1 1 
ATOM   1300 C  CD2 . LEU A 1 185 ? -18.392 0.589   -3.358  1.00 49.91 ? 183 LEU A CD2 1 
ATOM   1301 N  N   . LEU A 1 186 ? -16.709 -3.741  -2.183  1.00 47.02 ? 184 LEU A N   1 
ATOM   1302 C  CA  . LEU A 1 186 ? -15.734 -4.417  -3.005  1.00 48.29 ? 184 LEU A CA  1 
ATOM   1303 C  C   . LEU A 1 186 ? -16.000 -5.911  -3.125  1.00 49.43 ? 184 LEU A C   1 
ATOM   1304 O  O   . LEU A 1 186 ? -15.691 -6.499  -4.163  1.00 49.51 ? 184 LEU A O   1 
ATOM   1305 C  CB  . LEU A 1 186 ? -14.344 -4.169  -2.434  1.00 47.29 ? 184 LEU A CB  1 
ATOM   1306 C  CG  . LEU A 1 186 ? -13.491 -2.980  -2.951  1.00 48.56 ? 184 LEU A CG  1 
ATOM   1307 C  CD1 . LEU A 1 186 ? -14.076 -2.045  -4.037  1.00 44.51 ? 184 LEU A CD1 1 
ATOM   1308 C  CD2 . LEU A 1 186 ? -12.814 -2.206  -1.805  1.00 48.85 ? 184 LEU A CD2 1 
ATOM   1309 N  N   . GLU A 1 187 ? -16.550 -6.540  -2.083  1.00 50.27 ? 185 GLU A N   1 
ATOM   1310 C  CA  . GLU A 1 187 ? -16.826 -7.961  -2.197  1.00 52.88 ? 185 GLU A CA  1 
ATOM   1311 C  C   . GLU A 1 187 ? -17.898 -8.182  -3.255  1.00 53.87 ? 185 GLU A C   1 
ATOM   1312 O  O   . GLU A 1 187 ? -17.805 -9.120  -4.051  1.00 53.97 ? 185 GLU A O   1 
ATOM   1313 C  CB  . GLU A 1 187 ? -17.314 -8.596  -0.887  1.00 52.36 ? 185 GLU A CB  1 
ATOM   1314 C  CG  . GLU A 1 187 ? -16.287 -8.702  0.210   1.00 54.60 ? 185 GLU A CG  1 
ATOM   1315 C  CD  . GLU A 1 187 ? -16.921 -9.106  1.529   1.00 57.11 ? 185 GLU A CD  1 
ATOM   1316 O  OE1 . GLU A 1 187 ? -16.717 -8.381  2.553   1.00 58.59 ? 185 GLU A OE1 1 
ATOM   1317 O  OE2 . GLU A 1 187 ? -17.636 -10.147 1.530   1.00 56.88 ? 185 GLU A OE2 1 
ATOM   1318 N  N   . SER A 1 188 ? -18.932 -7.346  -3.256  1.00 54.77 ? 186 SER A N   1 
ATOM   1319 C  CA  . SER A 1 188 ? -20.036 -7.633  -4.177  1.00 56.61 ? 186 SER A CA  1 
ATOM   1320 C  C   . SER A 1 188 ? -19.772 -7.136  -5.616  1.00 57.05 ? 186 SER A C   1 
ATOM   1321 O  O   . SER A 1 188 ? -20.218 -7.732  -6.581  1.00 57.04 ? 186 SER A O   1 
ATOM   1322 C  CB  . SER A 1 188 ? -21.366 -7.131  -3.625  1.00 56.37 ? 186 SER A CB  1 
ATOM   1323 O  OG  . SER A 1 188 ? -21.405 -5.719  -3.632  1.00 57.49 ? 186 SER A OG  1 
ATOM   1324 N  N   . LEU A 1 189 ? -19.032 -6.054  -5.754  1.00 57.84 ? 187 LEU A N   1 
ATOM   1325 C  CA  . LEU A 1 189 ? -18.517 -5.686  -7.056  1.00 59.44 ? 187 LEU A CA  1 
ATOM   1326 C  C   . LEU A 1 189 ? -17.798 -6.885  -7.684  1.00 60.39 ? 187 LEU A C   1 
ATOM   1327 O  O   . LEU A 1 189 ? -17.904 -7.124  -8.876  1.00 61.03 ? 187 LEU A O   1 
ATOM   1328 C  CB  . LEU A 1 189 ? -17.560 -4.531  -6.872  1.00 59.21 ? 187 LEU A CB  1 
ATOM   1329 C  CG  . LEU A 1 189 ? -16.780 -3.916  -8.018  1.00 60.48 ? 187 LEU A CG  1 
ATOM   1330 C  CD1 . LEU A 1 189 ? -16.274 -2.585  -7.518  1.00 61.70 ? 187 LEU A CD1 1 
ATOM   1331 C  CD2 . LEU A 1 189 ? -15.619 -4.786  -8.525  1.00 61.44 ? 187 LEU A CD2 1 
ATOM   1332 N  N   . ALA A 1 190 ? -17.084 -7.652  -6.863  1.00 61.53 ? 188 ALA A N   1 
ATOM   1333 C  CA  . ALA A 1 190 ? -16.250 -8.745  -7.330  1.00 61.68 ? 188 ALA A CA  1 
ATOM   1334 C  C   . ALA A 1 190 ? -17.095 -9.962  -7.693  1.00 62.34 ? 188 ALA A C   1 
ATOM   1335 O  O   . ALA A 1 190 ? -16.859 -10.589 -8.726  1.00 61.42 ? 188 ALA A O   1 
ATOM   1336 C  CB  . ALA A 1 190 ? -15.239 -9.118  -6.283  1.00 61.51 ? 188 ALA A CB  1 
ATOM   1337 N  N   . TRP A 1 191 ? -18.059 -10.312 -6.840  1.00 63.12 ? 189 TRP A N   1 
ATOM   1338 C  CA  . TRP A 1 191 ? -18.903 -11.506 -7.103  1.00 64.15 ? 189 TRP A CA  1 
ATOM   1339 C  C   . TRP A 1 191 ? -20.150 -11.215 -7.974  1.00 64.93 ? 189 TRP A C   1 
ATOM   1340 O  O   . TRP A 1 191 ? -20.735 -12.139 -8.552  1.00 65.31 ? 189 TRP A O   1 
ATOM   1341 C  CB  . TRP A 1 191 ? -19.255 -12.265 -5.809  1.00 63.54 ? 189 TRP A CB  1 
ATOM   1342 C  CG  . TRP A 1 191 ? -18.042 -12.642 -4.976  1.00 63.30 ? 189 TRP A CG  1 
ATOM   1343 C  CD1 . TRP A 1 191 ? -17.750 -12.206 -3.707  1.00 61.79 ? 189 TRP A CD1 1 
ATOM   1344 C  CD2 . TRP A 1 191 ? -16.953 -13.516 -5.357  1.00 63.36 ? 189 TRP A CD2 1 
ATOM   1345 N  NE1 . TRP A 1 191 ? -16.561 -12.754 -3.277  1.00 62.59 ? 189 TRP A NE1 1 
ATOM   1346 C  CE2 . TRP A 1 191 ? -16.047 -13.556 -4.268  1.00 63.46 ? 189 TRP A CE2 1 
ATOM   1347 C  CE3 . TRP A 1 191 ? -16.657 -14.267 -6.506  1.00 63.68 ? 189 TRP A CE3 1 
ATOM   1348 C  CZ2 . TRP A 1 191 ? -14.860 -14.325 -4.297  1.00 64.12 ? 189 TRP A CZ2 1 
ATOM   1349 C  CZ3 . TRP A 1 191 ? -15.474 -15.032 -6.530  1.00 64.07 ? 189 TRP A CZ3 1 
ATOM   1350 C  CH2 . TRP A 1 191 ? -14.594 -15.054 -5.431  1.00 63.78 ? 189 TRP A CH2 1 
ATOM   1351 N  N   . ARG A 1 192 ? -20.509 -9.935  -8.092  1.00 66.01 ? 190 ARG A N   1 
ATOM   1352 C  CA  . ARG A 1 192 ? -21.648 -9.484  -8.905  1.00 67.26 ? 190 ARG A CA  1 
ATOM   1353 C  C   . ARG A 1 192 ? -21.333 -8.694  -10.214 1.00 68.31 ? 190 ARG A C   1 
ATOM   1354 O  O   . ARG A 1 192 ? -22.127 -8.724  -11.134 1.00 68.53 ? 190 ARG A O   1 
ATOM   1355 C  CB  . ARG A 1 192 ? -22.702 -8.774  -8.028  1.00 67.05 ? 190 ARG A CB  1 
ATOM   1356 C  CG  . ARG A 1 192 ? -23.366 -9.657  -6.948  1.00 66.86 ? 190 ARG A CG  1 
ATOM   1357 C  CD  . ARG A 1 192 ? -23.933 -11.015 -7.496  1.00 68.31 ? 190 ARG A CD  1 
ATOM   1358 N  NE  . ARG A 1 192 ? -25.262 -10.926 -8.134  1.00 68.74 ? 190 ARG A NE  1 
ATOM   1359 C  CZ  . ARG A 1 192 ? -26.427 -11.164 -7.522  1.00 68.97 ? 190 ARG A CZ  1 
ATOM   1360 N  NH1 . ARG A 1 192 ? -26.449 -11.503 -6.242  1.00 69.59 ? 190 ARG A NH1 1 
ATOM   1361 N  NH2 . ARG A 1 192 ? -27.578 -11.065 -8.185  1.00 68.12 ? 190 ARG A NH2 1 
ATOM   1362 N  N   . GLY A 1 193 ? -20.187 -8.011  -10.312 1.00 69.89 ? 191 GLY A N   1 
ATOM   1363 C  CA  . GLY A 1 193 ? -19.593 -7.682  -11.629 1.00 70.89 ? 191 GLY A CA  1 
ATOM   1364 C  C   . GLY A 1 193 ? -19.182 -8.979  -12.346 1.00 71.88 ? 191 GLY A C   1 
ATOM   1365 O  O   . GLY A 1 193 ? -19.130 -9.060  -13.582 1.00 71.88 ? 191 GLY A O   1 
ATOM   1366 N  N   . LEU A 1 194 ? -18.903 -10.006 -11.546 1.00 72.65 ? 192 LEU A N   1 
ATOM   1367 C  CA  . LEU A 1 194 ? -18.611 -11.350 -12.024 1.00 73.81 ? 192 LEU A CA  1 
ATOM   1368 C  C   . LEU A 1 194 ? -19.854 -12.000 -12.629 1.00 74.55 ? 192 LEU A C   1 
ATOM   1369 O  O   . LEU A 1 194 ? -19.932 -12.200 -13.841 1.00 74.65 ? 192 LEU A O   1 
ATOM   1370 C  CB  . LEU A 1 194 ? -18.084 -12.191 -10.857 1.00 73.76 ? 192 LEU A CB  1 
ATOM   1371 C  CG  . LEU A 1 194 ? -17.451 -13.568 -11.060 1.00 74.28 ? 192 LEU A CG  1 
ATOM   1372 C  CD1 . LEU A 1 194 ? -16.203 -13.701 -10.189 1.00 73.83 ? 192 LEU A CD1 1 
ATOM   1373 C  CD2 . LEU A 1 194 ? -18.452 -14.705 -10.749 1.00 75.64 ? 192 LEU A CD2 1 
ATOM   1374 N  N   . ALA A 1 195 ? -20.825 -12.307 -11.774 1.00 75.75 ? 193 ALA A N   1 
ATOM   1375 C  CA  . ALA A 1 195 ? -22.070 -12.971 -12.168 1.00 77.04 ? 193 ALA A CA  1 
ATOM   1376 C  C   . ALA A 1 195 ? -23.099 -12.035 -12.837 1.00 78.03 ? 193 ALA A C   1 
ATOM   1377 O  O   . ALA A 1 195 ? -24.136 -12.507 -13.338 1.00 77.90 ? 193 ALA A O   1 
ATOM   1378 C  CB  . ALA A 1 195 ? -22.692 -13.667 -10.958 1.00 76.86 ? 193 ALA A CB  1 
ATOM   1379 N  N   . GLY A 1 196 ? -22.793 -10.725 -12.856 1.00 79.17 ? 194 GLY A N   1 
ATOM   1380 C  CA  . GLY A 1 196 ? -23.743 -9.650  -13.261 1.00 79.93 ? 194 GLY A CA  1 
ATOM   1381 C  C   . GLY A 1 196 ? -23.865 -9.339  -14.746 1.00 80.35 ? 194 GLY A C   1 
ATOM   1382 O  O   . GLY A 1 196 ? -24.980 -9.292  -15.296 1.00 80.46 ? 194 GLY A O   1 
ATOM   1383 N  N   . LYS A 1 197 ? -22.723 -9.080  -15.380 1.00 80.53 ? 195 LYS A N   1 
ATOM   1384 C  CA  . LYS A 1 197 ? -22.618 -9.101  -16.838 1.00 80.66 ? 195 LYS A CA  1 
ATOM   1385 C  C   . LYS A 1 197 ? -21.275 -9.741  -17.214 1.00 80.74 ? 195 LYS A C   1 
ATOM   1386 O  O   . LYS A 1 197 ? -20.654 -10.441 -16.401 1.00 80.74 ? 195 LYS A O   1 
ATOM   1387 C  CB  . LYS A 1 197 ? -22.759 -7.693  -17.444 1.00 80.71 ? 195 LYS A CB  1 
ATOM   1388 C  CG  . LYS A 1 197 ? -24.190 -7.089  -17.496 1.00 80.40 ? 195 LYS A CG  1 
ATOM   1389 C  CD  . LYS A 1 197 ? -24.676 -6.885  -18.927 1.00 79.31 ? 195 LYS A CD  1 
ATOM   1390 C  CE  . LYS A 1 197 ? -25.460 -5.595  -19.052 1.00 79.03 ? 195 LYS A CE  1 
ATOM   1391 N  NZ  . LYS A 1 197 ? -26.220 -5.529  -20.345 1.00 79.47 ? 195 LYS A NZ  1 
HETATM 1392 S  S   . SO4 B 2 .   ? 0.554   -17.901 -8.511  0.50 84.31 ? 202 SO4 A S   1 
HETATM 1393 O  O1  . SO4 B 2 .   ? 0.473   -18.801 -9.658  0.50 83.75 ? 202 SO4 A O1  1 
HETATM 1394 O  O2  . SO4 B 2 .   ? 1.900   -17.991 -7.934  0.50 82.49 ? 202 SO4 A O2  1 
HETATM 1395 O  O3  . SO4 B 2 .   ? 0.291   -16.550 -8.992  0.50 83.13 ? 202 SO4 A O3  1 
HETATM 1396 O  O4  . SO4 B 2 .   ? -0.463  -18.241 -7.513  0.50 82.74 ? 202 SO4 A O4  1 
HETATM 1397 S  S   . SO4 C 2 .   ? 17.542  19.156  0.342   0.50 81.76 ? 203 SO4 A S   1 
HETATM 1398 O  O1  . SO4 C 2 .   ? 16.984  19.575  1.622   0.50 79.98 ? 203 SO4 A O1  1 
HETATM 1399 O  O2  . SO4 C 2 .   ? 18.954  18.849  0.605   0.50 81.06 ? 203 SO4 A O2  1 
HETATM 1400 O  O3  . SO4 C 2 .   ? 16.830  17.988  -0.187  0.50 80.87 ? 203 SO4 A O3  1 
HETATM 1401 O  O4  . SO4 C 2 .   ? 17.444  20.237  -0.634  0.50 80.24 ? 203 SO4 A O4  1 
HETATM 1402 S  S   . SO4 D 2 .   ? -1.796  -2.543  13.081  0.50 78.66 ? 204 SO4 A S   1 
HETATM 1403 O  O1  . SO4 D 2 .   ? -1.341  -3.332  14.230  0.50 79.02 ? 204 SO4 A O1  1 
HETATM 1404 O  O2  . SO4 D 2 .   ? -1.706  -1.111  13.400  0.50 79.10 ? 204 SO4 A O2  1 
HETATM 1405 O  O3  . SO4 D 2 .   ? -0.944  -2.795  11.915  0.50 78.36 ? 204 SO4 A O3  1 
HETATM 1406 O  O4  . SO4 D 2 .   ? -3.174  -2.946  12.810  0.50 77.13 ? 204 SO4 A O4  1 
HETATM 1407 C  C1  . EDO E 3 .   ? 11.688  23.135  3.580   0.60 66.20 ? 205 EDO A C1  1 
HETATM 1408 O  O1  . EDO E 3 .   ? 12.902  23.547  2.941   0.60 68.68 ? 205 EDO A O1  1 
HETATM 1409 C  C2  . EDO E 3 .   ? 11.738  23.447  5.070   0.60 66.20 ? 205 EDO A C2  1 
HETATM 1410 O  O2  . EDO E 3 .   ? 12.905  22.857  5.661   0.60 67.02 ? 205 EDO A O2  1 
# 
